data_1UPR
# 
_entry.id   1UPR 
# 
_audit_conform.dict_name       mmcif_pdbx.dic 
_audit_conform.dict_version    5.382 
_audit_conform.dict_location   http://mmcif.pdb.org/dictionaries/ascii/mmcif_pdbx.dic 
# 
loop_
_database_2.database_id 
_database_2.database_code 
_database_2.pdbx_database_accession 
_database_2.pdbx_DOI 
PDB   1UPR         pdb_00001upr 10.2210/pdb1upr/pdb 
PDBE  EBI-13692    ?            ?                   
WWPDB D_1290013692 ?            ?                   
# 
_pdbx_database_related.db_name        PDB 
_pdbx_database_related.db_id          1UPQ 
_pdbx_database_related.content_type   unspecified 
_pdbx_database_related.details        'CRYSTAL STRUCTURE OF THE PLECKSTRIN HOMOLOGY (PH) DOMAIN OF PEPP1' 
# 
_pdbx_database_status.status_code                     REL 
_pdbx_database_status.entry_id                        1UPR 
_pdbx_database_status.deposit_site                    PDBE 
_pdbx_database_status.process_site                    PDBE 
_pdbx_database_status.SG_entry                        . 
_pdbx_database_status.recvd_initial_deposition_date   2003-10-10 
_pdbx_database_status.pdb_format_compatible           Y 
_pdbx_database_status.status_code_sf                  REL 
_pdbx_database_status.status_code_mr                  ? 
_pdbx_database_status.status_code_cs                  ? 
_pdbx_database_status.methods_development_category    ? 
_pdbx_database_status.status_code_nmr_data            ? 
# 
loop_
_audit_author.name 
_audit_author.pdbx_ordinal 
'Milburn, C.C.'      1 
'Komander, D.'       2 
'Deak, M.'           3 
'Alessi, D.R.'       4 
'Van Aalten, D.M.F.' 5 
# 
_citation.id                        primary 
_citation.title                     'Crystal Structure of the Pleckstrin Homology Domain of Pepp1' 
_citation.journal_abbrev            'To be Published' 
_citation.journal_volume            ? 
_citation.page_first                ? 
_citation.page_last                 ? 
_citation.year                      ? 
_citation.journal_id_ASTM           ? 
_citation.country                   ? 
_citation.journal_id_ISSN           ? 
_citation.journal_id_CSD            0353 
_citation.book_publisher            ? 
_citation.pdbx_database_id_PubMed   ? 
_citation.pdbx_database_id_DOI      ? 
# 
loop_
_citation_author.citation_id 
_citation_author.name 
_citation_author.ordinal 
_citation_author.identifier_ORCID 
primary 'Milburn, C.C.'      1 ? 
primary 'Komander, D.'       2 ? 
primary 'Deak, M.'           3 ? 
primary 'Alessi, D.R.'       4 ? 
primary 'Van Aalten, D.M.F.' 5 ? 
# 
_cell.entry_id           1UPR 
_cell.length_a           92.577 
_cell.length_b           92.577 
_cell.length_c           35.571 
_cell.angle_alpha        90.00 
_cell.angle_beta         90.00 
_cell.angle_gamma        90.00 
_cell.Z_PDB              8 
_cell.pdbx_unique_axis   ? 
# 
_symmetry.entry_id                         1UPR 
_symmetry.space_group_name_H-M             'P 4 21 2' 
_symmetry.pdbx_full_space_group_name_H-M   ? 
_symmetry.cell_setting                     ? 
_symmetry.Int_Tables_number                90 
# 
loop_
_entity.id 
_entity.type 
_entity.src_method 
_entity.pdbx_description 
_entity.formula_weight 
_entity.pdbx_number_of_molecules 
_entity.pdbx_ec 
_entity.pdbx_mutation 
_entity.pdbx_fragment 
_entity.details 
1 polymer     man 'PLECKSTRIN HOMOLOGY DOMAIN-CONTAINING FAMILY A MEMBER 4' 14142.014 1  ? ? 
'PLECKSTRIN HOMOLOGY DOMAIN, RESIDUES 45-167' ? 
2 non-polymer syn 'INOSITOL-(1,3,4,5)-TETRAKISPHOSPHATE'                    500.075   1  ? ? ? ? 
3 water       nat water                                                     18.015    29 ? ? ? ? 
# 
_entity_name_com.entity_id   1 
_entity_name_com.name        'PEPP1, PH DOMAIN-CONTAINING FAMILY A MEMBER 4,' 
# 
_entity_poly.entity_id                      1 
_entity_poly.type                           'polypeptide(L)' 
_entity_poly.nstd_linkage                   no 
_entity_poly.nstd_monomer                   no 
_entity_poly.pdbx_seq_one_letter_code       
;NALRRDPNLPVHIRGWLHKQDSSGLRLWKRRWFVLSGHCLFYYKDSREESVLGSVLLPSYNIRPDGPGAPRGRRFTFTAE
HPGMRTYVLAADTLEDLRGWLRALGRASRAEGDDYGQPRSPAR
;
_entity_poly.pdbx_seq_one_letter_code_can   
;NALRRDPNLPVHIRGWLHKQDSSGLRLWKRRWFVLSGHCLFYYKDSREESVLGSVLLPSYNIRPDGPGAPRGRRFTFTAE
HPGMRTYVLAADTLEDLRGWLRALGRASRAEGDDYGQPRSPAR
;
_entity_poly.pdbx_strand_id                 A 
_entity_poly.pdbx_target_identifier         ? 
# 
loop_
_entity_poly_seq.entity_id 
_entity_poly_seq.num 
_entity_poly_seq.mon_id 
_entity_poly_seq.hetero 
1 1   ASN n 
1 2   ALA n 
1 3   LEU n 
1 4   ARG n 
1 5   ARG n 
1 6   ASP n 
1 7   PRO n 
1 8   ASN n 
1 9   LEU n 
1 10  PRO n 
1 11  VAL n 
1 12  HIS n 
1 13  ILE n 
1 14  ARG n 
1 15  GLY n 
1 16  TRP n 
1 17  LEU n 
1 18  HIS n 
1 19  LYS n 
1 20  GLN n 
1 21  ASP n 
1 22  SER n 
1 23  SER n 
1 24  GLY n 
1 25  LEU n 
1 26  ARG n 
1 27  LEU n 
1 28  TRP n 
1 29  LYS n 
1 30  ARG n 
1 31  ARG n 
1 32  TRP n 
1 33  PHE n 
1 34  VAL n 
1 35  LEU n 
1 36  SER n 
1 37  GLY n 
1 38  HIS n 
1 39  CYS n 
1 40  LEU n 
1 41  PHE n 
1 42  TYR n 
1 43  TYR n 
1 44  LYS n 
1 45  ASP n 
1 46  SER n 
1 47  ARG n 
1 48  GLU n 
1 49  GLU n 
1 50  SER n 
1 51  VAL n 
1 52  LEU n 
1 53  GLY n 
1 54  SER n 
1 55  VAL n 
1 56  LEU n 
1 57  LEU n 
1 58  PRO n 
1 59  SER n 
1 60  TYR n 
1 61  ASN n 
1 62  ILE n 
1 63  ARG n 
1 64  PRO n 
1 65  ASP n 
1 66  GLY n 
1 67  PRO n 
1 68  GLY n 
1 69  ALA n 
1 70  PRO n 
1 71  ARG n 
1 72  GLY n 
1 73  ARG n 
1 74  ARG n 
1 75  PHE n 
1 76  THR n 
1 77  PHE n 
1 78  THR n 
1 79  ALA n 
1 80  GLU n 
1 81  HIS n 
1 82  PRO n 
1 83  GLY n 
1 84  MET n 
1 85  ARG n 
1 86  THR n 
1 87  TYR n 
1 88  VAL n 
1 89  LEU n 
1 90  ALA n 
1 91  ALA n 
1 92  ASP n 
1 93  THR n 
1 94  LEU n 
1 95  GLU n 
1 96  ASP n 
1 97  LEU n 
1 98  ARG n 
1 99  GLY n 
1 100 TRP n 
1 101 LEU n 
1 102 ARG n 
1 103 ALA n 
1 104 LEU n 
1 105 GLY n 
1 106 ARG n 
1 107 ALA n 
1 108 SER n 
1 109 ARG n 
1 110 ALA n 
1 111 GLU n 
1 112 GLY n 
1 113 ASP n 
1 114 ASP n 
1 115 TYR n 
1 116 GLY n 
1 117 GLN n 
1 118 PRO n 
1 119 ARG n 
1 120 SER n 
1 121 PRO n 
1 122 ALA n 
1 123 ARG n 
# 
_entity_src_gen.entity_id                          1 
_entity_src_gen.pdbx_src_id                        1 
_entity_src_gen.pdbx_alt_source_flag               sample 
_entity_src_gen.pdbx_seq_type                      ? 
_entity_src_gen.pdbx_beg_seq_num                   ? 
_entity_src_gen.pdbx_end_seq_num                   ? 
_entity_src_gen.gene_src_common_name               HUMAN 
_entity_src_gen.gene_src_genus                     ? 
_entity_src_gen.pdbx_gene_src_gene                 ? 
_entity_src_gen.gene_src_species                   ? 
_entity_src_gen.gene_src_strain                    ? 
_entity_src_gen.gene_src_tissue                    ? 
_entity_src_gen.gene_src_tissue_fraction           ? 
_entity_src_gen.gene_src_details                   ? 
_entity_src_gen.pdbx_gene_src_fragment             ? 
_entity_src_gen.pdbx_gene_src_scientific_name      'HOMO SAPIENS' 
_entity_src_gen.pdbx_gene_src_ncbi_taxonomy_id     9606 
_entity_src_gen.pdbx_gene_src_variant              ? 
_entity_src_gen.pdbx_gene_src_cell_line            ? 
_entity_src_gen.pdbx_gene_src_atcc                 ? 
_entity_src_gen.pdbx_gene_src_organ                ? 
_entity_src_gen.pdbx_gene_src_organelle            ? 
_entity_src_gen.pdbx_gene_src_cell                 ? 
_entity_src_gen.pdbx_gene_src_cellular_location    ? 
_entity_src_gen.host_org_common_name               ? 
_entity_src_gen.pdbx_host_org_scientific_name      'ESCHERICHIA COLI' 
_entity_src_gen.pdbx_host_org_ncbi_taxonomy_id     511693 
_entity_src_gen.host_org_genus                     ? 
_entity_src_gen.pdbx_host_org_gene                 ? 
_entity_src_gen.pdbx_host_org_organ                ? 
_entity_src_gen.host_org_species                   ? 
_entity_src_gen.pdbx_host_org_tissue               ? 
_entity_src_gen.pdbx_host_org_tissue_fraction      ? 
_entity_src_gen.pdbx_host_org_strain               BL21 
_entity_src_gen.pdbx_host_org_variant              ? 
_entity_src_gen.pdbx_host_org_cell_line            ? 
_entity_src_gen.pdbx_host_org_atcc                 ? 
_entity_src_gen.pdbx_host_org_culture_collection   ? 
_entity_src_gen.pdbx_host_org_cell                 ? 
_entity_src_gen.pdbx_host_org_organelle            ? 
_entity_src_gen.pdbx_host_org_cellular_location    ? 
_entity_src_gen.pdbx_host_org_vector_type          ? 
_entity_src_gen.pdbx_host_org_vector               ? 
_entity_src_gen.host_org_details                   ? 
_entity_src_gen.expression_system_id               ? 
_entity_src_gen.plasmid_name                       PGEX4-T1 
_entity_src_gen.plasmid_details                    ? 
_entity_src_gen.pdbx_description                   ? 
# 
_struct_ref.id                         1 
_struct_ref.db_name                    UNP 
_struct_ref.db_code                    PKHA4_HUMAN 
_struct_ref.entity_id                  1 
_struct_ref.pdbx_seq_one_letter_code   ? 
_struct_ref.pdbx_align_begin           ? 
_struct_ref.pdbx_db_accession          Q9H4M7 
_struct_ref.pdbx_db_isoform            ? 
# 
_struct_ref_seq.align_id                      1 
_struct_ref_seq.ref_id                        1 
_struct_ref_seq.pdbx_PDB_id_code              1UPR 
_struct_ref_seq.pdbx_strand_id                A 
_struct_ref_seq.seq_align_beg                 1 
_struct_ref_seq.pdbx_seq_align_beg_ins_code   ? 
_struct_ref_seq.seq_align_end                 123 
_struct_ref_seq.pdbx_seq_align_end_ins_code   ? 
_struct_ref_seq.pdbx_db_accession             Q9H4M7 
_struct_ref_seq.db_align_beg                  45 
_struct_ref_seq.pdbx_db_align_beg_ins_code    ? 
_struct_ref_seq.db_align_end                  167 
_struct_ref_seq.pdbx_db_align_end_ins_code    ? 
_struct_ref_seq.pdbx_auth_seq_align_beg       1045 
_struct_ref_seq.pdbx_auth_seq_align_end       1167 
# 
loop_
_chem_comp.id 
_chem_comp.type 
_chem_comp.mon_nstd_flag 
_chem_comp.name 
_chem_comp.pdbx_synonyms 
_chem_comp.formula 
_chem_comp.formula_weight 
4IP non-polymer         . 'INOSITOL-(1,3,4,5)-TETRAKISPHOSPHATE' ? 'C6 H16 O18 P4'  500.075 
ALA 'L-peptide linking' y ALANINE                                ? 'C3 H7 N O2'     89.093  
ARG 'L-peptide linking' y ARGININE                               ? 'C6 H15 N4 O2 1' 175.209 
ASN 'L-peptide linking' y ASPARAGINE                             ? 'C4 H8 N2 O3'    132.118 
ASP 'L-peptide linking' y 'ASPARTIC ACID'                        ? 'C4 H7 N O4'     133.103 
CYS 'L-peptide linking' y CYSTEINE                               ? 'C3 H7 N O2 S'   121.158 
GLN 'L-peptide linking' y GLUTAMINE                              ? 'C5 H10 N2 O3'   146.144 
GLU 'L-peptide linking' y 'GLUTAMIC ACID'                        ? 'C5 H9 N O4'     147.129 
GLY 'peptide linking'   y GLYCINE                                ? 'C2 H5 N O2'     75.067  
HIS 'L-peptide linking' y HISTIDINE                              ? 'C6 H10 N3 O2 1' 156.162 
HOH non-polymer         . WATER                                  ? 'H2 O'           18.015  
ILE 'L-peptide linking' y ISOLEUCINE                             ? 'C6 H13 N O2'    131.173 
LEU 'L-peptide linking' y LEUCINE                                ? 'C6 H13 N O2'    131.173 
LYS 'L-peptide linking' y LYSINE                                 ? 'C6 H15 N2 O2 1' 147.195 
MET 'L-peptide linking' y METHIONINE                             ? 'C5 H11 N O2 S'  149.211 
PHE 'L-peptide linking' y PHENYLALANINE                          ? 'C9 H11 N O2'    165.189 
PRO 'L-peptide linking' y PROLINE                                ? 'C5 H9 N O2'     115.130 
SER 'L-peptide linking' y SERINE                                 ? 'C3 H7 N O3'     105.093 
THR 'L-peptide linking' y THREONINE                              ? 'C4 H9 N O3'     119.119 
TRP 'L-peptide linking' y TRYPTOPHAN                             ? 'C11 H12 N2 O2'  204.225 
TYR 'L-peptide linking' y TYROSINE                               ? 'C9 H11 N O3'    181.189 
VAL 'L-peptide linking' y VALINE                                 ? 'C5 H11 N O2'    117.146 
# 
_exptl.entry_id          1UPR 
_exptl.method            'X-RAY DIFFRACTION' 
_exptl.crystals_number   1 
# 
_exptl_crystal.id                    1 
_exptl_crystal.density_meas          ? 
_exptl_crystal.density_Matthews      2.59 
_exptl_crystal.density_percent_sol   52 
_exptl_crystal.description           ? 
# 
_exptl_crystal_grow.crystal_id      1 
_exptl_crystal_grow.method          ? 
_exptl_crystal_grow.temp            ? 
_exptl_crystal_grow.temp_details    ? 
_exptl_crystal_grow.pH              6.00 
_exptl_crystal_grow.pdbx_pH_range   ? 
_exptl_crystal_grow.pdbx_details    '16% PEG 20,000, 0.1 M MES (PH 6.0)' 
# 
_diffrn.id                     1 
_diffrn.ambient_temp           100.0 
_diffrn.ambient_temp_details   ? 
_diffrn.crystal_id             1 
# 
_diffrn_detector.diffrn_id              1 
_diffrn_detector.detector               CCD 
_diffrn_detector.type                   'ADSC CCD' 
_diffrn_detector.pdbx_collection_date   2002-02-15 
_diffrn_detector.details                ? 
# 
_diffrn_radiation.diffrn_id                        1 
_diffrn_radiation.wavelength_id                    1 
_diffrn_radiation.pdbx_monochromatic_or_laue_m_l   M 
_diffrn_radiation.monochromator                    ? 
_diffrn_radiation.pdbx_diffrn_protocol             'SINGLE WAVELENGTH' 
_diffrn_radiation.pdbx_scattering_type             x-ray 
# 
_diffrn_radiation_wavelength.id           1 
_diffrn_radiation_wavelength.wavelength   0.97668 
_diffrn_radiation_wavelength.wt           1.0 
# 
_diffrn_source.diffrn_id                   1 
_diffrn_source.source                      SYNCHROTRON 
_diffrn_source.type                        'SRS BEAMLINE PX14.2' 
_diffrn_source.pdbx_synchrotron_site       SRS 
_diffrn_source.pdbx_synchrotron_beamline   PX14.2 
_diffrn_source.pdbx_wavelength             0.97668 
_diffrn_source.pdbx_wavelength_list        ? 
# 
_reflns.pdbx_diffrn_id               1 
_reflns.pdbx_ordinal                 1 
_reflns.entry_id                     1UPR 
_reflns.observed_criterion_sigma_I   ? 
_reflns.observed_criterion_sigma_F   ? 
_reflns.d_resolution_low             30.000 
_reflns.d_resolution_high            2.270 
_reflns.number_obs                   7339 
_reflns.number_all                   ? 
_reflns.percent_possible_obs         96.7 
_reflns.pdbx_Rmerge_I_obs            0.05500 
_reflns.pdbx_Rsym_value              ? 
_reflns.pdbx_netI_over_sigmaI        30.2000 
_reflns.B_iso_Wilson_estimate        ? 
_reflns.pdbx_redundancy              5.100 
# 
_reflns_shell.pdbx_diffrn_id         1 
_reflns_shell.pdbx_ordinal           1 
_reflns_shell.d_res_high             2.27 
_reflns_shell.d_res_low              2.35 
_reflns_shell.percent_possible_all   96.2 
_reflns_shell.Rmerge_I_obs           0.32900 
_reflns_shell.pdbx_Rsym_value        ? 
_reflns_shell.meanI_over_sigI_obs    6.400 
_reflns_shell.pdbx_redundancy        5.00 
# 
_refine.pdbx_refine_id                           'X-RAY DIFFRACTION' 
_refine.entry_id                                 1UPR 
_refine.pdbx_diffrn_id                           1 
_refine.pdbx_TLS_residual_ADP_flag               ? 
_refine.ls_number_reflns_obs                     6628 
_refine.ls_number_reflns_all                     ? 
_refine.pdbx_ls_sigma_I                          ? 
_refine.pdbx_ls_sigma_F                          ? 
_refine.pdbx_data_cutoff_high_absF               ? 
_refine.pdbx_data_cutoff_low_absF                ? 
_refine.pdbx_data_cutoff_high_rms_absF           ? 
_refine.ls_d_res_low                             8.00 
_refine.ls_d_res_high                            2.27 
_refine.ls_percent_reflns_obs                    96.9 
_refine.ls_R_factor_obs                          0.240 
_refine.ls_R_factor_all                          ? 
_refine.ls_R_factor_R_work                       0.237 
_refine.ls_R_factor_R_free                       0.276 
_refine.ls_R_factor_R_free_error                 ? 
_refine.ls_R_factor_R_free_error_details         ? 
_refine.ls_percent_reflns_R_free                 7.000 
_refine.ls_number_reflns_R_free                  499 
_refine.ls_number_parameters                     ? 
_refine.ls_number_restraints                     ? 
_refine.occupancy_min                            ? 
_refine.occupancy_max                            ? 
_refine.correlation_coeff_Fo_to_Fc               0.935 
_refine.correlation_coeff_Fo_to_Fc_free          0.914 
_refine.B_iso_mean                               36.28 
_refine.aniso_B[1][1]                            -2.99000 
_refine.aniso_B[2][2]                            -2.99000 
_refine.aniso_B[3][3]                            5.98000 
_refine.aniso_B[1][2]                            0.00000 
_refine.aniso_B[1][3]                            0.00000 
_refine.aniso_B[2][3]                            0.00000 
_refine.solvent_model_details                    'BABINET MODEL WITH MASK' 
_refine.solvent_model_param_ksol                 ? 
_refine.solvent_model_param_bsol                 ? 
_refine.pdbx_solvent_vdw_probe_radii             1.40 
_refine.pdbx_solvent_ion_probe_radii             0.80 
_refine.pdbx_solvent_shrinkage_radii             0.80 
_refine.pdbx_ls_cross_valid_method               THROUGHOUT 
_refine.details                                  ? 
_refine.pdbx_starting_model                      'PDB ENTRY 1UPQ' 
_refine.pdbx_method_to_determine_struct          'MOLECULAR REPLACEMENT' 
_refine.pdbx_isotropic_thermal_model             ? 
_refine.pdbx_stereochemistry_target_values       'MAXIMUM LIKELIHOOD' 
_refine.pdbx_stereochem_target_val_spec_case     ? 
_refine.pdbx_R_Free_selection_details            RANDOM 
_refine.pdbx_overall_ESU_R                       0.310 
_refine.pdbx_overall_ESU_R_Free                  0.241 
_refine.overall_SU_ML                            0.176 
_refine.pdbx_overall_phase_error                 ? 
_refine.overall_SU_B                             7.242 
_refine.overall_SU_R_Cruickshank_DPI             ? 
_refine.pdbx_overall_SU_R_free_Cruickshank_DPI   ? 
_refine.pdbx_overall_SU_R_Blow_DPI               ? 
_refine.pdbx_overall_SU_R_free_Blow_DPI          ? 
# 
_refine_hist.pdbx_refine_id                   'X-RAY DIFFRACTION' 
_refine_hist.cycle_id                         LAST 
_refine_hist.pdbx_number_atoms_protein        880 
_refine_hist.pdbx_number_atoms_nucleic_acid   0 
_refine_hist.pdbx_number_atoms_ligand         28 
_refine_hist.number_atoms_solvent             29 
_refine_hist.number_atoms_total               937 
_refine_hist.d_res_high                       2.27 
_refine_hist.d_res_low                        8.00 
# 
loop_
_refine_ls_restr.type 
_refine_ls_restr.dev_ideal 
_refine_ls_restr.dev_ideal_target 
_refine_ls_restr.weight 
_refine_ls_restr.number 
_refine_ls_restr.pdbx_refine_id 
_refine_ls_restr.pdbx_restraint_function 
r_bond_refined_d             0.012  0.021  ? 912  'X-RAY DIFFRACTION' ? 
r_bond_other_d               ?      ?      ? ?    'X-RAY DIFFRACTION' ? 
r_angle_refined_deg          1.533  1.987  ? 1244 'X-RAY DIFFRACTION' ? 
r_angle_other_deg            ?      ?      ? ?    'X-RAY DIFFRACTION' ? 
r_dihedral_angle_1_deg       3.515  3.000  ? 106  'X-RAY DIFFRACTION' ? 
r_dihedral_angle_2_deg       ?      ?      ? ?    'X-RAY DIFFRACTION' ? 
r_dihedral_angle_3_deg       20.749 15.000 ? 155  'X-RAY DIFFRACTION' ? 
r_dihedral_angle_4_deg       ?      ?      ? ?    'X-RAY DIFFRACTION' ? 
r_chiral_restr               0.091  0.200  ? 133  'X-RAY DIFFRACTION' ? 
r_gen_planes_refined         0.006  0.020  ? 685  'X-RAY DIFFRACTION' ? 
r_gen_planes_other           ?      ?      ? ?    'X-RAY DIFFRACTION' ? 
r_nbd_refined                0.247  0.300  ? 367  'X-RAY DIFFRACTION' ? 
r_nbd_other                  ?      ?      ? ?    'X-RAY DIFFRACTION' ? 
r_nbtor_refined              ?      ?      ? ?    'X-RAY DIFFRACTION' ? 
r_nbtor_other                ?      ?      ? ?    'X-RAY DIFFRACTION' ? 
r_xyhbond_nbd_refined        0.168  0.500  ? 78   'X-RAY DIFFRACTION' ? 
r_xyhbond_nbd_other          ?      ?      ? ?    'X-RAY DIFFRACTION' ? 
r_metal_ion_refined          ?      ?      ? ?    'X-RAY DIFFRACTION' ? 
r_metal_ion_other            ?      ?      ? ?    'X-RAY DIFFRACTION' ? 
r_symmetry_vdw_refined       0.207  0.300  ? 19   'X-RAY DIFFRACTION' ? 
r_symmetry_vdw_other         ?      ?      ? ?    'X-RAY DIFFRACTION' ? 
r_symmetry_hbond_refined     0.152  0.500  ? 5    'X-RAY DIFFRACTION' ? 
r_symmetry_hbond_other       ?      ?      ? ?    'X-RAY DIFFRACTION' ? 
r_symmetry_metal_ion_refined ?      ?      ? ?    'X-RAY DIFFRACTION' ? 
r_symmetry_metal_ion_other   ?      ?      ? ?    'X-RAY DIFFRACTION' ? 
r_mcbond_it                  0.765  1.500  ? 531  'X-RAY DIFFRACTION' ? 
r_mcbond_other               ?      ?      ? ?    'X-RAY DIFFRACTION' ? 
r_mcangle_it                 1.412  2.000  ? 846  'X-RAY DIFFRACTION' ? 
r_mcangle_other              ?      ?      ? ?    'X-RAY DIFFRACTION' ? 
r_scbond_it                  1.987  3.000  ? 381  'X-RAY DIFFRACTION' ? 
r_scbond_other               ?      ?      ? ?    'X-RAY DIFFRACTION' ? 
r_scangle_it                 3.051  4.500  ? 398  'X-RAY DIFFRACTION' ? 
r_scangle_other              ?      ?      ? ?    'X-RAY DIFFRACTION' ? 
r_long_range_B_refined       ?      ?      ? ?    'X-RAY DIFFRACTION' ? 
r_long_range_B_other         ?      ?      ? ?    'X-RAY DIFFRACTION' ? 
r_rigid_bond_restr           ?      ?      ? ?    'X-RAY DIFFRACTION' ? 
r_sphericity_free            ?      ?      ? ?    'X-RAY DIFFRACTION' ? 
r_sphericity_bonded          ?      ?      ? ?    'X-RAY DIFFRACTION' ? 
# 
_refine_ls_shell.pdbx_refine_id                   'X-RAY DIFFRACTION' 
_refine_ls_shell.pdbx_total_number_of_bins_used   20 
_refine_ls_shell.d_res_high                       2.27 
_refine_ls_shell.d_res_low                        2.33 
_refine_ls_shell.number_reflns_R_work             443 
_refine_ls_shell.R_factor_R_work                  0.3260 
_refine_ls_shell.percent_reflns_obs               ? 
_refine_ls_shell.R_factor_R_free                  0.2960 
_refine_ls_shell.R_factor_R_free_error            ? 
_refine_ls_shell.percent_reflns_R_free            ? 
_refine_ls_shell.number_reflns_R_free             36 
_refine_ls_shell.number_reflns_all                ? 
_refine_ls_shell.R_factor_all                     ? 
# 
_struct.entry_id                  1UPR 
_struct.title                     
'Crystal structure of the PEPP1 pleckstrin homology domain in complex with Inositol 1,3,4,5-tetrakisphosphate' 
_struct.pdbx_model_details        ? 
_struct.pdbx_CASP_flag            ? 
_struct.pdbx_model_type_details   ? 
# 
_struct_keywords.entry_id        1UPR 
_struct_keywords.pdbx_keywords   'SIGNALING PROTEIN' 
_struct_keywords.text            'SIGNALING PROTEIN, SIGNAL TRANSDUCTION, PHOSPHOINOSITIDE BINDING DOMAIN' 
# 
loop_
_struct_asym.id 
_struct_asym.pdbx_blank_PDB_chainid_flag 
_struct_asym.pdbx_modified 
_struct_asym.entity_id 
_struct_asym.details 
A N N 1 ? 
B N N 2 ? 
C N N 3 ? 
# 
_struct_biol.id   1 
# 
loop_
_struct_conf.conf_type_id 
_struct_conf.id 
_struct_conf.pdbx_PDB_helix_id 
_struct_conf.beg_label_comp_id 
_struct_conf.beg_label_asym_id 
_struct_conf.beg_label_seq_id 
_struct_conf.pdbx_beg_PDB_ins_code 
_struct_conf.end_label_comp_id 
_struct_conf.end_label_asym_id 
_struct_conf.end_label_seq_id 
_struct_conf.pdbx_end_PDB_ins_code 
_struct_conf.beg_auth_comp_id 
_struct_conf.beg_auth_asym_id 
_struct_conf.beg_auth_seq_id 
_struct_conf.end_auth_comp_id 
_struct_conf.end_auth_asym_id 
_struct_conf.end_auth_seq_id 
_struct_conf.pdbx_PDB_helix_class 
_struct_conf.details 
_struct_conf.pdbx_PDB_helix_length 
HELX_P HELX_P1 1 PRO A 58 ? TYR A 60  ? PRO A 1102 TYR A 1104 5 ? 3  
HELX_P HELX_P2 2 THR A 93 ? ARG A 109 ? THR A 1137 ARG A 1153 1 ? 17 
# 
_struct_conf_type.id          HELX_P 
_struct_conf_type.criteria    ? 
_struct_conf_type.reference   ? 
# 
_struct_sheet.id               AA 
_struct_sheet.type             ? 
_struct_sheet.number_strands   7 
_struct_sheet.details          ? 
# 
loop_
_struct_sheet_order.sheet_id 
_struct_sheet_order.range_id_1 
_struct_sheet_order.range_id_2 
_struct_sheet_order.offset 
_struct_sheet_order.sense 
AA 1 2 ? anti-parallel 
AA 2 3 ? anti-parallel 
AA 3 4 ? anti-parallel 
AA 4 5 ? anti-parallel 
AA 5 6 ? anti-parallel 
AA 6 7 ? anti-parallel 
# 
loop_
_struct_sheet_range.sheet_id 
_struct_sheet_range.id 
_struct_sheet_range.beg_label_comp_id 
_struct_sheet_range.beg_label_asym_id 
_struct_sheet_range.beg_label_seq_id 
_struct_sheet_range.pdbx_beg_PDB_ins_code 
_struct_sheet_range.end_label_comp_id 
_struct_sheet_range.end_label_asym_id 
_struct_sheet_range.end_label_seq_id 
_struct_sheet_range.pdbx_end_PDB_ins_code 
_struct_sheet_range.beg_auth_comp_id 
_struct_sheet_range.beg_auth_asym_id 
_struct_sheet_range.beg_auth_seq_id 
_struct_sheet_range.end_auth_comp_id 
_struct_sheet_range.end_auth_asym_id 
_struct_sheet_range.end_auth_seq_id 
AA 1 GLY A 53 ? LEU A 56 ? GLY A 1097 LEU A 1100 
AA 2 CYS A 39 ? TYR A 43 ? CYS A 1083 TYR A 1087 
AA 3 TRP A 28 ? SER A 36 ? TRP A 1072 SER A 1080 
AA 4 ILE A 13 ? GLN A 20 ? ILE A 1057 GLN A 1064 
AA 5 TYR A 87 ? ALA A 90 ? TYR A 1131 ALA A 1134 
AA 6 THR A 76 ? GLU A 80 ? THR A 1120 GLU A 1124 
AA 7 ASN A 61 ? PRO A 64 ? ASN A 1105 PRO A 1108 
# 
loop_
_pdbx_struct_sheet_hbond.sheet_id 
_pdbx_struct_sheet_hbond.range_id_1 
_pdbx_struct_sheet_hbond.range_id_2 
_pdbx_struct_sheet_hbond.range_1_label_atom_id 
_pdbx_struct_sheet_hbond.range_1_label_comp_id 
_pdbx_struct_sheet_hbond.range_1_label_asym_id 
_pdbx_struct_sheet_hbond.range_1_label_seq_id 
_pdbx_struct_sheet_hbond.range_1_PDB_ins_code 
_pdbx_struct_sheet_hbond.range_1_auth_atom_id 
_pdbx_struct_sheet_hbond.range_1_auth_comp_id 
_pdbx_struct_sheet_hbond.range_1_auth_asym_id 
_pdbx_struct_sheet_hbond.range_1_auth_seq_id 
_pdbx_struct_sheet_hbond.range_2_label_atom_id 
_pdbx_struct_sheet_hbond.range_2_label_comp_id 
_pdbx_struct_sheet_hbond.range_2_label_asym_id 
_pdbx_struct_sheet_hbond.range_2_label_seq_id 
_pdbx_struct_sheet_hbond.range_2_PDB_ins_code 
_pdbx_struct_sheet_hbond.range_2_auth_atom_id 
_pdbx_struct_sheet_hbond.range_2_auth_comp_id 
_pdbx_struct_sheet_hbond.range_2_auth_asym_id 
_pdbx_struct_sheet_hbond.range_2_auth_seq_id 
AA 1 2 N VAL A 55 ? N VAL A 1099 O LEU A 40 ? O LEU A 1084 
AA 2 3 N TYR A 43 ? N TYR A 1087 O TRP A 32 ? O TRP A 1076 
AA 3 4 N LEU A 35 ? N LEU A 1079 O ILE A 13 ? O ILE A 1057 
AA 4 5 N GLN A 20 ? N GLN A 1064 O VAL A 88 ? O VAL A 1132 
AA 5 6 N LEU A 89 ? N LEU A 1133 O PHE A 77 ? O PHE A 1121 
AA 6 7 N GLU A 80 ? N GLU A 1124 O ASN A 61 ? O ASN A 1105 
# 
_struct_site.id                   AC1 
_struct_site.pdbx_evidence_code   Software 
_struct_site.pdbx_auth_asym_id    A 
_struct_site.pdbx_auth_comp_id    4IP 
_struct_site.pdbx_auth_seq_id     2154 
_struct_site.pdbx_auth_ins_code   ? 
_struct_site.pdbx_num_residues    10 
_struct_site.details              'BINDING SITE FOR RESIDUE 4IP A 2154' 
# 
loop_
_struct_site_gen.id 
_struct_site_gen.site_id 
_struct_site_gen.pdbx_num_res 
_struct_site_gen.label_comp_id 
_struct_site_gen.label_asym_id 
_struct_site_gen.label_seq_id 
_struct_site_gen.pdbx_auth_ins_code 
_struct_site_gen.auth_comp_id 
_struct_site_gen.auth_asym_id 
_struct_site_gen.auth_seq_id 
_struct_site_gen.label_atom_id 
_struct_site_gen.label_alt_id 
_struct_site_gen.symmetry 
_struct_site_gen.details 
1  AC1 10 LYS A 19  ? LYS A 1063 . ? 1_555 ? 
2  AC1 10 ASP A 21  ? ASP A 1065 . ? 1_555 ? 
3  AC1 10 SER A 22  ? SER A 1066 . ? 1_555 ? 
4  AC1 10 LYS A 29  ? LYS A 1073 . ? 1_555 ? 
5  AC1 10 ARG A 31  ? ARG A 1075 . ? 1_555 ? 
6  AC1 10 TYR A 42  ? TYR A 1086 . ? 1_555 ? 
7  AC1 10 LYS A 44  ? LYS A 1088 . ? 7_556 ? 
8  AC1 10 ARG A 85  ? ARG A 1129 . ? 1_555 ? 
9  AC1 10 ARG A 102 ? ARG A 1146 . ? 1_556 ? 
10 AC1 10 HOH C .   ? HOH A 2029 . ? 1_555 ? 
# 
_atom_sites.entry_id                    1UPR 
_atom_sites.fract_transf_matrix[1][1]   0.00755174 
_atom_sites.fract_transf_matrix[1][2]   -0.00084686 
_atom_sites.fract_transf_matrix[1][3]   0.00767707 
_atom_sites.fract_transf_matrix[2][1]   0.00102841 
_atom_sites.fract_transf_matrix[2][2]   -0.01053102 
_atom_sites.fract_transf_matrix[2][3]   -0.00217330 
_atom_sites.fract_transf_matrix[3][1]   0.01992233 
_atom_sites.fract_transf_matrix[3][2]   0.00585647 
_atom_sites.fract_transf_matrix[3][3]   -0.01895107 
_atom_sites.fract_transf_vector[1]      0.166702 
_atom_sites.fract_transf_vector[2]      0.353392 
_atom_sites.fract_transf_vector[3]      0.117415 
# 
loop_
_atom_type.symbol 
C 
N 
O 
P 
S 
# 
loop_
_atom_site.group_PDB 
_atom_site.id 
_atom_site.type_symbol 
_atom_site.label_atom_id 
_atom_site.label_alt_id 
_atom_site.label_comp_id 
_atom_site.label_asym_id 
_atom_site.label_entity_id 
_atom_site.label_seq_id 
_atom_site.pdbx_PDB_ins_code 
_atom_site.Cartn_x 
_atom_site.Cartn_y 
_atom_site.Cartn_z 
_atom_site.occupancy 
_atom_site.B_iso_or_equiv 
_atom_site.pdbx_formal_charge 
_atom_site.auth_seq_id 
_atom_site.auth_comp_id 
_atom_site.auth_asym_id 
_atom_site.auth_atom_id 
_atom_site.pdbx_PDB_model_num 
ATOM   1   N N   . LEU A 1 3   ? -3.780  10.351  -10.878 1.00   40.66 ? 1047 LEU A N   1 
ATOM   2   C CA  . LEU A 1 3   ? -4.818  10.466  -9.805  1.00   40.29 ? 1047 LEU A CA  1 
ATOM   3   C C   . LEU A 1 3   ? -4.476  11.591  -8.855  1.00   39.97 ? 1047 LEU A C   1 
ATOM   4   O O   . LEU A 1 3   ? -3.332  11.738  -8.440  1.00   40.48 ? 1047 LEU A O   1 
ATOM   5   C CB  . LEU A 1 3   ? -4.962  9.163   -9.025  1.00   39.86 ? 1047 LEU A CB  1 
ATOM   6   C CG  . LEU A 1 3   ? -5.407  7.934   -9.825  1.00   40.91 ? 1047 LEU A CG  1 
ATOM   7   C CD1 . LEU A 1 3   ? -5.483  6.705   -8.927  1.00   41.79 ? 1047 LEU A CD1 1 
ATOM   8   C CD2 . LEU A 1 3   ? -6.743  8.177   -10.505 1.00   40.58 ? 1047 LEU A CD2 1 
ATOM   9   N N   . ARG A 1 4   ? -5.478  12.375  -8.495  1.00   39.46 ? 1048 ARG A N   1 
ATOM   10  C CA  . ARG A 1 4   ? -5.259  13.494  -7.608  1.00   39.71 ? 1048 ARG A CA  1 
ATOM   11  C C   . ARG A 1 4   ? -5.997  13.275  -6.306  1.00   39.87 ? 1048 ARG A C   1 
ATOM   12  O O   . ARG A 1 4   ? -7.144  12.845  -6.297  1.00   40.21 ? 1048 ARG A O   1 
ATOM   13  C CB  . ARG A 1 4   ? -5.730  14.803  -8.260  1.00   39.24 ? 1048 ARG A CB  1 
ATOM   14  C CG  . ARG A 1 4   ? -4.988  15.168  -9.535  0.0000 20.00 ? 1048 ARG A CG  1 
ATOM   15  C CD  . ARG A 1 4   ? -5.333  16.580  -9.974  0.0000 20.00 ? 1048 ARG A CD  1 
ATOM   16  N NE  . ARG A 1 4   ? -4.638  16.961  -11.197 0.0000 20.00 ? 1048 ARG A NE  1 
ATOM   17  C CZ  . ARG A 1 4   ? -4.773  18.141  -11.792 0.0000 20.00 ? 1048 ARG A CZ  1 
ATOM   18  N NH1 . ARG A 1 4   ? -5.579  19.057  -11.270 0.0000 20.00 ? 1048 ARG A NH1 1 
ATOM   19  N NH2 . ARG A 1 4   ? -4.101  18.406  -12.903 0.0000 20.00 ? 1048 ARG A NH2 1 
ATOM   20  N N   . ARG A 1 5   ? -5.347  13.587  -5.201  1.00   40.07 ? 1049 ARG A N   1 
ATOM   21  C CA  . ARG A 1 5   ? -5.997  13.468  -3.911  1.00   40.68 ? 1049 ARG A CA  1 
ATOM   22  C C   . ARG A 1 5   ? -6.847  14.689  -3.584  1.00   41.55 ? 1049 ARG A C   1 
ATOM   23  O O   . ARG A 1 5   ? -6.456  15.819  -3.878  1.00   41.78 ? 1049 ARG A O   1 
ATOM   24  C CB  . ARG A 1 5   ? -4.953  13.293  -2.826  1.00   41.05 ? 1049 ARG A CB  1 
ATOM   25  C CG  . ARG A 1 5   ? -5.561  13.123  -1.476  1.00   40.12 ? 1049 ARG A CG  1 
ATOM   26  C CD  . ARG A 1 5   ? -4.576  12.738  -0.464  1.00   38.96 ? 1049 ARG A CD  1 
ATOM   27  N NE  . ARG A 1 5   ? -5.081  12.988  0.876   1.00   39.23 ? 1049 ARG A NE  1 
ATOM   28  C CZ  . ARG A 1 5   ? -4.290  13.167  1.907   1.00   37.59 ? 1049 ARG A CZ  1 
ATOM   29  N NH1 . ARG A 1 5   ? -2.964  13.115  1.737   1.00   35.22 ? 1049 ARG A NH1 1 
ATOM   30  N NH2 . ARG A 1 5   ? -4.820  13.381  3.092   1.00   36.19 ? 1049 ARG A NH2 1 
ATOM   31  N N   . ASP A 1 6   ? -8.020  14.471  -2.997  1.00   42.28 ? 1050 ASP A N   1 
ATOM   32  C CA  . ASP A 1 6   ? -8.868  15.585  -2.613  1.00   43.67 ? 1050 ASP A CA  1 
ATOM   33  C C   . ASP A 1 6   ? -8.589  15.927  -1.161  1.00   44.30 ? 1050 ASP A C   1 
ATOM   34  O O   . ASP A 1 6   ? -9.029  15.214  -0.261  1.00   44.10 ? 1050 ASP A O   1 
ATOM   35  C CB  . ASP A 1 6   ? -10.347 15.246  -2.797  1.00   43.98 ? 1050 ASP A CB  1 
ATOM   36  C CG  . ASP A 1 6   ? -11.261 16.358  -2.315  1.00   45.74 ? 1050 ASP A CG  1 
ATOM   37  O OD1 . ASP A 1 6   ? -10.829 17.164  -1.457  1.00   48.30 ? 1050 ASP A OD1 1 
ATOM   38  O OD2 . ASP A 1 6   ? -12.430 16.508  -2.734  1.00   48.30 ? 1050 ASP A OD2 1 
ATOM   39  N N   . PRO A 1 7   ? -7.749  16.937  -0.945  1.00   45.13 ? 1051 PRO A N   1 
ATOM   40  C CA  . PRO A 1 7   ? -7.431  17.458  0.391   1.00   44.96 ? 1051 PRO A CA  1 
ATOM   41  C C   . PRO A 1 7   ? -8.571  17.514  1.402   1.00   44.47 ? 1051 PRO A C   1 
ATOM   42  O O   . PRO A 1 7   ? -8.359  17.156  2.557   1.00   44.37 ? 1051 PRO A O   1 
ATOM   43  C CB  . PRO A 1 7   ? -6.835  18.826  0.083   1.00   45.16 ? 1051 PRO A CB  1 
ATOM   44  C CG  . PRO A 1 7   ? -6.032  18.537  -1.158  1.00   46.17 ? 1051 PRO A CG  1 
ATOM   45  C CD  . PRO A 1 7   ? -6.859  17.523  -1.962  1.00   45.42 ? 1051 PRO A CD  1 
ATOM   46  N N   . ASN A 1 8   ? -9.755  17.917  0.984   1.00   43.87 ? 1052 ASN A N   1 
ATOM   47  C CA  . ASN A 1 8   ? -10.858 17.997  1.930   1.00   43.36 ? 1052 ASN A CA  1 
ATOM   48  C C   . ASN A 1 8   ? -11.702 16.729  1.877   1.00   42.67 ? 1052 ASN A C   1 
ATOM   49  O O   . ASN A 1 8   ? -12.939 16.791  1.775   1.00   43.28 ? 1052 ASN A O   1 
ATOM   50  C CB  . ASN A 1 8   ? -11.721 19.245  1.675   1.00   43.76 ? 1052 ASN A CB  1 
ATOM   51  C CG  . ASN A 1 8   ? -10.801 20.506  1.818   0.0000 20.00 ? 1052 ASN A CG  1 
ATOM   52  O OD1 . ASN A 1 8   ? -10.016 20.586  2.767   0.0000 20.00 ? 1052 ASN A OD1 1 
ATOM   53  N ND2 . ASN A 1 8   ? -10.947 21.476  0.926   0.0000 20.00 ? 1052 ASN A ND2 1 
ATOM   54  N N   . LEU A 1 9   ? -11.018 15.586  1.900   1.00   40.77 ? 1053 LEU A N   1 
ATOM   55  C CA  . LEU A 1 9   ? -11.672 14.283  1.914   1.00   38.67 ? 1053 LEU A CA  1 
ATOM   56  C C   . LEU A 1 9   ? -11.128 13.519  3.099   1.00   37.32 ? 1053 LEU A C   1 
ATOM   57  O O   . LEU A 1 9   ? -9.960  13.607  3.397   1.00   36.36 ? 1053 LEU A O   1 
ATOM   58  C CB  . LEU A 1 9   ? -11.381 13.517  0.635   1.00   38.38 ? 1053 LEU A CB  1 
ATOM   59  C CG  . LEU A 1 9   ? -12.227 12.274  0.353   1.00   38.64 ? 1053 LEU A CG  1 
ATOM   60  C CD1 . LEU A 1 9   ? -13.673 12.642  -0.006  1.00   38.44 ? 1053 LEU A CD1 1 
ATOM   61  C CD2 . LEU A 1 9   ? -11.618 11.449  -0.771  1.00   38.65 ? 1053 LEU A CD2 1 
ATOM   62  N N   . PRO A 1 10  ? -11.985 12.788  3.793   1.00   36.36 ? 1054 PRO A N   1 
ATOM   63  C CA  . PRO A 1 10  ? -11.556 12.031  4.966   1.00   35.22 ? 1054 PRO A CA  1 
ATOM   64  C C   . PRO A 1 10  ? -10.617 10.922  4.553   1.00   33.90 ? 1054 PRO A C   1 
ATOM   65  O O   . PRO A 1 10  ? -10.677 10.407  3.445   1.00   33.73 ? 1054 PRO A O   1 
ATOM   66  C CB  . PRO A 1 10  ? -12.860 11.441  5.514   1.00   35.38 ? 1054 PRO A CB  1 
ATOM   67  C CG  . PRO A 1 10  ? -13.948 12.232  4.857   1.00   36.50 ? 1054 PRO A CG  1 
ATOM   68  C CD  . PRO A 1 10  ? -13.421 12.643  3.515   1.00   36.25 ? 1054 PRO A CD  1 
ATOM   69  N N   . VAL A 1 11  ? -9.758  10.545  5.477   1.00   32.35 ? 1055 VAL A N   1 
ATOM   70  C CA  . VAL A 1 11  ? -8.775  9.536   5.221   1.00   31.11 ? 1055 VAL A CA  1 
ATOM   71  C C   . VAL A 1 11  ? -9.109  8.311   6.043   1.00   30.46 ? 1055 VAL A C   1 
ATOM   72  O O   . VAL A 1 11  ? -9.351  8.416   7.237   1.00   30.12 ? 1055 VAL A O   1 
ATOM   73  C CB  . VAL A 1 11  ? -7.380  10.095  5.583   1.00   31.39 ? 1055 VAL A CB  1 
ATOM   74  C CG1 . VAL A 1 11  ? -6.345  8.977   5.732   1.00   31.18 ? 1055 VAL A CG1 1 
ATOM   75  C CG2 . VAL A 1 11  ? -6.962  11.151  4.548   1.00   28.89 ? 1055 VAL A CG2 1 
ATOM   76  N N   . HIS A 1 12  ? -9.125  7.150   5.389   1.00   29.94 ? 1056 HIS A N   1 
ATOM   77  C CA  . HIS A 1 12  ? -9.406  5.869   6.044   1.00   29.04 ? 1056 HIS A CA  1 
ATOM   78  C C   . HIS A 1 12  ? -8.249  5.410   6.917   1.00   28.40 ? 1056 HIS A C   1 
ATOM   79  O O   . HIS A 1 12  ? -8.458  4.947   8.026   1.00   28.70 ? 1056 HIS A O   1 
ATOM   80  C CB  . HIS A 1 12  ? -9.716  4.797   4.997   1.00   28.08 ? 1056 HIS A CB  1 
ATOM   81  C CG  . HIS A 1 12  ? -10.951 5.092   4.205   1.00   30.37 ? 1056 HIS A CG  1 
ATOM   82  N ND1 . HIS A 1 12  ? -12.183 5.281   4.802   1.00   31.31 ? 1056 HIS A ND1 1 
ATOM   83  C CD2 . HIS A 1 12  ? -11.142 5.274   2.875   1.00   27.69 ? 1056 HIS A CD2 1 
ATOM   84  C CE1 . HIS A 1 12  ? -13.084 5.543   3.869   1.00   31.46 ? 1056 HIS A CE1 1 
ATOM   85  N NE2 . HIS A 1 12  ? -12.475 5.555   2.695   1.00   30.53 ? 1056 HIS A NE2 1 
ATOM   86  N N   . ILE A 1 13  ? -7.029  5.530   6.406   1.00   27.37 ? 1057 ILE A N   1 
ATOM   87  C CA  . ILE A 1 13  ? -5.873  5.133   7.160   1.00   26.60 ? 1057 ILE A CA  1 
ATOM   88  C C   . ILE A 1 13  ? -4.657  5.684   6.441   1.00   26.54 ? 1057 ILE A C   1 
ATOM   89  O O   . ILE A 1 13  ? -4.707  5.949   5.232   1.00   25.76 ? 1057 ILE A O   1 
ATOM   90  C CB  . ILE A 1 13  ? -5.798  3.601   7.229   1.00   26.60 ? 1057 ILE A CB  1 
ATOM   91  C CG1 . ILE A 1 13  ? -4.642  3.168   8.130   1.00   27.13 ? 1057 ILE A CG1 1 
ATOM   92  C CG2 . ILE A 1 13  ? -5.586  3.031   5.834   1.00   27.03 ? 1057 ILE A CG2 1 
ATOM   93  C CD1 . ILE A 1 13  ? -4.708  1.732   8.614   1.00   26.36 ? 1057 ILE A CD1 1 
ATOM   94  N N   . ARG A 1 14  ? -3.560  5.864   7.177   1.00   26.22 ? 1058 ARG A N   1 
ATOM   95  C CA  . ARG A 1 14  ? -2.347  6.380   6.571   1.00   26.35 ? 1058 ARG A CA  1 
ATOM   96  C C   . ARG A 1 14  ? -1.206  5.949   7.471   1.00   26.62 ? 1058 ARG A C   1 
ATOM   97  O O   . ARG A 1 14  ? -1.442  5.589   8.620   1.00   25.44 ? 1058 ARG A O   1 
ATOM   98  C CB  . ARG A 1 14  ? -2.422  7.909   6.456   1.00   26.00 ? 1058 ARG A CB  1 
ATOM   99  C CG  . ARG A 1 14  ? -1.976  8.615   7.701   1.00   28.49 ? 1058 ARG A CG  1 
ATOM   100 C CD  . ARG A 1 14  ? -2.889  9.738   8.170   1.00   30.23 ? 1058 ARG A CD  1 
ATOM   101 N NE  . ARG A 1 14  ? -2.918  10.874  7.266   1.00   26.89 ? 1058 ARG A NE  1 
ATOM   102 C CZ  . ARG A 1 14  ? -3.851  11.797  7.302   1.00   27.14 ? 1058 ARG A CZ  1 
ATOM   103 N NH1 . ARG A 1 14  ? -4.822  11.743  8.210   1.00   25.74 ? 1058 ARG A NH1 1 
ATOM   104 N NH2 . ARG A 1 14  ? -3.820  12.786  6.435   1.00   28.06 ? 1058 ARG A NH2 1 
ATOM   105 N N   . GLY A 1 15  ? 0.031   5.988   6.963   1.00   26.68 ? 1059 GLY A N   1 
ATOM   106 C CA  . GLY A 1 15  ? 1.166   5.543   7.750   1.00   26.72 ? 1059 GLY A CA  1 
ATOM   107 C C   . GLY A 1 15  ? 2.282   4.966   6.909   1.00   27.65 ? 1059 GLY A C   1 
ATOM   108 O O   . GLY A 1 15  ? 2.210   4.915   5.667   1.00   27.78 ? 1059 GLY A O   1 
ATOM   109 N N   . TRP A 1 16  ? 3.336   4.532   7.582   1.00   27.48 ? 1060 TRP A N   1 
ATOM   110 C CA  . TRP A 1 16  ? 4.461   3.932   6.880   1.00   27.72 ? 1060 TRP A CA  1 
ATOM   111 C C   . TRP A 1 16  ? 4.182   2.526   6.366   1.00   26.86 ? 1060 TRP A C   1 
ATOM   112 O O   . TRP A 1 16  ? 3.554   1.738   7.063   1.00   28.10 ? 1060 TRP A O   1 
ATOM   113 C CB  . TRP A 1 16  ? 5.669   3.863   7.826   1.00   27.02 ? 1060 TRP A CB  1 
ATOM   114 C CG  . TRP A 1 16  ? 6.257   5.208   8.194   1.00   28.86 ? 1060 TRP A CG  1 
ATOM   115 C CD1 . TRP A 1 16  ? 6.235   5.813   9.423   1.00   29.89 ? 1060 TRP A CD1 1 
ATOM   116 C CD2 . TRP A 1 16  ? 6.966   6.101   7.328   1.00   29.49 ? 1060 TRP A CD2 1 
ATOM   117 N NE1 . TRP A 1 16  ? 6.867   7.034   9.365   1.00   29.82 ? 1060 TRP A NE1 1 
ATOM   118 C CE2 . TRP A 1 16  ? 7.337   7.232   8.095   1.00   30.53 ? 1060 TRP A CE2 1 
ATOM   119 C CE3 . TRP A 1 16  ? 7.311   6.072   5.972   1.00   30.25 ? 1060 TRP A CE3 1 
ATOM   120 C CZ2 . TRP A 1 16  ? 8.047   8.316   7.553   1.00   30.70 ? 1060 TRP A CZ2 1 
ATOM   121 C CZ3 . TRP A 1 16  ? 8.033   7.140   5.436   1.00   29.08 ? 1060 TRP A CZ3 1 
ATOM   122 C CH2 . TRP A 1 16  ? 8.387   8.249   6.226   1.00   28.86 ? 1060 TRP A CH2 1 
ATOM   123 N N   . LEU A 1 17  ? 4.626   2.237   5.145   1.00   26.40 ? 1061 LEU A N   1 
ATOM   124 C CA  . LEU A 1 17  ? 4.694   0.868   4.613   1.00   27.83 ? 1061 LEU A CA  1 
ATOM   125 C C   . LEU A 1 17  ? 6.004   0.749   3.828   1.00   28.59 ? 1061 LEU A C   1 
ATOM   126 O O   . LEU A 1 17  ? 6.538   1.762   3.352   1.00   28.32 ? 1061 LEU A O   1 
ATOM   127 C CB  . LEU A 1 17  ? 3.541   0.524   3.660   1.00   26.98 ? 1061 LEU A CB  1 
ATOM   128 C CG  . LEU A 1 17  ? 2.127   0.414   4.221   1.00   29.76 ? 1061 LEU A CG  1 
ATOM   129 C CD1 . LEU A 1 17  ? 1.104   0.119   3.059   1.00   28.79 ? 1061 LEU A CD1 1 
ATOM   130 C CD2 . LEU A 1 17  ? 2.038   -0.631  5.364   1.00   26.52 ? 1061 LEU A CD2 1 
ATOM   131 N N   . HIS A 1 18  ? 6.532   -0.470  3.693   1.00   29.19 ? 1062 HIS A N   1 
ATOM   132 C CA  . HIS A 1 18  ? 7.706   -0.662  2.861   1.00   30.55 ? 1062 HIS A CA  1 
ATOM   133 C C   . HIS A 1 18  ? 7.251   -1.186  1.499   1.00   31.09 ? 1062 HIS A C   1 
ATOM   134 O O   . HIS A 1 18  ? 6.380   -2.040  1.420   1.00   32.20 ? 1062 HIS A O   1 
ATOM   135 C CB  . HIS A 1 18  ? 8.710   -1.620  3.524   1.00   31.00 ? 1062 HIS A CB  1 
ATOM   136 C CG  . HIS A 1 18  ? 9.414   -1.030  4.711   1.00   31.41 ? 1062 HIS A CG  1 
ATOM   137 N ND1 . HIS A 1 18  ? 8.811   -0.892  5.946   1.00   31.56 ? 1062 HIS A ND1 1 
ATOM   138 C CD2 . HIS A 1 18  ? 10.675  -0.562  4.855   1.00   30.37 ? 1062 HIS A CD2 1 
ATOM   139 C CE1 . HIS A 1 18  ? 9.669   -0.363  6.798   1.00   30.14 ? 1062 HIS A CE1 1 
ATOM   140 N NE2 . HIS A 1 18  ? 10.805  -0.149  6.159   1.00   34.14 ? 1062 HIS A NE2 1 
ATOM   141 N N   . LYS A 1 19  ? 7.844   -0.681  0.435   1.00   31.35 ? 1063 LYS A N   1 
ATOM   142 C CA  . LYS A 1 19  ? 7.472   -1.082  -0.898  1.00   32.34 ? 1063 LYS A CA  1 
ATOM   143 C C   . LYS A 1 19  ? 8.656   -1.666  -1.597  1.00   33.41 ? 1063 LYS A C   1 
ATOM   144 O O   . LYS A 1 19  ? 9.708   -1.026  -1.625  1.00   33.55 ? 1063 LYS A O   1 
ATOM   145 C CB  . LYS A 1 19  ? 7.008   0.130   -1.702  1.00   32.11 ? 1063 LYS A CB  1 
ATOM   146 C CG  . LYS A 1 19  ? 6.598   -0.232  -3.084  1.00   31.99 ? 1063 LYS A CG  1 
ATOM   147 C CD  . LYS A 1 19  ? 5.853   0.921   -3.770  1.00   36.62 ? 1063 LYS A CD  1 
ATOM   148 C CE  . LYS A 1 19  ? 6.699   1.585   -4.831  1.00   36.26 ? 1063 LYS A CE  1 
ATOM   149 N NZ  . LYS A 1 19  ? 7.619   2.584   -4.259  1.00   39.21 ? 1063 LYS A NZ  1 
ATOM   150 N N   . GLN A 1 20  ? 8.501   -2.857  -2.186  1.00   34.73 ? 1064 GLN A N   1 
ATOM   151 C CA  . GLN A 1 20  ? 9.619   -3.473  -2.924  1.00   36.59 ? 1064 GLN A CA  1 
ATOM   152 C C   . GLN A 1 20  ? 9.757   -2.931  -4.350  1.00   37.63 ? 1064 GLN A C   1 
ATOM   153 O O   . GLN A 1 20  ? 8.768   -2.737  -5.035  1.00   37.51 ? 1064 GLN A O   1 
ATOM   154 C CB  . GLN A 1 20  ? 9.503   -5.014  -2.957  1.00   36.54 ? 1064 GLN A CB  1 
ATOM   155 C CG  . GLN A 1 20  ? 10.861  -5.704  -3.170  1.00   35.56 ? 1064 GLN A CG  1 
ATOM   156 C CD  . GLN A 1 20  ? 10.827  -7.246  -3.048  1.00   35.13 ? 1064 GLN A CD  1 
ATOM   157 O OE1 . GLN A 1 20  ? 11.812  -7.859  -2.599  1.00   34.39 ? 1064 GLN A OE1 1 
ATOM   158 N NE2 . GLN A 1 20  ? 9.723   -7.862  -3.466  1.00   33.08 ? 1064 GLN A NE2 1 
ATOM   159 N N   . ASP A 1 21  ? 10.984  -2.688  -4.800  1.00   40.04 ? 1065 ASP A N   1 
ATOM   160 C CA  . ASP A 1 21  ? 11.203  -2.187  -6.161  1.00   42.41 ? 1065 ASP A CA  1 
ATOM   161 C C   . ASP A 1 21  ? 10.750  -3.179  -7.225  1.00   43.86 ? 1065 ASP A C   1 
ATOM   162 O O   . ASP A 1 21  ? 10.972  -4.391  -7.107  1.00   43.49 ? 1065 ASP A O   1 
ATOM   163 C CB  . ASP A 1 21  ? 12.673  -1.886  -6.391  1.00   43.06 ? 1065 ASP A CB  1 
ATOM   164 C CG  . ASP A 1 21  ? 13.212  -0.917  -5.403  1.00   44.87 ? 1065 ASP A CG  1 
ATOM   165 O OD1 . ASP A 1 21  ? 12.582  0.155   -5.239  1.00   46.95 ? 1065 ASP A OD1 1 
ATOM   166 O OD2 . ASP A 1 21  ? 14.247  -1.145  -4.741  1.00   47.14 ? 1065 ASP A OD2 1 
ATOM   167 N N   . SER A 1 22  ? 10.130  -2.658  -8.277  1.00   46.06 ? 1066 SER A N   1 
ATOM   168 C CA  . SER A 1 22  ? 9.603   -3.520  -9.333  1.00   48.30 ? 1066 SER A CA  1 
ATOM   169 C C   . SER A 1 22  ? 10.619  -4.548  -9.762  1.00   48.94 ? 1066 SER A C   1 
ATOM   170 O O   . SER A 1 22  ? 10.301  -5.733  -9.859  1.00   49.71 ? 1066 SER A O   1 
ATOM   171 C CB  . SER A 1 22  ? 9.146   -2.701  -10.542 1.00   48.72 ? 1066 SER A CB  1 
ATOM   172 O OG  . SER A 1 22  ? 7.800   -2.278  -10.363 1.00   51.19 ? 1066 SER A OG  1 
ATOM   173 N N   . SER A 1 23  ? 11.843  -4.079  -10.010 1.00   49.64 ? 1067 SER A N   1 
ATOM   174 C CA  . SER A 1 23  ? 12.944  -4.922  -10.443 1.00   49.88 ? 1067 SER A CA  1 
ATOM   175 C C   . SER A 1 23  ? 14.215  -4.609  -9.641  1.00   50.25 ? 1067 SER A C   1 
ATOM   176 O O   . SER A 1 23  ? 14.241  -4.796  -8.421  1.00   50.79 ? 1067 SER A O   1 
ATOM   177 C CB  . SER A 1 23  ? 13.199  -4.687  -11.921 1.00   50.11 ? 1067 SER A CB  1 
ATOM   178 O OG  . SER A 1 23  ? 13.373  -3.306  -12.156 1.00   49.93 ? 1067 SER A OG  1 
ATOM   179 N N   . GLY A 1 24  ? 15.265  -4.154  -10.332 1.00   49.90 ? 1068 GLY A N   1 
ATOM   180 C CA  . GLY A 1 24  ? 16.540  -3.802  -9.714  1.00   49.25 ? 1068 GLY A CA  1 
ATOM   181 C C   . GLY A 1 24  ? 17.085  -4.781  -8.684  1.00   48.79 ? 1068 GLY A C   1 
ATOM   182 O O   . GLY A 1 24  ? 16.986  -5.994  -8.852  1.00   49.07 ? 1068 GLY A O   1 
ATOM   183 N N   . LEU A 1 25  ? 17.674  -4.254  -7.610  1.00   48.15 ? 1069 LEU A N   1 
ATOM   184 C CA  . LEU A 1 25  ? 18.201  -5.093  -6.536  1.00   47.23 ? 1069 LEU A CA  1 
ATOM   185 C C   . LEU A 1 25  ? 17.043  -5.559  -5.633  1.00   46.13 ? 1069 LEU A C   1 
ATOM   186 O O   . LEU A 1 25  ? 17.246  -6.244  -4.629  1.00   46.08 ? 1069 LEU A O   1 
ATOM   187 C CB  . LEU A 1 25  ? 19.240  -4.322  -5.721  1.00   47.49 ? 1069 LEU A CB  1 
ATOM   188 C CG  . LEU A 1 25  ? 20.097  -3.266  -6.438  1.00   48.21 ? 1069 LEU A CG  1 
ATOM   189 C CD1 . LEU A 1 25  ? 21.092  -2.616  -5.479  1.00   48.51 ? 1069 LEU A CD1 1 
ATOM   190 C CD2 . LEU A 1 25  ? 20.840  -3.846  -7.638  1.00   49.40 ? 1069 LEU A CD2 1 
ATOM   191 N N   . ARG A 1 26  ? 15.829  -5.193  -6.025  1.00   44.62 ? 1070 ARG A N   1 
ATOM   192 C CA  . ARG A 1 26  ? 14.612  -5.556  -5.295  1.00   43.52 ? 1070 ARG A CA  1 
ATOM   193 C C   . ARG A 1 26  ? 14.671  -5.143  -3.828  1.00   42.03 ? 1070 ARG A C   1 
ATOM   194 O O   . ARG A 1 26  ? 14.470  -5.963  -2.936  1.00   41.99 ? 1070 ARG A O   1 
ATOM   195 C CB  . ARG A 1 26  ? 14.339  -7.057  -5.434  1.00   43.47 ? 1070 ARG A CB  1 
ATOM   196 C CG  . ARG A 1 26  ? 14.129  -7.499  -6.883  1.00   43.97 ? 1070 ARG A CG  1 
ATOM   197 C CD  . ARG A 1 26  ? 13.544  -8.913  -7.025  0.0000 56.85 ? 1070 ARG A CD  1 
ATOM   198 N NE  . ARG A 1 26  ? 13.122  -9.217  -8.390  0.0000 56.93 ? 1070 ARG A NE  1 
ATOM   199 C CZ  . ARG A 1 26  ? 12.600  -10.377 -8.773  0.0000 56.89 ? 1070 ARG A CZ  1 
ATOM   200 N NH1 . ARG A 1 26  ? 12.433  -11.356 -7.895  0.0000 56.88 ? 1070 ARG A NH1 1 
ATOM   201 N NH2 . ARG A 1 26  ? 12.243  -10.558 -10.037 0.0000 56.88 ? 1070 ARG A NH2 1 
ATOM   202 N N   . LEU A 1 27  ? 14.962  -3.870  -3.584  1.00   40.37 ? 1071 LEU A N   1 
ATOM   203 C CA  . LEU A 1 27  ? 15.071  -3.377  -2.220  1.00   39.12 ? 1071 LEU A CA  1 
ATOM   204 C C   . LEU A 1 27  ? 13.719  -2.915  -1.718  1.00   37.77 ? 1071 LEU A C   1 
ATOM   205 O O   . LEU A 1 27  ? 12.783  -2.719  -2.500  1.00   37.67 ? 1071 LEU A O   1 
ATOM   206 C CB  . LEU A 1 27  ? 16.033  -2.191  -2.146  1.00   39.04 ? 1071 LEU A CB  1 
ATOM   207 C CG  . LEU A 1 27  ? 17.307  -2.194  -2.997  1.00   41.46 ? 1071 LEU A CG  1 
ATOM   208 C CD1 . LEU A 1 27  ? 18.246  -3.321  -2.599  1.00   41.81 ? 1071 LEU A CD1 1 
ATOM   209 C CD2 . LEU A 1 27  ? 16.942  -2.263  -4.479  1.00   41.73 ? 1071 LEU A CD2 1 
ATOM   210 N N   . TRP A 1 28  ? 13.639  -2.695  -0.416  1.00   36.32 ? 1072 TRP A N   1 
ATOM   211 C CA  . TRP A 1 28  ? 12.423  -2.201  0.191   1.00   35.29 ? 1072 TRP A CA  1 
ATOM   212 C C   . TRP A 1 28  ? 12.546  -0.711  0.511   1.00   35.42 ? 1072 TRP A C   1 
ATOM   213 O O   . TRP A 1 28  ? 13.428  -0.299  1.267   1.00   35.33 ? 1072 TRP A O   1 
ATOM   214 C CB  . TRP A 1 28  ? 12.109  -2.995  1.461   1.00   34.78 ? 1072 TRP A CB  1 
ATOM   215 C CG  . TRP A 1 28  ? 11.801  -4.418  1.193   1.00   32.43 ? 1072 TRP A CG  1 
ATOM   216 C CD1 . TRP A 1 28  ? 12.691  -5.450  1.133   1.00   31.32 ? 1072 TRP A CD1 1 
ATOM   217 C CD2 . TRP A 1 28  ? 10.511  -4.983  0.941   1.00   30.69 ? 1072 TRP A CD2 1 
ATOM   218 N NE1 . TRP A 1 28  ? 12.039  -6.626  0.849   1.00   32.79 ? 1072 TRP A NE1 1 
ATOM   219 C CE2 . TRP A 1 28  ? 10.695  -6.370  0.726   1.00   32.23 ? 1072 TRP A CE2 1 
ATOM   220 C CE3 . TRP A 1 28  ? 9.218   -4.465  0.881   1.00   29.22 ? 1072 TRP A CE3 1 
ATOM   221 C CZ2 . TRP A 1 28  ? 9.624   -7.246  0.477   1.00   31.34 ? 1072 TRP A CZ2 1 
ATOM   222 C CZ3 . TRP A 1 28  ? 8.159   -5.323  0.625   1.00   30.42 ? 1072 TRP A CZ3 1 
ATOM   223 C CH2 . TRP A 1 28  ? 8.366   -6.700  0.431   1.00   31.79 ? 1072 TRP A CH2 1 
ATOM   224 N N   . LYS A 1 29  ? 11.654  0.102   -0.051  1.00   35.00 ? 1073 LYS A N   1 
ATOM   225 C CA  . LYS A 1 29  ? 11.690  1.530   0.220   1.00   34.67 ? 1073 LYS A CA  1 
ATOM   226 C C   . LYS A 1 29  ? 10.541  1.895   1.150   1.00   34.84 ? 1073 LYS A C   1 
ATOM   227 O O   . LYS A 1 29  ? 9.379   1.533   0.922   1.00   35.43 ? 1073 LYS A O   1 
ATOM   228 C CB  . LYS A 1 29  ? 11.602  2.326   -1.076  1.00   34.85 ? 1073 LYS A CB  1 
ATOM   229 C CG  . LYS A 1 29  ? 12.734  2.040   -2.032  1.00   35.47 ? 1073 LYS A CG  1 
ATOM   230 C CD  . LYS A 1 29  ? 13.943  2.877   -1.696  1.00   38.96 ? 1073 LYS A CD  1 
ATOM   231 C CE  . LYS A 1 29  ? 15.240  2.165   -2.069  1.00   40.91 ? 1073 LYS A CE  1 
ATOM   232 N NZ  . LYS A 1 29  ? 15.199  1.601   -3.446  1.00   42.92 ? 1073 LYS A NZ  1 
ATOM   233 N N   . ARG A 1 30  ? 10.859  2.605   2.214   1.00   34.05 ? 1074 ARG A N   1 
ATOM   234 C CA  . ARG A 1 30  ? 9.838   2.998   3.158   1.00   33.53 ? 1074 ARG A CA  1 
ATOM   235 C C   . ARG A 1 30  ? 9.181   4.264   2.593   1.00   32.64 ? 1074 ARG A C   1 
ATOM   236 O O   . ARG A 1 30  ? 9.877   5.209   2.254   1.00   32.31 ? 1074 ARG A O   1 
ATOM   237 C CB  . ARG A 1 30  ? 10.522  3.264   4.496   1.00   34.15 ? 1074 ARG A CB  1 
ATOM   238 C CG  . ARG A 1 30  ? 9.618   3.473   5.695   1.00   36.03 ? 1074 ARG A CG  1 
ATOM   239 C CD  . ARG A 1 30  ? 10.337  4.237   6.775   1.00   38.58 ? 1074 ARG A CD  1 
ATOM   240 N NE  . ARG A 1 30  ? 9.678   4.170   8.066   1.00   41.42 ? 1074 ARG A NE  1 
ATOM   241 C CZ  . ARG A 1 30  ? 9.808   5.108   8.993   1.00   42.15 ? 1074 ARG A CZ  1 
ATOM   242 N NH1 . ARG A 1 30  ? 10.577  6.178   8.752   1.00   41.66 ? 1074 ARG A NH1 1 
ATOM   243 N NH2 . ARG A 1 30  ? 9.162   4.984   10.146  1.00   42.82 ? 1074 ARG A NH2 1 
ATOM   244 N N   . ARG A 1 31  ? 7.866   4.233   2.398   1.00   31.02 ? 1075 ARG A N   1 
ATOM   245 C CA  . ARG A 1 31  ? 7.126   5.392   1.914   1.00   30.48 ? 1075 ARG A CA  1 
ATOM   246 C C   . ARG A 1 31  ? 5.905   5.629   2.799   1.00   29.46 ? 1075 ARG A C   1 
ATOM   247 O O   . ARG A 1 31  ? 5.410   4.717   3.432   1.00   28.35 ? 1075 ARG A O   1 
ATOM   248 C CB  . ARG A 1 31  ? 6.632   5.179   0.477   1.00   30.53 ? 1075 ARG A CB  1 
ATOM   249 C CG  . ARG A 1 31  ? 7.716   4.782   -0.511  1.00   34.68 ? 1075 ARG A CG  1 
ATOM   250 C CD  . ARG A 1 31  ? 8.487   5.914   -1.165  1.00   34.53 ? 1075 ARG A CD  1 
ATOM   251 N NE  . ARG A 1 31  ? 9.873   5.747   -0.819  1.00   43.40 ? 1075 ARG A NE  1 
ATOM   252 C CZ  . ARG A 1 31  ? 10.896  5.893   -1.644  1.00   45.42 ? 1075 ARG A CZ  1 
ATOM   253 N NH1 . ARG A 1 31  ? 10.714  6.216   -2.916  1.00   44.76 ? 1075 ARG A NH1 1 
ATOM   254 N NH2 . ARG A 1 31  ? 12.118  5.716   -1.177  1.00   47.81 ? 1075 ARG A NH2 1 
ATOM   255 N N   . TRP A 1 32  ? 5.407   6.859   2.799   1.00   29.07 ? 1076 TRP A N   1 
ATOM   256 C CA  . TRP A 1 32  ? 4.217   7.204   3.551   1.00   28.61 ? 1076 TRP A CA  1 
ATOM   257 C C   . TRP A 1 32  ? 2.937   6.994   2.684   1.00   28.80 ? 1076 TRP A C   1 
ATOM   258 O O   . TRP A 1 32  ? 2.767   7.609   1.633   1.00   29.22 ? 1076 TRP A O   1 
ATOM   259 C CB  . TRP A 1 32  ? 4.357   8.654   4.069   1.00   27.93 ? 1076 TRP A CB  1 
ATOM   260 C CG  . TRP A 1 32  ? 3.244   9.044   5.027   1.00   27.60 ? 1076 TRP A CG  1 
ATOM   261 C CD1 . TRP A 1 32  ? 2.075   9.685   4.721   1.00   23.97 ? 1076 TRP A CD1 1 
ATOM   262 C CD2 . TRP A 1 32  ? 3.208   8.805   6.437   1.00   25.98 ? 1076 TRP A CD2 1 
ATOM   263 N NE1 . TRP A 1 32  ? 1.305   9.827   5.850   1.00   22.62 ? 1076 TRP A NE1 1 
ATOM   264 C CE2 . TRP A 1 32  ? 1.989   9.313   6.920   1.00   24.42 ? 1076 TRP A CE2 1 
ATOM   265 C CE3 . TRP A 1 32  ? 4.101   8.230   7.346   1.00   25.30 ? 1076 TRP A CE3 1 
ATOM   266 C CZ2 . TRP A 1 32  ? 1.635   9.255   8.272   1.00   25.25 ? 1076 TRP A CZ2 1 
ATOM   267 C CZ3 . TRP A 1 32  ? 3.742   8.156   8.671   1.00   27.27 ? 1076 TRP A CZ3 1 
ATOM   268 C CH2 . TRP A 1 32  ? 2.523   8.678   9.131   1.00   25.66 ? 1076 TRP A CH2 1 
ATOM   269 N N   . PHE A 1 33  ? 2.041   6.126   3.132   1.00   28.86 ? 1077 PHE A N   1 
ATOM   270 C CA  . PHE A 1 33  ? 0.859   5.773   2.349   1.00   28.47 ? 1077 PHE A CA  1 
ATOM   271 C C   . PHE A 1 33  ? -0.403  6.359   2.956   1.00   27.96 ? 1077 PHE A C   1 
ATOM   272 O O   . PHE A 1 33  ? -0.510  6.437   4.170   1.00   28.09 ? 1077 PHE A O   1 
ATOM   273 C CB  . PHE A 1 33  ? 0.718   4.251   2.257   1.00   28.74 ? 1077 PHE A CB  1 
ATOM   274 C CG  . PHE A 1 33  ? 1.634   3.634   1.255   1.00   28.44 ? 1077 PHE A CG  1 
ATOM   275 C CD1 . PHE A 1 33  ? 2.956   3.407   1.565   1.00   27.53 ? 1077 PHE A CD1 1 
ATOM   276 C CD2 . PHE A 1 33  ? 1.165   3.266   -0.003  1.00   27.76 ? 1077 PHE A CD2 1 
ATOM   277 C CE1 . PHE A 1 33  ? 3.817   2.826   0.619   1.00   31.08 ? 1077 PHE A CE1 1 
ATOM   278 C CE2 . PHE A 1 33  ? 2.026   2.713   -0.962  1.00   29.51 ? 1077 PHE A CE2 1 
ATOM   279 C CZ  . PHE A 1 33  ? 3.336   2.482   -0.658  1.00   28.86 ? 1077 PHE A CZ  1 
ATOM   280 N N   . VAL A 1 34  ? -1.341  6.770   2.099   1.00   27.05 ? 1078 VAL A N   1 
ATOM   281 C CA  . VAL A 1 34  ? -2.571  7.374   2.539   1.00   27.25 ? 1078 VAL A CA  1 
ATOM   282 C C   . VAL A 1 34  ? -3.690  6.769   1.708   1.00   27.84 ? 1078 VAL A C   1 
ATOM   283 O O   . VAL A 1 34  ? -3.587  6.708   0.487   1.00   26.88 ? 1078 VAL A O   1 
ATOM   284 C CB  . VAL A 1 34  ? -2.604  8.917   2.275   1.00   27.25 ? 1078 VAL A CB  1 
ATOM   285 C CG1 . VAL A 1 34  ? -3.976  9.471   2.581   1.00   26.81 ? 1078 VAL A CG1 1 
ATOM   286 C CG2 . VAL A 1 34  ? -1.561  9.640   3.084   1.00   26.31 ? 1078 VAL A CG2 1 
ATOM   287 N N   . LEU A 1 35  ? -4.760  6.329   2.374   1.00   28.39 ? 1079 LEU A N   1 
ATOM   288 C CA  . LEU A 1 35  ? -5.885  5.725   1.697   1.00   28.16 ? 1079 LEU A CA  1 
ATOM   289 C C   . LEU A 1 35  ? -7.025  6.680   1.851   1.00   28.79 ? 1079 LEU A C   1 
ATOM   290 O O   . LEU A 1 35  ? -7.584  6.826   2.937   1.00   29.42 ? 1079 LEU A O   1 
ATOM   291 C CB  . LEU A 1 35  ? -6.235  4.376   2.301   1.00   28.12 ? 1079 LEU A CB  1 
ATOM   292 C CG  . LEU A 1 35  ? -6.969  3.372   1.376   1.00   28.08 ? 1079 LEU A CG  1 
ATOM   293 C CD1 . LEU A 1 35  ? -7.336  2.112   2.145   1.00   27.31 ? 1079 LEU A CD1 1 
ATOM   294 C CD2 . LEU A 1 35  ? -8.194  3.972   0.749   1.00   26.42 ? 1079 LEU A CD2 1 
ATOM   295 N N   . SER A 1 36  ? -7.356  7.343   0.753   1.00   29.00 ? 1080 SER A N   1 
ATOM   296 C CA  . SER A 1 36  ? -8.409  8.335   0.720   1.00   29.35 ? 1080 SER A CA  1 
ATOM   297 C C   . SER A 1 36  ? -9.408  8.009   -0.387  1.00   29.36 ? 1080 SER A C   1 
ATOM   298 O O   . SER A 1 36  ? -9.048  8.000   -1.574  1.00   30.13 ? 1080 SER A O   1 
ATOM   299 C CB  . SER A 1 36  ? -7.792  9.699   0.439   1.00   29.32 ? 1080 SER A CB  1 
ATOM   300 O OG  . SER A 1 36  ? -8.811  10.650  0.183   1.00   32.63 ? 1080 SER A OG  1 
ATOM   301 N N   . GLY A 1 37  ? -10.649 7.747   -0.005  1.00   28.71 ? 1081 GLY A N   1 
ATOM   302 C CA  . GLY A 1 37  ? -11.684 7.394   -0.952  1.00   29.36 ? 1081 GLY A CA  1 
ATOM   303 C C   . GLY A 1 37  ? -11.376 5.981   -1.363  1.00   29.57 ? 1081 GLY A C   1 
ATOM   304 O O   . GLY A 1 37  ? -11.071 5.173   -0.499  1.00   30.15 ? 1081 GLY A O   1 
ATOM   305 N N   . HIS A 1 38  ? -11.410 5.674   -2.660  1.00   29.01 ? 1082 HIS A N   1 
ATOM   306 C CA  . HIS A 1 38  ? -11.042 4.319   -3.081  1.00   29.32 ? 1082 HIS A CA  1 
ATOM   307 C C   . HIS A 1 38  ? -9.659  4.351   -3.691  1.00   28.99 ? 1082 HIS A C   1 
ATOM   308 O O   . HIS A 1 38  ? -9.324  3.483   -4.477  1.00   28.86 ? 1082 HIS A O   1 
ATOM   309 C CB  . HIS A 1 38  ? -12.019 3.742   -4.089  1.00   28.75 ? 1082 HIS A CB  1 
ATOM   310 C CG  . HIS A 1 38  ? -13.393 3.561   -3.550  1.00   31.62 ? 1082 HIS A CG  1 
ATOM   311 N ND1 . HIS A 1 38  ? -14.506 3.463   -4.361  1.00   32.59 ? 1082 HIS A ND1 1 
ATOM   312 C CD2 . HIS A 1 38  ? -13.839 3.463   -2.274  1.00   32.94 ? 1082 HIS A CD2 1 
ATOM   313 C CE1 . HIS A 1 38  ? -15.577 3.307   -3.601  1.00   35.04 ? 1082 HIS A CE1 1 
ATOM   314 N NE2 . HIS A 1 38  ? -15.200 3.301   -2.332  1.00   34.10 ? 1082 HIS A NE2 1 
ATOM   315 N N   . CYS A 1 39  ? -8.869  5.362   -3.340  1.00   28.76 ? 1083 CYS A N   1 
ATOM   316 C CA  . CYS A 1 39  ? -7.523  5.459   -3.870  1.00   29.53 ? 1083 CYS A CA  1 
ATOM   317 C C   . CYS A 1 39  ? -6.429  5.381   -2.793  1.00   29.54 ? 1083 CYS A C   1 
ATOM   318 O O   . CYS A 1 39  ? -6.625  5.753   -1.621  1.00   30.55 ? 1083 CYS A O   1 
ATOM   319 C CB  . CYS A 1 39  ? -7.366  6.732   -4.688  1.00   28.78 ? 1083 CYS A CB  1 
ATOM   320 S SG  . CYS A 1 39  ? -8.462  6.786   -6.115  1.00   32.47 ? 1083 CYS A SG  1 
ATOM   321 N N   . LEU A 1 40  ? -5.274  4.899   -3.205  1.00   28.74 ? 1084 LEU A N   1 
ATOM   322 C CA  . LEU A 1 40  ? -4.136  4.783   -2.316  1.00   28.53 ? 1084 LEU A CA  1 
ATOM   323 C C   . LEU A 1 40  ? -3.117  5.752   -2.836  1.00   28.39 ? 1084 LEU A C   1 
ATOM   324 O O   . LEU A 1 40  ? -2.754  5.677   -3.994  1.00   29.43 ? 1084 LEU A O   1 
ATOM   325 C CB  . LEU A 1 40  ? -3.543  3.376   -2.415  1.00   27.61 ? 1084 LEU A CB  1 
ATOM   326 C CG  . LEU A 1 40  ? -2.442  3.015   -1.412  1.00   27.33 ? 1084 LEU A CG  1 
ATOM   327 C CD1 . LEU A 1 40  ? -2.918  3.120   0.035   1.00   24.16 ? 1084 LEU A CD1 1 
ATOM   328 C CD2 . LEU A 1 40  ? -1.980  1.618   -1.708  1.00   26.86 ? 1084 LEU A CD2 1 
ATOM   329 N N   . PHE A 1 41  ? -2.618  6.644   -1.998  1.00   28.17 ? 1085 PHE A N   1 
ATOM   330 C CA  . PHE A 1 41  ? -1.586  7.542   -2.457  1.00   28.15 ? 1085 PHE A CA  1 
ATOM   331 C C   . PHE A 1 41  ? -0.368  7.301   -1.581  1.00   29.28 ? 1085 PHE A C   1 
ATOM   332 O O   . PHE A 1 41  ? -0.504  6.897   -0.415  1.00   29.44 ? 1085 PHE A O   1 
ATOM   333 C CB  . PHE A 1 41  ? -2.040  9.000   -2.319  1.00   27.21 ? 1085 PHE A CB  1 
ATOM   334 C CG  . PHE A 1 41  ? -3.307  9.311   -3.040  1.00   24.86 ? 1085 PHE A CG  1 
ATOM   335 C CD1 . PHE A 1 41  ? -3.267  9.852   -4.301  1.00   21.20 ? 1085 PHE A CD1 1 
ATOM   336 C CD2 . PHE A 1 41  ? -4.549  9.081   -2.442  1.00   23.39 ? 1085 PHE A CD2 1 
ATOM   337 C CE1 . PHE A 1 41  ? -4.403  10.133  -4.998  1.00   21.50 ? 1085 PHE A CE1 1 
ATOM   338 C CE2 . PHE A 1 41  ? -5.733  9.398   -3.139  1.00   24.81 ? 1085 PHE A CE2 1 
ATOM   339 C CZ  . PHE A 1 41  ? -5.659  9.904   -4.415  1.00   23.25 ? 1085 PHE A CZ  1 
ATOM   340 N N   . TYR A 1 42  ? 0.820   7.553   -2.121  1.00   29.23 ? 1086 TYR A N   1 
ATOM   341 C CA  . TYR A 1 42  ? 2.009   7.464   -1.290  1.00   30.14 ? 1086 TYR A CA  1 
ATOM   342 C C   . TYR A 1 42  ? 2.936   8.652   -1.524  1.00   30.66 ? 1086 TYR A C   1 
ATOM   343 O O   . TYR A 1 42  ? 2.901   9.281   -2.591  1.00   30.79 ? 1086 TYR A O   1 
ATOM   344 C CB  . TYR A 1 42  ? 2.721   6.097   -1.395  1.00   30.08 ? 1086 TYR A CB  1 
ATOM   345 C CG  . TYR A 1 42  ? 3.327   5.715   -2.736  1.00   31.43 ? 1086 TYR A CG  1 
ATOM   346 C CD1 . TYR A 1 42  ? 4.625   6.036   -3.036  1.00   32.04 ? 1086 TYR A CD1 1 
ATOM   347 C CD2 . TYR A 1 42  ? 2.603   4.978   -3.673  1.00   32.83 ? 1086 TYR A CD2 1 
ATOM   348 C CE1 . TYR A 1 42  ? 5.195   5.683   -4.243  1.00   33.97 ? 1086 TYR A CE1 1 
ATOM   349 C CE2 . TYR A 1 42  ? 3.169   4.596   -4.881  1.00   32.77 ? 1086 TYR A CE2 1 
ATOM   350 C CZ  . TYR A 1 42  ? 4.460   4.962   -5.159  1.00   34.96 ? 1086 TYR A CZ  1 
ATOM   351 O OH  . TYR A 1 42  ? 5.062   4.598   -6.338  1.00   38.21 ? 1086 TYR A OH  1 
ATOM   352 N N   . TYR A 1 43  ? 3.734   8.952   -0.502  1.00   30.05 ? 1087 TYR A N   1 
ATOM   353 C CA  . TYR A 1 43  ? 4.646   10.074  -0.483  1.00   29.85 ? 1087 TYR A CA  1 
ATOM   354 C C   . TYR A 1 43  ? 5.984   9.683   0.133   1.00   30.13 ? 1087 TYR A C   1 
ATOM   355 O O   . TYR A 1 43  ? 6.197   8.556   0.619   1.00   29.57 ? 1087 TYR A O   1 
ATOM   356 C CB  . TYR A 1 43  ? 4.092   11.171  0.423   1.00   29.65 ? 1087 TYR A CB  1 
ATOM   357 C CG  . TYR A 1 43  ? 2.666   11.600  0.124   1.00   30.79 ? 1087 TYR A CG  1 
ATOM   358 C CD1 . TYR A 1 43  ? 1.592   10.805  0.493   1.00   28.02 ? 1087 TYR A CD1 1 
ATOM   359 C CD2 . TYR A 1 43  ? 2.399   12.805  -0.533  1.00   28.93 ? 1087 TYR A CD2 1 
ATOM   360 C CE1 . TYR A 1 43  ? 0.313   11.196  0.248   1.00   27.90 ? 1087 TYR A CE1 1 
ATOM   361 C CE2 . TYR A 1 43  ? 1.112   13.204  -0.785  1.00   26.35 ? 1087 TYR A CE2 1 
ATOM   362 C CZ  . TYR A 1 43  ? 0.066   12.391  -0.396  1.00   28.20 ? 1087 TYR A CZ  1 
ATOM   363 O OH  . TYR A 1 43  ? -1.243  12.760  -0.622  1.00   26.74 ? 1087 TYR A OH  1 
ATOM   364 N N   . LYS A 1 44  ? 6.865   10.666  0.146   1.00   30.42 ? 1088 LYS A N   1 
ATOM   365 C CA  . LYS A 1 44  ? 8.174   10.515  0.729   1.00   31.20 ? 1088 LYS A CA  1 
ATOM   366 C C   . LYS A 1 44  ? 8.083   10.424  2.225   1.00   30.03 ? 1088 LYS A C   1 
ATOM   367 O O   . LYS A 1 44  ? 8.783   9.638   2.826   1.00   30.71 ? 1088 LYS A O   1 
ATOM   368 C CB  . LYS A 1 44  ? 9.078   11.711  0.398   1.00   31.07 ? 1088 LYS A CB  1 
ATOM   369 C CG  . LYS A 1 44  ? 10.525  11.480  0.820   1.00   34.07 ? 1088 LYS A CG  1 
ATOM   370 C CD  . LYS A 1 44  ? 11.395  12.757  0.674   1.00   38.92 ? 1088 LYS A CD  1 
ATOM   371 C CE  . LYS A 1 44  ? 12.882  12.451  0.931   1.00   40.30 ? 1088 LYS A CE  1 
ATOM   372 N NZ  . LYS A 1 44  ? 13.676  13.727  0.931   1.00   43.65 ? 1088 LYS A NZ  1 
ATOM   373 N N   . ASP A 1 45  ? 7.251   11.255  2.831   1.00   29.11 ? 1089 ASP A N   1 
ATOM   374 C CA  . ASP A 1 45  ? 7.180   11.261  4.277   1.00   27.91 ? 1089 ASP A CA  1 
ATOM   375 C C   . ASP A 1 45  ? 5.807   11.697  4.752   1.00   27.28 ? 1089 ASP A C   1 
ATOM   376 O O   . ASP A 1 45  ? 4.928   11.963  3.949   1.00   27.11 ? 1089 ASP A O   1 
ATOM   377 C CB  . ASP A 1 45  ? 8.280   12.154  4.842   1.00   27.75 ? 1089 ASP A CB  1 
ATOM   378 C CG  . ASP A 1 45  ? 8.130   13.589  4.410   1.00   29.20 ? 1089 ASP A CG  1 
ATOM   379 O OD1 . ASP A 1 45  ? 6.987   14.119  4.434   1.00   31.00 ? 1089 ASP A OD1 1 
ATOM   380 O OD2 . ASP A 1 45  ? 9.106   14.271  4.023   1.00   32.11 ? 1089 ASP A OD2 1 
ATOM   381 N N   . SER A 1 46  ? 5.634   11.783  6.061   1.00   26.53 ? 1090 SER A N   1 
ATOM   382 C CA  . SER A 1 46  ? 4.332   12.052  6.647   1.00   26.63 ? 1090 SER A CA  1 
ATOM   383 C C   . SER A 1 46  ? 3.807   13.474  6.388   1.00   27.43 ? 1090 SER A C   1 
ATOM   384 O O   . SER A 1 46  ? 2.710   13.809  6.842   1.00   26.36 ? 1090 SER A O   1 
ATOM   385 C CB  . SER A 1 46  ? 4.372   11.791  8.147   1.00   25.84 ? 1090 SER A CB  1 
ATOM   386 O OG  . SER A 1 46  ? 5.150   12.775  8.820   1.00   26.77 ? 1090 SER A OG  1 
ATOM   387 N N   . ARG A 1 47  ? 4.586   14.321  5.707   1.00   27.11 ? 1091 ARG A N   1 
ATOM   388 C CA  . ARG A 1 47  ? 4.047   15.652  5.397   1.00   28.45 ? 1091 ARG A CA  1 
ATOM   389 C C   . ARG A 1 47  ? 2.974   15.527  4.322   1.00   28.76 ? 1091 ARG A C   1 
ATOM   390 O O   . ARG A 1 47  ? 2.157   16.434  4.141   1.00   28.65 ? 1091 ARG A O   1 
ATOM   391 C CB  . ARG A 1 47  ? 5.126   16.644  4.924   1.00   28.57 ? 1091 ARG A CB  1 
ATOM   392 C CG  . ARG A 1 47  ? 6.074   17.146  6.007   1.00   29.57 ? 1091 ARG A CG  1 
ATOM   393 C CD  . ARG A 1 47  ? 7.268   17.888  5.482   1.00   31.37 ? 1091 ARG A CD  1 
ATOM   394 N NE  . ARG A 1 47  ? 8.169   16.978  4.786   1.00   37.03 ? 1091 ARG A NE  1 
ATOM   395 C CZ  . ARG A 1 47  ? 9.137   17.358  3.951   1.00   38.04 ? 1091 ARG A CZ  1 
ATOM   396 N NH1 . ARG A 1 47  ? 9.338   18.646  3.695   1.00   40.08 ? 1091 ARG A NH1 1 
ATOM   397 N NH2 . ARG A 1 47  ? 9.909   16.443  3.375   1.00   37.39 ? 1091 ARG A NH2 1 
ATOM   398 N N   . GLU A 1 48  ? 2.973   14.401  3.610   1.00   29.44 ? 1092 GLU A N   1 
ATOM   399 C CA  . GLU A 1 48  ? 1.996   14.193  2.544   1.00   30.98 ? 1092 GLU A CA  1 
ATOM   400 C C   . GLU A 1 48  ? 2.073   15.377  1.593   1.00   32.42 ? 1092 GLU A C   1 
ATOM   401 O O   . GLU A 1 48  ? 1.062   15.961  1.221   1.00   32.01 ? 1092 GLU A O   1 
ATOM   402 C CB  . GLU A 1 48  ? 0.569   14.047  3.111   1.00   30.00 ? 1092 GLU A CB  1 
ATOM   403 C CG  . GLU A 1 48  ? 0.389   12.758  3.883   1.00   28.42 ? 1092 GLU A CG  1 
ATOM   404 C CD  . GLU A 1 48  ? -0.895  12.688  4.709   1.00   26.38 ? 1092 GLU A CD  1 
ATOM   405 O OE1 . GLU A 1 48  ? -1.870  13.410  4.434   1.00   23.78 ? 1092 GLU A OE1 1 
ATOM   406 O OE2 . GLU A 1 48  ? -0.929  11.865  5.623   1.00   25.14 ? 1092 GLU A OE2 1 
ATOM   407 N N   . GLU A 1 49  ? 3.286   15.730  1.198   1.00   35.05 ? 1093 GLU A N   1 
ATOM   408 C CA  . GLU A 1 49  ? 3.452   16.898  0.342   1.00   37.94 ? 1093 GLU A CA  1 
ATOM   409 C C   . GLU A 1 49  ? 3.311   16.546  -1.130  1.00   38.73 ? 1093 GLU A C   1 
ATOM   410 O O   . GLU A 1 49  ? 2.239   16.761  -1.716  1.00   40.46 ? 1093 GLU A O   1 
ATOM   411 C CB  . GLU A 1 49  ? 4.743   17.667  0.665   1.00   38.12 ? 1093 GLU A CB  1 
ATOM   412 C CG  . GLU A 1 49  ? 4.490   19.149  0.956   1.00   41.97 ? 1093 GLU A CG  1 
ATOM   413 C CD  . GLU A 1 49  ? 5.233   19.675  2.190   1.00   45.14 ? 1093 GLU A CD  1 
ATOM   414 O OE1 . GLU A 1 49  ? 6.484   19.763  2.131   1.00   46.50 ? 1093 GLU A OE1 1 
ATOM   415 O OE2 . GLU A 1 49  ? 4.564   20.016  3.212   1.00   45.09 ? 1093 GLU A OE2 1 
ATOM   416 N N   . SER A 1 50  ? 4.342   15.978  -1.743  1.00   38.68 ? 1094 SER A N   1 
ATOM   417 C CA  . SER A 1 50  ? 4.221   15.662  -3.170  1.00   38.50 ? 1094 SER A CA  1 
ATOM   418 C C   . SER A 1 50  ? 3.923   14.188  -3.425  1.00   37.85 ? 1094 SER A C   1 
ATOM   419 O O   . SER A 1 50  ? 4.638   13.315  -2.948  1.00   38.05 ? 1094 SER A O   1 
ATOM   420 C CB  . SER A 1 50  ? 5.467   16.121  -3.938  1.00   38.96 ? 1094 SER A CB  1 
ATOM   421 O OG  . SER A 1 50  ? 6.580   16.354  -3.071  1.00   40.98 ? 1094 SER A OG  1 
ATOM   422 N N   . VAL A 1 51  ? 2.865   13.907  -4.169  1.00   36.94 ? 1095 VAL A N   1 
ATOM   423 C CA  . VAL A 1 51  ? 2.508   12.525  -4.464  1.00   36.56 ? 1095 VAL A CA  1 
ATOM   424 C C   . VAL A 1 51  ? 3.594   11.844  -5.301  1.00   36.40 ? 1095 VAL A C   1 
ATOM   425 O O   . VAL A 1 51  ? 4.062   12.405  -6.298  1.00   36.43 ? 1095 VAL A O   1 
ATOM   426 C CB  . VAL A 1 51  ? 1.190   12.433  -5.248  1.00   36.81 ? 1095 VAL A CB  1 
ATOM   427 C CG1 . VAL A 1 51  ? 0.980   11.011  -5.747  1.00   36.86 ? 1095 VAL A CG1 1 
ATOM   428 C CG2 . VAL A 1 51  ? 0.000   12.898  -4.399  1.00   36.77 ? 1095 VAL A CG2 1 
ATOM   429 N N   . LEU A 1 52  ? 4.009   10.651  -4.894  1.00   35.25 ? 1096 LEU A N   1 
ATOM   430 C CA  . LEU A 1 52  ? 4.997   9.932   -5.679  1.00   35.02 ? 1096 LEU A CA  1 
ATOM   431 C C   . LEU A 1 52  ? 4.270   8.928   -6.573  1.00   35.29 ? 1096 LEU A C   1 
ATOM   432 O O   . LEU A 1 52  ? 4.725   8.608   -7.683  1.00   35.30 ? 1096 LEU A O   1 
ATOM   433 C CB  . LEU A 1 52  ? 6.021   9.219   -4.794  1.00   34.44 ? 1096 LEU A CB  1 
ATOM   434 C CG  . LEU A 1 52  ? 6.803   10.085  -3.789  1.00   33.85 ? 1096 LEU A CG  1 
ATOM   435 C CD1 . LEU A 1 52  ? 7.738   9.240   -2.917  1.00   32.03 ? 1096 LEU A CD1 1 
ATOM   436 C CD2 . LEU A 1 52  ? 7.581   11.191  -4.496  1.00   33.46 ? 1096 LEU A CD2 1 
ATOM   437 N N   . GLY A 1 53  ? 3.133   8.438   -6.096  1.00   35.02 ? 1097 GLY A N   1 
ATOM   438 C CA  . GLY A 1 53  ? 2.385   7.476   -6.868  1.00   35.38 ? 1097 GLY A CA  1 
ATOM   439 C C   . GLY A 1 53  ? 0.992   7.315   -6.332  1.00   35.67 ? 1097 GLY A C   1 
ATOM   440 O O   . GLY A 1 53  ? 0.677   7.776   -5.235  1.00   35.60 ? 1097 GLY A O   1 
ATOM   441 N N   . SER A 1 54  ? 0.151   6.652   -7.109  1.00   35.76 ? 1098 SER A N   1 
ATOM   442 C CA  . SER A 1 54  ? -1.227  6.473   -6.725  1.00   35.73 ? 1098 SER A CA  1 
ATOM   443 C C   . SER A 1 54  ? -1.792  5.242   -7.377  1.00   34.94 ? 1098 SER A C   1 
ATOM   444 O O   . SER A 1 54  ? -1.315  4.839   -8.427  1.00   34.12 ? 1098 SER A O   1 
ATOM   445 C CB  . SER A 1 54  ? -2.024  7.680   -7.208  1.00   36.28 ? 1098 SER A CB  1 
ATOM   446 O OG  . SER A 1 54  ? -1.577  8.046   -8.489  1.00   37.84 ? 1098 SER A OG  1 
ATOM   447 N N   . VAL A 1 55  ? -2.829  4.680   -6.748  1.00   34.37 ? 1099 VAL A N   1 
ATOM   448 C CA  . VAL A 1 55  ? -3.491  3.473   -7.217  1.00   33.66 ? 1099 VAL A CA  1 
ATOM   449 C C   . VAL A 1 55  ? -5.018  3.525   -7.047  1.00   33.69 ? 1099 VAL A C   1 
ATOM   450 O O   . VAL A 1 55  ? -5.515  3.816   -5.972  1.00   33.07 ? 1099 VAL A O   1 
ATOM   451 C CB  . VAL A 1 55  ? -3.016  2.252   -6.415  1.00   33.60 ? 1099 VAL A CB  1 
ATOM   452 C CG1 . VAL A 1 55  ? -3.327  0.976   -7.163  1.00   33.35 ? 1099 VAL A CG1 1 
ATOM   453 C CG2 . VAL A 1 55  ? -1.538  2.346   -6.114  1.00   32.65 ? 1099 VAL A CG2 1 
ATOM   454 N N   . LEU A 1 56  ? -5.749  3.199   -8.111  1.00   33.44 ? 1100 LEU A N   1 
ATOM   455 C CA  . LEU A 1 56  ? -7.187  3.115   -8.066  1.00   33.12 ? 1100 LEU A CA  1 
ATOM   456 C C   . LEU A 1 56  ? -7.510  1.699   -7.625  1.00   32.84 ? 1100 LEU A C   1 
ATOM   457 O O   . LEU A 1 56  ? -7.490  0.763   -8.426  1.00   34.14 ? 1100 LEU A O   1 
ATOM   458 C CB  . LEU A 1 56  ? -7.764  3.377   -9.461  1.00   32.77 ? 1100 LEU A CB  1 
ATOM   459 C CG  . LEU A 1 56  ? -9.283  3.414   -9.609  1.00   33.13 ? 1100 LEU A CG  1 
ATOM   460 C CD1 . LEU A 1 56  ? -9.871  4.567   -8.773  1.00   32.56 ? 1100 LEU A CD1 1 
ATOM   461 C CD2 . LEU A 1 56  ? -9.719  3.546   -11.085 1.00   32.65 ? 1100 LEU A CD2 1 
ATOM   462 N N   . LEU A 1 57  ? -7.870  1.553   -6.361  1.00   32.38 ? 1101 LEU A N   1 
ATOM   463 C CA  . LEU A 1 57  ? -8.074  0.245   -5.743  1.00   32.06 ? 1101 LEU A CA  1 
ATOM   464 C C   . LEU A 1 57  ? -9.184  -0.683  -6.221  1.00   31.81 ? 1101 LEU A C   1 
ATOM   465 O O   . LEU A 1 57  ? -9.008  -1.889  -6.196  1.00   31.82 ? 1101 LEU A O   1 
ATOM   466 C CB  . LEU A 1 57  ? -8.171  0.392   -4.231  1.00   31.81 ? 1101 LEU A CB  1 
ATOM   467 C CG  . LEU A 1 57  ? -6.838  0.442   -3.464  1.00   33.56 ? 1101 LEU A CG  1 
ATOM   468 C CD1 . LEU A 1 57  ? -5.626  0.481   -4.395  1.00   34.15 ? 1101 LEU A CD1 1 
ATOM   469 C CD2 . LEU A 1 57  ? -6.841  1.603   -2.462  1.00   30.38 ? 1101 LEU A CD2 1 
ATOM   470 N N   . PRO A 1 58  ? -10.332 -0.159  -6.620  1.00   32.16 ? 1102 PRO A N   1 
ATOM   471 C CA  . PRO A 1 58  ? -11.453 -1.029  -6.992  1.00   32.49 ? 1102 PRO A CA  1 
ATOM   472 C C   . PRO A 1 58  ? -11.115 -2.133  -7.973  1.00   33.53 ? 1102 PRO A C   1 
ATOM   473 O O   . PRO A 1 58  ? -11.727 -3.187  -7.898  1.00   34.64 ? 1102 PRO A O   1 
ATOM   474 C CB  . PRO A 1 58  ? -12.459 -0.059  -7.594  1.00   31.87 ? 1102 PRO A CB  1 
ATOM   475 C CG  . PRO A 1 58  ? -12.190 1.187   -6.860  1.00   31.48 ? 1102 PRO A CG  1 
ATOM   476 C CD  . PRO A 1 58  ? -10.687 1.265   -6.730  1.00   31.78 ? 1102 PRO A CD  1 
ATOM   477 N N   . SER A 1 59  ? -10.185 -1.926  -8.888  1.00   33.96 ? 1103 SER A N   1 
ATOM   478 C CA  . SER A 1 59  ? -9.850  -3.025  -9.795  1.00   34.85 ? 1103 SER A CA  1 
ATOM   479 C C   . SER A 1 59  ? -8.980  -4.110  -9.158  1.00   34.25 ? 1103 SER A C   1 
ATOM   480 O O   . SER A 1 59  ? -9.072  -5.296  -9.511  1.00   34.90 ? 1103 SER A O   1 
ATOM   481 C CB  . SER A 1 59  ? -9.159  -2.479  -11.045 1.00   35.51 ? 1103 SER A CB  1 
ATOM   482 O OG  . SER A 1 59  ? -8.556  -1.218  -10.777 1.00   37.90 ? 1103 SER A OG  1 
ATOM   483 N N   . TYR A 1 60  ? -8.165  -3.704  -8.197  1.00   33.13 ? 1104 TYR A N   1 
ATOM   484 C CA  . TYR A 1 60  ? -7.158  -4.567  -7.582  1.00   32.02 ? 1104 TYR A CA  1 
ATOM   485 C C   . TYR A 1 60  ? -7.637  -5.667  -6.664  1.00   32.17 ? 1104 TYR A C   1 
ATOM   486 O O   . TYR A 1 60  ? -8.734  -5.636  -6.120  1.00   32.75 ? 1104 TYR A O   1 
ATOM   487 C CB  . TYR A 1 60  ? -6.132  -3.711  -6.819  1.00   32.00 ? 1104 TYR A CB  1 
ATOM   488 C CG  . TYR A 1 60  ? -5.005  -3.171  -7.695  1.00   29.69 ? 1104 TYR A CG  1 
ATOM   489 C CD1 . TYR A 1 60  ? -5.187  -2.053  -8.491  1.00   29.78 ? 1104 TYR A CD1 1 
ATOM   490 C CD2 . TYR A 1 60  ? -3.788  -3.789  -7.721  1.00   27.39 ? 1104 TYR A CD2 1 
ATOM   491 C CE1 . TYR A 1 60  ? -4.177  -1.564  -9.287  1.00   27.54 ? 1104 TYR A CE1 1 
ATOM   492 C CE2 . TYR A 1 60  ? -2.786  -3.323  -8.503  1.00   28.43 ? 1104 TYR A CE2 1 
ATOM   493 C CZ  . TYR A 1 60  ? -2.981  -2.205  -9.284  1.00   29.29 ? 1104 TYR A CZ  1 
ATOM   494 O OH  . TYR A 1 60  ? -1.950  -1.746  -10.072 1.00   31.70 ? 1104 TYR A OH  1 
ATOM   495 N N   . ASN A 1 61  ? -6.773  -6.659  -6.523  1.00   31.69 ? 1105 ASN A N   1 
ATOM   496 C CA  . ASN A 1 61  ? -6.939  -7.726  -5.583  1.00   31.67 ? 1105 ASN A CA  1 
ATOM   497 C C   . ASN A 1 61  ? -5.811  -7.601  -4.566  1.00   31.66 ? 1105 ASN A C   1 
ATOM   498 O O   . ASN A 1 61  ? -4.619  -7.623  -4.937  1.00   30.66 ? 1105 ASN A O   1 
ATOM   499 C CB  . ASN A 1 61  ? -6.852  -9.082  -6.274  1.00   31.75 ? 1105 ASN A CB  1 
ATOM   500 C CG  . ASN A 1 61  ? -8.191  -9.798  -6.292  1.00   34.31 ? 1105 ASN A CG  1 
ATOM   501 O OD1 . ASN A 1 61  ? -9.207  -9.325  -6.629  0.0000 43.21 ? 1105 ASN A OD1 1 
ATOM   502 N ND2 . ASN A 1 61  ? -8.072  -11.069 -5.771  0.0000 43.21 ? 1105 ASN A ND2 1 
ATOM   503 N N   . ILE A 1 62  ? -6.183  -7.449  -3.296  1.00   30.99 ? 1106 ILE A N   1 
ATOM   504 C CA  . ILE A 1 62  ? -5.185  -7.261  -2.268  1.00   30.99 ? 1106 ILE A CA  1 
ATOM   505 C C   . ILE A 1 62  ? -5.182  -8.384  -1.249  1.00   30.40 ? 1106 ILE A C   1 
ATOM   506 O O   . ILE A 1 62  ? -6.193  -8.626  -0.597  1.00   31.08 ? 1106 ILE A O   1 
ATOM   507 C CB  . ILE A 1 62  ? -5.378  -5.887  -1.571  1.00   31.47 ? 1106 ILE A CB  1 
ATOM   508 C CG1 . ILE A 1 62  ? -5.602  -4.774  -2.601  1.00   31.39 ? 1106 ILE A CG1 1 
ATOM   509 C CG2 . ILE A 1 62  ? -4.186  -5.578  -0.688  1.00   29.44 ? 1106 ILE A CG2 1 
ATOM   510 C CD1 . ILE A 1 62  ? -5.103  -3.414  -2.103  1.00   33.75 ? 1106 ILE A CD1 1 
ATOM   511 N N   . ARG A 1 63  ? -4.041  -9.045  -1.089  1.00   30.05 ? 1107 ARG A N   1 
ATOM   512 C CA  . ARG A 1 63  ? -3.966  -10.203 -0.189  1.00   29.90 ? 1107 ARG A CA  1 
ATOM   513 C C   . ARG A 1 63  ? -2.686  -10.328 0.586   1.00   29.02 ? 1107 ARG A C   1 
ATOM   514 O O   . ARG A 1 63  ? -1.612  -9.971  0.125   1.00   28.82 ? 1107 ARG A O   1 
ATOM   515 C CB  . ARG A 1 63  ? -4.156  -11.509 -0.954  1.00   30.37 ? 1107 ARG A CB  1 
ATOM   516 C CG  . ARG A 1 63  ? -4.815  -11.322 -2.304  1.00   34.59 ? 1107 ARG A CG  1 
ATOM   517 C CD  . ARG A 1 63  ? -5.807  -12.376 -2.665  1.00   42.10 ? 1107 ARG A CD  1 
ATOM   518 N NE  . ARG A 1 63  ? -7.061  -12.199 -1.940  1.00   47.93 ? 1107 ARG A NE  1 
ATOM   519 C CZ  . ARG A 1 63  ? -8.082  -13.041 -2.019  1.00   49.95 ? 1107 ARG A CZ  1 
ATOM   520 N NH1 . ARG A 1 63  ? -9.185  -12.795 -1.330  1.00   51.48 ? 1107 ARG A NH1 1 
ATOM   521 N NH2 . ARG A 1 63  ? -7.993  -14.128 -2.788  1.00   50.49 ? 1107 ARG A NH2 1 
ATOM   522 N N   . PRO A 1 64  ? -2.841  -10.884 1.771   1.00   28.65 ? 1108 PRO A N   1 
ATOM   523 C CA  . PRO A 1 64  ? -1.737  -11.196 2.691   1.00   28.70 ? 1108 PRO A CA  1 
ATOM   524 C C   . PRO A 1 64  ? -0.833  -12.282 2.092   1.00   29.15 ? 1108 PRO A C   1 
ATOM   525 O O   . PRO A 1 64  ? -1.361  -13.225 1.516   1.00   29.36 ? 1108 PRO A O   1 
ATOM   526 C CB  . PRO A 1 64  ? -2.453  -11.718 3.946   1.00   28.77 ? 1108 PRO A CB  1 
ATOM   527 C CG  . PRO A 1 64  ? -3.971  -11.642 3.661   1.00   29.16 ? 1108 PRO A CG  1 
ATOM   528 C CD  . PRO A 1 64  ? -4.174  -11.229 2.277   1.00   27.93 ? 1108 PRO A CD  1 
ATOM   529 N N   . ASP A 1 65  ? 0.487   -12.151 2.167   1.00   29.46 ? 1109 ASP A N   1 
ATOM   530 C CA  . ASP A 1 65  ? 1.331   -13.214 1.635   1.00   30.29 ? 1109 ASP A CA  1 
ATOM   531 C C   . ASP A 1 65  ? 1.380   -14.376 2.618   1.00   30.92 ? 1109 ASP A C   1 
ATOM   532 O O   . ASP A 1 65  ? 2.039   -15.384 2.373   1.00   30.90 ? 1109 ASP A O   1 
ATOM   533 C CB  . ASP A 1 65  ? 2.747   -12.756 1.323   1.00   29.88 ? 1109 ASP A CB  1 
ATOM   534 C CG  . ASP A 1 65  ? 2.804   -11.760 0.203   1.00   31.06 ? 1109 ASP A CG  1 
ATOM   535 O OD1 . ASP A 1 65  ? 1.791   -11.624 -0.541  1.00   29.85 ? 1109 ASP A OD1 1 
ATOM   536 O OD2 . ASP A 1 65  ? 3.836   -11.057 0.016   1.00   29.80 ? 1109 ASP A OD2 1 
ATOM   537 N N   . GLY A 1 66  ? 0.694   -14.228 3.744   1.00   31.80 ? 1110 GLY A N   1 
ATOM   538 C CA  . GLY A 1 66  ? 0.586   -15.329 4.683   1.00   32.65 ? 1110 GLY A CA  1 
ATOM   539 C C   . GLY A 1 66  ? 1.733   -15.269 5.655   1.00   33.88 ? 1110 GLY A C   1 
ATOM   540 O O   . GLY A 1 66  ? 2.582   -14.381 5.571   1.00   34.19 ? 1110 GLY A O   1 
ATOM   541 N N   . PRO A 1 67  ? 1.780   -16.213 6.583   1.00   34.13 ? 1111 PRO A N   1 
ATOM   542 C CA  . PRO A 1 67  ? 2.824   -16.193 7.605   1.00   34.30 ? 1111 PRO A CA  1 
ATOM   543 C C   . PRO A 1 67  ? 4.129   -16.728 7.065   1.00   34.07 ? 1111 PRO A C   1 
ATOM   544 O O   . PRO A 1 67  ? 4.144   -17.352 6.018   1.00   33.19 ? 1111 PRO A O   1 
ATOM   545 C CB  . PRO A 1 67  ? 2.261   -17.157 8.640   1.00   34.39 ? 1111 PRO A CB  1 
ATOM   546 C CG  . PRO A 1 67  ? 1.624   -18.188 7.784   1.00   33.85 ? 1111 PRO A CG  1 
ATOM   547 C CD  . PRO A 1 67  ? 0.858   -17.350 6.770   1.00   33.93 ? 1111 PRO A CD  1 
ATOM   548 N N   . GLY A 1 68  ? 5.221   -16.445 7.765   1.00   34.47 ? 1112 GLY A N   1 
ATOM   549 C CA  . GLY A 1 68  ? 6.486   -17.069 7.426   1.00   33.98 ? 1112 GLY A CA  1 
ATOM   550 C C   . GLY A 1 68  ? 7.466   -16.235 6.634   1.00   33.75 ? 1112 GLY A C   1 
ATOM   551 O O   . GLY A 1 68  ? 8.461   -16.765 6.129   1.00   34.60 ? 1112 GLY A O   1 
ATOM   552 N N   . ALA A 1 69  ? 7.211   -14.948 6.505   1.00   32.14 ? 1113 ALA A N   1 
ATOM   553 C CA  . ALA A 1 69  ? 8.173   -14.105 5.780   1.00   31.74 ? 1113 ALA A CA  1 
ATOM   554 C C   . ALA A 1 69  ? 8.674   -14.705 4.476   1.00   30.64 ? 1113 ALA A C   1 
ATOM   555 O O   . ALA A 1 69  ? 9.854   -14.637 4.176   1.00   30.74 ? 1113 ALA A O   1 
ATOM   556 C CB  . ALA A 1 69  ? 9.382   -13.753 6.676   1.00   31.03 ? 1113 ALA A CB  1 
ATOM   557 N N   . PRO A 1 70  ? 7.794   -15.281 3.675   1.00   30.43 ? 1114 PRO A N   1 
ATOM   558 C CA  . PRO A 1 70  ? 8.238   -15.856 2.411   1.00   29.68 ? 1114 PRO A CA  1 
ATOM   559 C C   . PRO A 1 70  ? 8.913   -14.840 1.483   1.00   30.14 ? 1114 PRO A C   1 
ATOM   560 O O   . PRO A 1 70  ? 9.591   -15.258 0.569   1.00   30.32 ? 1114 PRO A O   1 
ATOM   561 C CB  . PRO A 1 70  ? 6.933   -16.357 1.814   1.00   30.26 ? 1114 PRO A CB  1 
ATOM   562 C CG  . PRO A 1 70  ? 5.914   -15.522 2.509   1.00   29.65 ? 1114 PRO A CG  1 
ATOM   563 C CD  . PRO A 1 70  ? 6.354   -15.497 3.901   1.00   29.03 ? 1114 PRO A CD  1 
ATOM   564 N N   . ARG A 1 71  ? 8.731   -13.539 1.676   1.00   30.46 ? 1115 ARG A N   1 
ATOM   565 C CA  . ARG A 1 71  ? 9.388   -12.567 0.800   1.00   31.17 ? 1115 ARG A CA  1 
ATOM   566 C C   . ARG A 1 71  ? 10.699  -12.013 1.385   1.00   32.39 ? 1115 ARG A C   1 
ATOM   567 O O   . ARG A 1 71  ? 11.376  -11.189 0.753   1.00   32.37 ? 1115 ARG A O   1 
ATOM   568 C CB  . ARG A 1 71  ? 8.463   -11.389 0.460   1.00   30.96 ? 1115 ARG A CB  1 
ATOM   569 C CG  . ARG A 1 71  ? 7.335   -11.696 -0.522  1.00   29.44 ? 1115 ARG A CG  1 
ATOM   570 C CD  . ARG A 1 71  ? 6.733   -10.431 -1.098  1.00   26.50 ? 1115 ARG A CD  1 
ATOM   571 N NE  . ARG A 1 71  ? 5.522   -10.597 -1.889  1.00   22.45 ? 1115 ARG A NE  1 
ATOM   572 C CZ  . ARG A 1 71  ? 5.519   -10.775 -3.188  1.00   25.94 ? 1115 ARG A CZ  1 
ATOM   573 N NH1 . ARG A 1 71  ? 6.679   -10.865 -3.856  1.00   23.56 ? 1115 ARG A NH1 1 
ATOM   574 N NH2 . ARG A 1 71  ? 4.357   -10.841 -3.832  1.00   25.69 ? 1115 ARG A NH2 1 
ATOM   575 N N   . GLY A 1 72  ? 11.058  -12.470 2.581   1.00   33.20 ? 1116 GLY A N   1 
ATOM   576 C CA  . GLY A 1 72  ? 12.257  -11.978 3.223   1.00   34.64 ? 1116 GLY A CA  1 
ATOM   577 C C   . GLY A 1 72  ? 11.964  -11.005 4.356   1.00   36.06 ? 1116 GLY A C   1 
ATOM   578 O O   . GLY A 1 72  ? 12.881  -10.636 5.086   1.00   36.81 ? 1116 GLY A O   1 
ATOM   579 N N   . ARG A 1 73  ? 10.700  -10.583 4.487   1.00   36.54 ? 1117 ARG A N   1 
ATOM   580 C CA  . ARG A 1 73  ? 10.250  -9.672  5.546   1.00   37.01 ? 1117 ARG A CA  1 
ATOM   581 C C   . ARG A 1 73  ? 8.951   -10.205 6.100   1.00   36.11 ? 1117 ARG A C   1 
ATOM   582 O O   . ARG A 1 73  ? 8.201   -10.834 5.383   1.00   35.78 ? 1117 ARG A O   1 
ATOM   583 C CB  . ARG A 1 73  ? 9.846   -8.295  4.990   1.00   37.49 ? 1117 ARG A CB  1 
ATOM   584 C CG  . ARG A 1 73  ? 10.905  -7.479  4.351   1.00   40.11 ? 1117 ARG A CG  1 
ATOM   585 C CD  . ARG A 1 73  ? 10.420  -6.105  3.980   1.00   38.49 ? 1117 ARG A CD  1 
ATOM   586 N NE  . ARG A 1 73  ? 10.126  -5.330  5.169   1.00   41.80 ? 1117 ARG A NE  1 
ATOM   587 C CZ  . ARG A 1 73  ? 10.892  -4.349  5.611   1.00   43.27 ? 1117 ARG A CZ  1 
ATOM   588 N NH1 . ARG A 1 73  ? 11.997  -4.041  4.954   1.00   43.83 ? 1117 ARG A NH1 1 
ATOM   589 N NH2 . ARG A 1 73  ? 10.554  -3.672  6.702   1.00   43.00 ? 1117 ARG A NH2 1 
ATOM   590 N N   . ARG A 1 74  ? 8.643   -9.901  7.349   1.00   35.51 ? 1118 ARG A N   1 
ATOM   591 C CA  . ARG A 1 74  ? 7.347   -10.298 7.851   1.00   35.92 ? 1118 ARG A CA  1 
ATOM   592 C C   . ARG A 1 74  ? 6.272   -9.302  7.386   1.00   35.57 ? 1118 ARG A C   1 
ATOM   593 O O   . ARG A 1 74  ? 6.579   -8.201  6.896   1.00   34.67 ? 1118 ARG A O   1 
ATOM   594 C CB  . ARG A 1 74  ? 7.349   -10.373 9.367   1.00   36.12 ? 1118 ARG A CB  1 
ATOM   595 C CG  . ARG A 1 74  ? 8.371   -11.350 9.928   1.00   39.30 ? 1118 ARG A CG  1 
ATOM   596 C CD  . ARG A 1 74  ? 8.291   -11.544 11.436  1.00   42.90 ? 1118 ARG A CD  1 
ATOM   597 N NE  . ARG A 1 74  ? 8.573   -10.311 12.174  1.00   46.60 ? 1118 ARG A NE  1 
ATOM   598 C CZ  . ARG A 1 74  ? 8.349   -10.156 13.483  1.00   47.42 ? 1118 ARG A CZ  1 
ATOM   599 N NH1 . ARG A 1 74  ? 7.824   -11.149 14.185  1.00   47.09 ? 1118 ARG A NH1 1 
ATOM   600 N NH2 . ARG A 1 74  ? 8.633   -9.004  14.085  1.00   46.93 ? 1118 ARG A NH2 1 
ATOM   601 N N   . PHE A 1 75  ? 5.020   -9.710  7.550   1.00   34.69 ? 1119 PHE A N   1 
ATOM   602 C CA  . PHE A 1 75  ? 3.877   -8.850  7.296   1.00   34.57 ? 1119 PHE A CA  1 
ATOM   603 C C   . PHE A 1 75  ? 3.760   -8.268  5.880   1.00   33.65 ? 1119 PHE A C   1 
ATOM   604 O O   . PHE A 1 75  ? 3.495   -7.076  5.713   1.00   34.60 ? 1119 PHE A O   1 
ATOM   605 C CB  . PHE A 1 75  ? 3.888   -7.726  8.327   1.00   34.43 ? 1119 PHE A CB  1 
ATOM   606 C CG  . PHE A 1 75  ? 4.141   -8.209  9.734   1.00   36.55 ? 1119 PHE A CG  1 
ATOM   607 C CD1 . PHE A 1 75  ? 3.513   -9.349  10.213  1.00   37.88 ? 1119 PHE A CD1 1 
ATOM   608 C CD2 . PHE A 1 75  ? 5.007   -7.521  10.577  1.00   36.60 ? 1119 PHE A CD2 1 
ATOM   609 C CE1 . PHE A 1 75  ? 3.754   -9.808  11.517  1.00   38.58 ? 1119 PHE A CE1 1 
ATOM   610 C CE2 . PHE A 1 75  ? 5.245   -7.964  11.871  1.00   38.18 ? 1119 PHE A CE2 1 
ATOM   611 C CZ  . PHE A 1 75  ? 4.619   -9.108  12.340  1.00   39.00 ? 1119 PHE A CZ  1 
ATOM   612 N N   . THR A 1 76  ? 3.979   -9.074  4.857   1.00   32.08 ? 1120 THR A N   1 
ATOM   613 C CA  . THR A 1 76  ? 3.873   -8.529  3.519   1.00   30.70 ? 1120 THR A CA  1 
ATOM   614 C C   . THR A 1 76  ? 2.571   -8.943  2.896   1.00   29.92 ? 1120 THR A C   1 
ATOM   615 O O   . THR A 1 76  ? 1.987   -9.950  3.258   1.00   28.93 ? 1120 THR A O   1 
ATOM   616 C CB  . THR A 1 76  ? 5.040   -8.947  2.608   1.00   30.85 ? 1120 THR A CB  1 
ATOM   617 O OG1 . THR A 1 76  ? 4.970   -10.352 2.341   1.00   29.41 ? 1120 THR A OG1 1 
ATOM   618 C CG2 . THR A 1 76  ? 6.366   -8.723  3.287   1.00   29.85 ? 1120 THR A CG2 1 
ATOM   619 N N   . PHE A 1 77  ? 2.124   -8.133  1.948   1.00   29.74 ? 1121 PHE A N   1 
ATOM   620 C CA  . PHE A 1 77  ? 0.885   -8.388  1.237   1.00   28.98 ? 1121 PHE A CA  1 
ATOM   621 C C   . PHE A 1 77  ? 1.101   -7.893  -0.173  1.00   29.25 ? 1121 PHE A C   1 
ATOM   622 O O   . PHE A 1 77  ? 2.018   -7.117  -0.409  1.00   28.84 ? 1121 PHE A O   1 
ATOM   623 C CB  . PHE A 1 77  ? -0.343  -7.757  1.913   1.00   28.26 ? 1121 PHE A CB  1 
ATOM   624 C CG  . PHE A 1 77  ? -0.228  -6.276  2.199   1.00   27.89 ? 1121 PHE A CG  1 
ATOM   625 C CD1 . PHE A 1 77  ? 0.623   -5.802  3.188   1.00   25.88 ? 1121 PHE A CD1 1 
ATOM   626 C CD2 . PHE A 1 77  ? -1.010  -5.360  1.499   1.00   27.55 ? 1121 PHE A CD2 1 
ATOM   627 C CE1 . PHE A 1 77  ? 0.713   -4.418  3.459   1.00   27.24 ? 1121 PHE A CE1 1 
ATOM   628 C CE2 . PHE A 1 77  ? -0.926  -3.986  1.766   1.00   28.88 ? 1121 PHE A CE2 1 
ATOM   629 C CZ  . PHE A 1 77  ? -0.069  -3.519  2.753   1.00   27.38 ? 1121 PHE A CZ  1 
ATOM   630 N N   . THR A 1 78  ? 0.252   -8.363  -1.090  1.00   29.87 ? 1122 THR A N   1 
ATOM   631 C CA  . THR A 1 78  ? 0.381   -8.113  -2.511  1.00   30.59 ? 1122 THR A CA  1 
ATOM   632 C C   . THR A 1 78  ? -0.906  -7.600  -3.138  1.00   30.98 ? 1122 THR A C   1 
ATOM   633 O O   . THR A 1 78  ? -2.003  -8.121  -2.886  1.00   30.88 ? 1122 THR A O   1 
ATOM   634 C CB  . THR A 1 78  ? 0.776   -9.419  -3.201  1.00   30.99 ? 1122 THR A CB  1 
ATOM   635 O OG1 . THR A 1 78  ? 2.082   -9.843  -2.753  1.00   29.72 ? 1122 THR A OG1 1 
ATOM   636 C CG2 . THR A 1 78  ? 0.930   -9.197  -4.713  1.00   32.07 ? 1122 THR A CG2 1 
ATOM   637 N N   . ALA A 1 79  ? -0.766  -6.557  -3.946  1.00   31.86 ? 1123 ALA A N   1 
ATOM   638 C CA  . ALA A 1 79  ? -1.903  -5.937  -4.622  1.00   31.83 ? 1123 ALA A CA  1 
ATOM   639 C C   . ALA A 1 79  ? -1.631  -6.099  -6.093  1.00   31.70 ? 1123 ALA A C   1 
ATOM   640 O O   . ALA A 1 79  ? -0.629  -5.606  -6.605  1.00   32.14 ? 1123 ALA A O   1 
ATOM   641 C CB  . ALA A 1 79  ? -2.042  -4.458  -4.256  1.00   31.44 ? 1123 ALA A CB  1 
ATOM   642 N N   . GLU A 1 80  ? -2.517  -6.818  -6.763  1.00   31.67 ? 1124 GLU A N   1 
ATOM   643 C CA  . GLU A 1 80  ? -2.300  -7.140  -8.160  1.00   31.60 ? 1124 GLU A CA  1 
ATOM   644 C C   . GLU A 1 80  ? -3.594  -7.178  -8.915  1.00   31.51 ? 1124 GLU A C   1 
ATOM   645 O O   . GLU A 1 80  ? -4.663  -7.316  -8.325  1.00   32.17 ? 1124 GLU A O   1 
ATOM   646 C CB  . GLU A 1 80  ? -1.600  -8.498  -8.293  1.00   31.17 ? 1124 GLU A CB  1 
ATOM   647 C CG  . GLU A 1 80  ? -2.405  -9.670  -7.765  1.00   30.20 ? 1124 GLU A CG  1 
ATOM   648 C CD  . GLU A 1 80  ? -3.472  -10.167 -8.736  1.00   32.12 ? 1124 GLU A CD  1 
ATOM   649 O OE1 . GLU A 1 80  ? -3.312  -10.059 -9.988  1.00   32.05 ? 1124 GLU A OE1 1 
ATOM   650 O OE2 . GLU A 1 80  ? -4.485  -10.700 -8.242  1.00   31.30 ? 1124 GLU A OE2 1 
ATOM   651 N N   . HIS A 1 81  ? -3.472  -7.019  -10.222 1.00   31.81 ? 1125 HIS A N   1 
ATOM   652 C CA  . HIS A 1 81  ? -4.567  -7.170  -11.169 1.00   31.86 ? 1125 HIS A CA  1 
ATOM   653 C C   . HIS A 1 81  ? -3.924  -7.313  -12.535 1.00   31.68 ? 1125 HIS A C   1 
ATOM   654 O O   . HIS A 1 81  ? -3.172  -6.444  -12.960 1.00   31.47 ? 1125 HIS A O   1 
ATOM   655 C CB  . HIS A 1 81  ? -5.520  -5.983  -11.127 1.00   31.98 ? 1125 HIS A CB  1 
ATOM   656 C CG  . HIS A 1 81  ? -6.787  -6.227  -11.885 1.00   33.72 ? 1125 HIS A CG  1 
ATOM   657 N ND1 . HIS A 1 81  ? -7.685  -7.206  -11.526 1.00   33.22 ? 1125 HIS A ND1 1 
ATOM   658 C CD2 . HIS A 1 81  ? -7.283  -5.654  -13.009 1.00   34.04 ? 1125 HIS A CD2 1 
ATOM   659 C CE1 . HIS A 1 81  ? -8.694  -7.208  -12.377 1.00   33.44 ? 1125 HIS A CE1 1 
ATOM   660 N NE2 . HIS A 1 81  ? -8.475  -6.275  -13.285 1.00   34.71 ? 1125 HIS A NE2 1 
ATOM   661 N N   . PRO A 1 82  ? -4.218  -8.401  -13.229 1.00   32.03 ? 1126 PRO A N   1 
ATOM   662 C CA  . PRO A 1 82  ? -3.550  -8.689  -14.506 1.00   32.17 ? 1126 PRO A CA  1 
ATOM   663 C C   . PRO A 1 82  ? -3.581  -7.490  -15.436 1.00   32.43 ? 1126 PRO A C   1 
ATOM   664 O O   . PRO A 1 82  ? -4.622  -6.855  -15.579 1.00   32.25 ? 1126 PRO A O   1 
ATOM   665 C CB  . PRO A 1 82  ? -4.381  -9.835  -15.088 1.00   32.06 ? 1126 PRO A CB  1 
ATOM   666 C CG  . PRO A 1 82  ? -5.033  -10.476 -13.905 1.00   32.00 ? 1126 PRO A CG  1 
ATOM   667 C CD  . PRO A 1 82  ? -5.248  -9.399  -12.890 1.00   31.75 ? 1126 PRO A CD  1 
ATOM   668 N N   . GLY A 1 83  ? -2.446  -7.179  -16.052 1.00   33.16 ? 1127 GLY A N   1 
ATOM   669 C CA  . GLY A 1 83  ? -2.361  -6.063  -16.978 1.00   33.73 ? 1127 GLY A CA  1 
ATOM   670 C C   . GLY A 1 83  ? -2.030  -4.740  -16.299 1.00   34.73 ? 1127 GLY A C   1 
ATOM   671 O O   . GLY A 1 83  ? -1.808  -3.731  -16.971 1.00   34.99 ? 1127 GLY A O   1 
ATOM   672 N N   . MET A 1 84  ? -2.012  -4.734  -14.971 1.00   34.82 ? 1128 MET A N   1 
ATOM   673 C CA  . MET A 1 84  ? -1.615  -3.543  -14.235 1.00   35.68 ? 1128 MET A CA  1 
ATOM   674 C C   . MET A 1 84  ? -0.398  -3.804  -13.331 1.00   35.55 ? 1128 MET A C   1 
ATOM   675 O O   . MET A 1 84  ? -0.019  -4.952  -13.078 1.00   35.09 ? 1128 MET A O   1 
ATOM   676 C CB  . MET A 1 84  ? -2.775  -3.015  -13.396 1.00   36.26 ? 1128 MET A CB  1 
ATOM   677 C CG  . MET A 1 84  ? -3.974  -2.548  -14.221 1.00   39.24 ? 1128 MET A CG  1 
ATOM   678 S SD  . MET A 1 84  ? -5.183  -1.773  -13.148 1.00   45.72 ? 1128 MET A SD  1 
ATOM   679 C CE  . MET A 1 84  ? -6.483  -2.809  -13.257 1.00   42.91 ? 1128 MET A CE  1 
ATOM   680 N N   . ARG A 1 85  ? 0.210   -2.729  -12.841 1.00   35.35 ? 1129 ARG A N   1 
ATOM   681 C CA  . ARG A 1 85  ? 1.368   -2.850  -11.956 1.00   34.87 ? 1129 ARG A CA  1 
ATOM   682 C C   . ARG A 1 85  ? 1.064   -3.557  -10.613 1.00   33.44 ? 1129 ARG A C   1 
ATOM   683 O O   . ARG A 1 85  ? 0.070   -3.250  -9.942  1.00   33.19 ? 1129 ARG A O   1 
ATOM   684 C CB  . ARG A 1 85  ? 1.928   -1.467  -11.661 1.00   35.18 ? 1129 ARG A CB  1 
ATOM   685 C CG  . ARG A 1 85  ? 3.037   -1.510  -10.648 1.00   38.07 ? 1129 ARG A CG  1 
ATOM   686 C CD  . ARG A 1 85  ? 3.509   -0.153  -10.209 1.00   43.86 ? 1129 ARG A CD  1 
ATOM   687 N NE  . ARG A 1 85  ? 4.611   -0.267  -9.264  1.00   47.86 ? 1129 ARG A NE  1 
ATOM   688 C CZ  . ARG A 1 85  ? 5.339   0.766   -8.867  1.00   49.35 ? 1129 ARG A CZ  1 
ATOM   689 N NH1 . ARG A 1 85  ? 5.074   1.973   -9.335  1.00   49.48 ? 1129 ARG A NH1 1 
ATOM   690 N NH2 . ARG A 1 85  ? 6.315   0.591   -7.988  1.00   51.24 ? 1129 ARG A NH2 1 
ATOM   691 N N   . THR A 1 86  ? 1.922   -4.500  -10.234 1.00   31.28 ? 1130 THR A N   1 
ATOM   692 C CA  . THR A 1 86  ? 1.795   -5.177  -8.959  1.00   29.03 ? 1130 THR A CA  1 
ATOM   693 C C   . THR A 1 86  ? 2.490   -4.366  -7.869  1.00   28.83 ? 1130 THR A C   1 
ATOM   694 O O   . THR A 1 86  ? 3.605   -3.898  -8.069  1.00   28.05 ? 1130 THR A O   1 
ATOM   695 C CB  . THR A 1 86  ? 2.479   -6.560  -9.020  1.00   29.30 ? 1130 THR A CB  1 
ATOM   696 O OG1 . THR A 1 86  ? 1.848   -7.397  -10.003 1.00   26.64 ? 1130 THR A OG1 1 
ATOM   697 C CG2 . THR A 1 86  ? 2.278   -7.317  -7.694  1.00   28.61 ? 1130 THR A CG2 1 
ATOM   698 N N   . TYR A 1 87  ? 1.853   -4.200  -6.712  1.00   27.65 ? 1131 TYR A N   1 
ATOM   699 C CA  . TYR A 1 87  ? 2.546   -3.568  -5.590  1.00   27.69 ? 1131 TYR A CA  1 
ATOM   700 C C   . TYR A 1 87  ? 2.821   -4.611  -4.525  1.00   27.67 ? 1131 TYR A C   1 
ATOM   701 O O   . TYR A 1 87  ? 1.910   -5.354  -4.123  1.00   28.95 ? 1131 TYR A O   1 
ATOM   702 C CB  . TYR A 1 87  ? 1.732   -2.420  -4.980  1.00   27.78 ? 1131 TYR A CB  1 
ATOM   703 C CG  . TYR A 1 87  ? 1.597   -1.227  -5.869  1.00   27.13 ? 1131 TYR A CG  1 
ATOM   704 C CD1 . TYR A 1 87  ? 0.637   -1.190  -6.877  1.00   28.05 ? 1131 TYR A CD1 1 
ATOM   705 C CD2 . TYR A 1 87  ? 2.411   -0.126  -5.692  1.00   29.69 ? 1131 TYR A CD2 1 
ATOM   706 C CE1 . TYR A 1 87  ? 0.507   -0.079  -7.710  1.00   29.79 ? 1131 TYR A CE1 1 
ATOM   707 C CE2 . TYR A 1 87  ? 2.312   0.986   -6.513  1.00   30.96 ? 1131 TYR A CE2 1 
ATOM   708 C CZ  . TYR A 1 87  ? 1.359   1.003   -7.518  1.00   33.54 ? 1131 TYR A CZ  1 
ATOM   709 O OH  . TYR A 1 87  ? 1.262   2.120   -8.320  1.00   38.89 ? 1131 TYR A OH  1 
ATOM   710 N N   . VAL A 1 88  ? 4.065   -4.674  -4.069  1.00   27.70 ? 1132 VAL A N   1 
ATOM   711 C CA  . VAL A 1 88  ? 4.482   -5.601  -3.025  1.00   27.10 ? 1132 VAL A CA  1 
ATOM   712 C C   . VAL A 1 88  ? 4.751   -4.757  -1.803  1.00   27.20 ? 1132 VAL A C   1 
ATOM   713 O O   . VAL A 1 88  ? 5.625   -3.919  -1.823  1.00   25.93 ? 1132 VAL A O   1 
ATOM   714 C CB  . VAL A 1 88  ? 5.740   -6.356  -3.448  1.00   27.09 ? 1132 VAL A CB  1 
ATOM   715 C CG1 . VAL A 1 88  ? 6.251   -7.247  -2.334  1.00   25.92 ? 1132 VAL A CG1 1 
ATOM   716 C CG2 . VAL A 1 88  ? 5.464   -7.164  -4.720  1.00   26.01 ? 1132 VAL A CG2 1 
ATOM   717 N N   . LEU A 1 89  ? 3.966   -4.950  -0.742  1.00   27.99 ? 1133 LEU A N   1 
ATOM   718 C CA  . LEU A 1 89  ? 4.076   -4.071  0.418   1.00   28.27 ? 1133 LEU A CA  1 
ATOM   719 C C   . LEU A 1 89  ? 4.371   -4.791  1.743   1.00   28.11 ? 1133 LEU A C   1 
ATOM   720 O O   . LEU A 1 89  ? 4.134   -5.979  1.883   1.00   28.74 ? 1133 LEU A O   1 
ATOM   721 C CB  . LEU A 1 89  ? 2.819   -3.197  0.524   1.00   28.20 ? 1133 LEU A CB  1 
ATOM   722 C CG  . LEU A 1 89  ? 2.447   -2.436  -0.758  1.00   28.99 ? 1133 LEU A CG  1 
ATOM   723 C CD1 . LEU A 1 89  ? 1.076   -1.797  -0.648  1.00   30.62 ? 1133 LEU A CD1 1 
ATOM   724 C CD2 . LEU A 1 89  ? 3.487   -1.366  -1.122  1.00   29.66 ? 1133 LEU A CD2 1 
ATOM   725 N N   . ALA A 1 90  ? 4.902   -4.061  2.708   1.00   28.05 ? 1134 ALA A N   1 
ATOM   726 C CA  . ALA A 1 90  ? 5.192   -4.650  4.004   1.00   28.71 ? 1134 ALA A CA  1 
ATOM   727 C C   . ALA A 1 90  ? 4.807   -3.727  5.132   1.00   29.24 ? 1134 ALA A C   1 
ATOM   728 O O   . ALA A 1 90  ? 5.208   -2.583  5.145   1.00   28.97 ? 1134 ALA A O   1 
ATOM   729 C CB  . ALA A 1 90  ? 6.650   -5.006  4.123   1.00   28.38 ? 1134 ALA A CB  1 
ATOM   730 N N   . ALA A 1 91  ? 4.040   -4.250  6.081   1.00   30.78 ? 1135 ALA A N   1 
ATOM   731 C CA  . ALA A 1 91  ? 3.665   -3.513  7.277   1.00   32.44 ? 1135 ALA A CA  1 
ATOM   732 C C   . ALA A 1 91  ? 4.712   -3.810  8.360   1.00   34.09 ? 1135 ALA A C   1 
ATOM   733 O O   . ALA A 1 91  ? 5.432   -4.807  8.282   1.00   33.35 ? 1135 ALA A O   1 
ATOM   734 C CB  . ALA A 1 91  ? 2.278   -3.940  7.744   1.00   32.12 ? 1135 ALA A CB  1 
ATOM   735 N N   . ASP A 1 92  ? 4.783   -2.934  9.365   1.00   35.66 ? 1136 ASP A N   1 
ATOM   736 C CA  . ASP A 1 92  ? 5.780   -3.021  10.410  1.00   37.64 ? 1136 ASP A CA  1 
ATOM   737 C C   . ASP A 1 92  ? 5.396   -4.028  11.479  1.00   38.74 ? 1136 ASP A C   1 
ATOM   738 O O   . ASP A 1 92  ? 6.261   -4.655  12.086  1.00   39.10 ? 1136 ASP A O   1 
ATOM   739 C CB  . ASP A 1 92  ? 6.017   -1.633  11.041  1.00   38.08 ? 1136 ASP A CB  1 
ATOM   740 C CG  . ASP A 1 92  ? 6.880   -0.729  10.162  1.00   39.48 ? 1136 ASP A CG  1 
ATOM   741 O OD1 . ASP A 1 92  ? 7.676   -1.281  9.372   1.00   41.60 ? 1136 ASP A OD1 1 
ATOM   742 O OD2 . ASP A 1 92  ? 6.832   0.528   10.185  1.00   39.45 ? 1136 ASP A OD2 1 
ATOM   743 N N   . THR A 1 93  ? 4.095   -4.166  11.714  1.00   39.82 ? 1137 THR A N   1 
ATOM   744 C CA  . THR A 1 93  ? 3.574   -5.105  12.712  1.00   40.84 ? 1137 THR A CA  1 
ATOM   745 C C   . THR A 1 93  ? 2.287   -5.762  12.243  1.00   41.29 ? 1137 THR A C   1 
ATOM   746 O O   . THR A 1 93  ? 1.599   -5.271  11.342  1.00   41.42 ? 1137 THR A O   1 
ATOM   747 C CB  . THR A 1 93  ? 3.223   -4.388  14.009  1.00   40.85 ? 1137 THR A CB  1 
ATOM   748 O OG1 . THR A 1 93  ? 2.082   -3.547  13.776  1.00   40.97 ? 1137 THR A OG1 1 
ATOM   749 C CG2 . THR A 1 93  ? 4.331   -3.422  14.428  1.00   41.98 ? 1137 THR A CG2 1 
ATOM   750 N N   . LEU A 1 94  ? 1.953   -6.866  12.890  1.00   41.71 ? 1138 LEU A N   1 
ATOM   751 C CA  . LEU A 1 94  ? 0.727   -7.574  12.596  1.00   42.10 ? 1138 LEU A CA  1 
ATOM   752 C C   . LEU A 1 94  ? -0.487  -6.658  12.762  1.00   42.09 ? 1138 LEU A C   1 
ATOM   753 O O   . LEU A 1 94  ? -1.453  -6.715  11.981  1.00   42.58 ? 1138 LEU A O   1 
ATOM   754 C CB  . LEU A 1 94  ? 0.603   -8.782  13.498  1.00   42.08 ? 1138 LEU A CB  1 
ATOM   755 C CG  . LEU A 1 94  ? -0.682  -9.561  13.247  1.00   43.45 ? 1138 LEU A CG  1 
ATOM   756 C CD1 . LEU A 1 94  ? -0.720  -10.066 11.807  1.00   42.42 ? 1138 LEU A CD1 1 
ATOM   757 C CD2 . LEU A 1 94  ? -0.812  -10.696 14.257  1.00   44.15 ? 1138 LEU A CD2 1 
ATOM   758 N N   . GLU A 1 95  ? -0.425  -5.790  13.759  1.00   41.84 ? 1139 GLU A N   1 
ATOM   759 C CA  . GLU A 1 95  ? -1.518  -4.862  13.988  1.00   41.75 ? 1139 GLU A CA  1 
ATOM   760 C C   . GLU A 1 95  ? -1.646  -3.918  12.799  1.00   40.46 ? 1139 GLU A C   1 
ATOM   761 O O   . GLU A 1 95  ? -2.750  -3.667  12.325  1.00   40.61 ? 1139 GLU A O   1 
ATOM   762 C CB  . GLU A 1 95  ? -1.329  -4.084  15.296  1.00   42.04 ? 1139 GLU A CB  1 
ATOM   763 C CG  . GLU A 1 95  ? -2.284  -2.910  15.469  1.00   44.03 ? 1139 GLU A CG  1 
ATOM   764 C CD  . GLU A 1 95  ? -2.245  -2.318  16.871  1.00   47.42 ? 1139 GLU A CD  1 
ATOM   765 O OE1 . GLU A 1 95  ? -1.132  -1.940  17.313  1.00   47.92 ? 1139 GLU A OE1 1 
ATOM   766 O OE2 . GLU A 1 95  ? -3.322  -2.226  17.530  1.00   47.14 ? 1139 GLU A OE2 1 
ATOM   767 N N   . ASP A 1 96  ? -0.522  -3.405  12.309  1.00   39.37 ? 1140 ASP A N   1 
ATOM   768 C CA  . ASP A 1 96  ? -0.554  -2.495  11.156  1.00   38.17 ? 1140 ASP A CA  1 
ATOM   769 C C   . ASP A 1 96  ? -1.052  -3.220  9.886   1.00   36.19 ? 1140 ASP A C   1 
ATOM   770 O O   . ASP A 1 96  ? -1.892  -2.687  9.155   1.00   35.57 ? 1140 ASP A O   1 
ATOM   771 C CB  . ASP A 1 96  ? 0.807   -1.819  10.942  1.00   39.20 ? 1140 ASP A CB  1 
ATOM   772 C CG  . ASP A 1 96  ? 1.109   -0.712  11.994  1.00   42.72 ? 1140 ASP A CG  1 
ATOM   773 O OD1 . ASP A 1 96  ? 0.251   0.175   12.228  1.00   47.17 ? 1140 ASP A OD1 1 
ATOM   774 O OD2 . ASP A 1 96  ? 2.184   -0.635  12.626  1.00   45.62 ? 1140 ASP A OD2 1 
ATOM   775 N N   . LEU A 1 97  ? -0.567  -4.441  9.655   1.00   34.28 ? 1141 LEU A N   1 
ATOM   776 C CA  . LEU A 1 97  ? -1.011  -5.272  8.521   1.00   32.58 ? 1141 LEU A CA  1 
ATOM   777 C C   . LEU A 1 97  ? -2.516  -5.469  8.532   1.00   31.65 ? 1141 LEU A C   1 
ATOM   778 O O   . LEU A 1 97  ? -3.188  -5.194  7.546   1.00   31.75 ? 1141 LEU A O   1 
ATOM   779 C CB  . LEU A 1 97  ? -0.336  -6.650  8.557   1.00   32.29 ? 1141 LEU A CB  1 
ATOM   780 C CG  . LEU A 1 97  ? -0.695  -7.635  7.433   1.00   31.70 ? 1141 LEU A CG  1 
ATOM   781 C CD1 . LEU A 1 97  ? -0.243  -7.108  6.065   1.00   30.49 ? 1141 LEU A CD1 1 
ATOM   782 C CD2 . LEU A 1 97  ? -0.059  -9.013  7.689   1.00   29.27 ? 1141 LEU A CD2 1 
ATOM   783 N N   . ARG A 1 98  ? -3.050  -5.925  9.669   1.00   30.81 ? 1142 ARG A N   1 
ATOM   784 C CA  . ARG A 1 98  ? -4.478  -6.150  9.785   1.00   29.15 ? 1142 ARG A CA  1 
ATOM   785 C C   . ARG A 1 98  ? -5.195  -4.859  9.484   1.00   29.22 ? 1142 ARG A C   1 
ATOM   786 O O   . ARG A 1 98  ? -6.145  -4.827  8.695   1.00   29.23 ? 1142 ARG A O   1 
ATOM   787 C CB  . ARG A 1 98  ? -4.832  -6.633  11.187  1.00   29.52 ? 1142 ARG A CB  1 
ATOM   788 C CG  . ARG A 1 98  ? -6.247  -7.430  11.256  0.0000 34.01 ? 1142 ARG A CG  1 
ATOM   789 C CD  . ARG A 1 98  ? -6.843  -7.355  12.639  0.0000 34.11 ? 1142 ARG A CD  1 
ATOM   790 N NE  . ARG A 1 98  ? -5.809  -7.595  13.634  0.0000 34.12 ? 1142 ARG A NE  1 
ATOM   791 C CZ  . ARG A 1 98  ? -5.020  -8.656  13.624  0.0000 34.14 ? 1142 ARG A CZ  1 
ATOM   792 N NH1 . ARG A 1 98  ? -5.156  -9.552  12.668  0.0000 34.14 ? 1142 ARG A NH1 1 
ATOM   793 N NH2 . ARG A 1 98  ? -4.117  -8.832  14.576  0.0000 34.14 ? 1142 ARG A NH2 1 
ATOM   794 N N   . GLY A 1 99  ? -4.734  -3.772  10.093  1.00   28.62 ? 1143 GLY A N   1 
ATOM   795 C CA  . GLY A 1 99  ? -5.358  -2.495  9.839   1.00   28.53 ? 1143 GLY A CA  1 
ATOM   796 C C   . GLY A 1 99  ? -5.343  -2.143  8.368   1.00   28.90 ? 1143 GLY A C   1 
ATOM   797 O O   . GLY A 1 99  ? -6.360  -1.716  7.829   1.00   29.71 ? 1143 GLY A O   1 
ATOM   798 N N   . TRP A 1 100 ? -4.201  -2.298  7.696   1.00   28.63 ? 1144 TRP A N   1 
ATOM   799 C CA  . TRP A 1 100 ? -4.176  -1.985  6.272   1.00   28.59 ? 1144 TRP A CA  1 
ATOM   800 C C   . TRP A 1 100 ? -5.053  -2.951  5.471   1.00   29.33 ? 1144 TRP A C   1 
ATOM   801 O O   . TRP A 1 100 ? -5.777  -2.525  4.568   1.00   29.26 ? 1144 TRP A O   1 
ATOM   802 C CB  . TRP A 1 100 ? -2.739  -1.968  5.694   1.00   28.08 ? 1144 TRP A CB  1 
ATOM   803 C CG  . TRP A 1 100 ? -2.061  -0.715  5.934   1.00   27.24 ? 1144 TRP A CG  1 
ATOM   804 C CD1 . TRP A 1 100 ? -1.175  -0.422  6.956   1.00   25.96 ? 1144 TRP A CD1 1 
ATOM   805 C CD2 . TRP A 1 100 ? -2.200  0.480   5.172   1.00   26.04 ? 1144 TRP A CD2 1 
ATOM   806 N NE1 . TRP A 1 100 ? -0.778  0.884   6.859   1.00   23.41 ? 1144 TRP A NE1 1 
ATOM   807 C CE2 . TRP A 1 100 ? -1.382  1.454   5.766   1.00   25.21 ? 1144 TRP A CE2 1 
ATOM   808 C CE3 . TRP A 1 100 ? -2.937  0.826   4.042   1.00   25.73 ? 1144 TRP A CE3 1 
ATOM   809 C CZ2 . TRP A 1 100 ? -1.303  2.733   5.288   1.00   25.31 ? 1144 TRP A CZ2 1 
ATOM   810 C CZ3 . TRP A 1 100 ? -2.849  2.082   3.569   1.00   26.04 ? 1144 TRP A CZ3 1 
ATOM   811 C CH2 . TRP A 1 100 ? -2.047  3.035   4.185   1.00   25.20 ? 1144 TRP A CH2 1 
ATOM   812 N N   . LEU A 1 101 ? -5.008  -4.250  5.775   1.00   30.61 ? 1145 LEU A N   1 
ATOM   813 C CA  . LEU A 1 101 ? -5.809  -5.182  4.946   1.00   32.09 ? 1145 LEU A CA  1 
ATOM   814 C C   . LEU A 1 101 ? -7.288  -4.900  5.032   1.00   32.89 ? 1145 LEU A C   1 
ATOM   815 O O   . LEU A 1 101 ? -7.990  -4.997  4.045   1.00   32.90 ? 1145 LEU A O   1 
ATOM   816 C CB  . LEU A 1 101 ? -5.577  -6.644  5.301   1.00   31.77 ? 1145 LEU A CB  1 
ATOM   817 C CG  . LEU A 1 101 ? -4.173  -7.141  5.050   1.00   32.81 ? 1145 LEU A CG  1 
ATOM   818 C CD1 . LEU A 1 101 ? -3.968  -8.473  5.748   1.00   32.11 ? 1145 LEU A CD1 1 
ATOM   819 C CD2 . LEU A 1 101 ? -3.972  -7.246  3.540   1.00   35.02 ? 1145 LEU A CD2 1 
ATOM   820 N N   . ARG A 1 102 ? -7.764  -4.563  6.223   1.00   34.41 ? 1146 ARG A N   1 
ATOM   821 C CA  . ARG A 1 102 ? -9.179  -4.286  6.398   1.00   35.86 ? 1146 ARG A CA  1 
ATOM   822 C C   . ARG A 1 102 ? -9.603  -3.070  5.550   1.00   36.41 ? 1146 ARG A C   1 
ATOM   823 O O   . ARG A 1 102 ? -10.602 -3.120  4.807   1.00   36.19 ? 1146 ARG A O   1 
ATOM   824 C CB  . ARG A 1 102 ? -9.491  -4.058  7.887   1.00   36.24 ? 1146 ARG A CB  1 
ATOM   825 C CG  . ARG A 1 102 ? -10.959 -3.832  8.215   1.00   39.09 ? 1146 ARG A CG  1 
ATOM   826 C CD  . ARG A 1 102 ? -11.192 -3.277  9.618   1.00   43.56 ? 1146 ARG A CD  1 
ATOM   827 N NE  . ARG A 1 102 ? -10.319 -3.943  10.583  1.00   48.45 ? 1146 ARG A NE  1 
ATOM   828 C CZ  . ARG A 1 102 ? -9.634  -3.325  11.548  1.00   50.07 ? 1146 ARG A CZ  1 
ATOM   829 N NH1 . ARG A 1 102 ? -9.713  -2.006  11.707  1.00   50.60 ? 1146 ARG A NH1 1 
ATOM   830 N NH2 . ARG A 1 102 ? -8.858  -4.032  12.356  1.00   51.34 ? 1146 ARG A NH2 1 
ATOM   831 N N   . ALA A 1 103 ? -8.838  -1.986  5.637   1.00   36.64 ? 1147 ALA A N   1 
ATOM   832 C CA  . ALA A 1 103 ? -9.193  -0.784  4.898   1.00   36.86 ? 1147 ALA A CA  1 
ATOM   833 C C   . ALA A 1 103 ? -9.053  -0.979  3.400   1.00   37.64 ? 1147 ALA A C   1 
ATOM   834 O O   . ALA A 1 103 ? -9.894  -0.531  2.619   1.00   37.28 ? 1147 ALA A O   1 
ATOM   835 C CB  . ALA A 1 103 ? -8.351  0.394   5.348   1.00   37.06 ? 1147 ALA A CB  1 
ATOM   836 N N   . LEU A 1 104 ? -7.977  -1.628  2.985   1.00   38.23 ? 1148 LEU A N   1 
ATOM   837 C CA  . LEU A 1 104 ? -7.773  -1.825  1.558   1.00   39.26 ? 1148 LEU A CA  1 
ATOM   838 C C   . LEU A 1 104 ? -8.838  -2.736  0.928   1.00   40.60 ? 1148 LEU A C   1 
ATOM   839 O O   . LEU A 1 104 ? -9.112  -2.643  -0.269  1.00   39.99 ? 1148 LEU A O   1 
ATOM   840 C CB  . LEU A 1 104 ? -6.388  -2.383  1.298   1.00   38.92 ? 1148 LEU A CB  1 
ATOM   841 C CG  . LEU A 1 104 ? -5.276  -1.361  1.483   1.00   38.25 ? 1148 LEU A CG  1 
ATOM   842 C CD1 . LEU A 1 104 ? -3.942  -2.046  1.516   1.00   36.88 ? 1148 LEU A CD1 1 
ATOM   843 C CD2 . LEU A 1 104 ? -5.317  -0.319  0.371   1.00   37.01 ? 1148 LEU A CD2 1 
ATOM   844 N N   . GLY A 1 105 ? -9.461  -3.585  1.747   1.00   42.09 ? 1149 GLY A N   1 
ATOM   845 C CA  . GLY A 1 105 ? -10.465 -4.521  1.265   1.00   43.64 ? 1149 GLY A CA  1 
ATOM   846 C C   . GLY A 1 105 ? -11.732 -3.785  0.920   1.00   45.10 ? 1149 GLY A C   1 
ATOM   847 O O   . GLY A 1 105 ? -12.377 -4.062  -0.099  1.00   45.19 ? 1149 GLY A O   1 
ATOM   848 N N   . ARG A 1 106 ? -12.077 -2.837  1.788   1.00   46.11 ? 1150 ARG A N   1 
ATOM   849 C CA  . ARG A 1 106 ? -13.244 -1.992  1.622   1.00   47.29 ? 1150 ARG A CA  1 
ATOM   850 C C   . ARG A 1 106 ? -13.132 -1.117  0.378   1.00   47.45 ? 1150 ARG A C   1 
ATOM   851 O O   . ARG A 1 106 ? -14.113 -0.864  -0.305  1.00   48.29 ? 1150 ARG A O   1 
ATOM   852 C CB  . ARG A 1 106 ? -13.423 -1.112  2.855   1.00   47.69 ? 1150 ARG A CB  1 
ATOM   853 C CG  . ARG A 1 106 ? -13.701 -1.884  4.148   1.00   49.89 ? 1150 ARG A CG  1 
ATOM   854 C CD  . ARG A 1 106 ? -13.964 -0.982  5.360   1.00   53.15 ? 1150 ARG A CD  1 
ATOM   855 N NE  . ARG A 1 106 ? -14.050 -1.726  6.614   1.00   55.70 ? 1150 ARG A NE  1 
ATOM   856 C CZ  . ARG A 1 106 ? -15.184 -1.988  7.245   1.00   58.77 ? 1150 ARG A CZ  1 
ATOM   857 N NH1 . ARG A 1 106 ? -16.347 -1.569  6.745   1.00   59.63 ? 1150 ARG A NH1 1 
ATOM   858 N NH2 . ARG A 1 106 ? -15.162 -2.671  8.382   1.00   60.32 ? 1150 ARG A NH2 1 
ATOM   859 N N   . ALA A 1 107 ? -11.932 -0.664  0.077   1.00   47.69 ? 1151 ALA A N   1 
ATOM   860 C CA  . ALA A 1 107 ? -11.733 0.178   -1.085  1.00   47.97 ? 1151 ALA A CA  1 
ATOM   861 C C   . ALA A 1 107 ? -11.807 -0.626  -2.368  1.00   48.19 ? 1151 ALA A C   1 
ATOM   862 O O   . ALA A 1 107 ? -12.460 -0.224  -3.328  1.00   48.39 ? 1151 ALA A O   1 
ATOM   863 C CB  . ALA A 1 107 ? -10.392 0.904   -0.996  1.00   47.77 ? 1151 ALA A CB  1 
ATOM   864 N N   . SER A 1 108 ? -11.131 -1.763  -2.397  1.00   48.30 ? 1152 SER A N   1 
ATOM   865 C CA  . SER A 1 108 ? -11.111 -2.556  -3.615  1.00   48.61 ? 1152 SER A CA  1 
ATOM   866 C C   . SER A 1 108 ? -12.504 -3.045  -3.981  1.00   48.70 ? 1152 SER A C   1 
ATOM   867 O O   . SER A 1 108 ? -12.882 -3.019  -5.148  1.00   49.22 ? 1152 SER A O   1 
ATOM   868 C CB  . SER A 1 108 ? -10.145 -3.724  -3.495  1.00   48.36 ? 1152 SER A CB  1 
ATOM   869 O OG  . SER A 1 108 ? -10.606 -4.655  -2.531  1.00   50.19 ? 1152 SER A OG  1 
ATOM   870 N N   . ARG A 1 109 ? -13.285 -3.461  -2.990  1.00   48.65 ? 1153 ARG A N   1 
ATOM   871 C CA  . ARG A 1 109 ? -14.630 -3.940  -3.279  1.00   48.28 ? 1153 ARG A CA  1 
ATOM   872 C C   . ARG A 1 109 ? -15.595 -2.769  -3.519  1.00   48.83 ? 1153 ARG A C   1 
ATOM   873 O O   . ARG A 1 109 ? -15.158 -1.643  -3.811  1.00   49.32 ? 1153 ARG A O   1 
ATOM   874 C CB  . ARG A 1 109 ? -15.123 -4.883  -2.177  1.00   47.90 ? 1153 ARG A CB  1 
ATOM   875 C CG  . ARG A 1 109 ? -16.240 -4.355  -1.248  1.00   47.03 ? 1153 ARG A CG  1 
ATOM   876 C CD  . ARG A 1 109 ? -16.205 -5.076  0.112   1.00   43.25 ? 1153 ARG A CD  1 
ATOM   877 N NE  . ARG A 1 109 ? -14.880 -5.698  0.202   1.00   43.82 ? 1153 ARG A NE  1 
ATOM   878 C CZ  . ARG A 1 109 ? -14.337 -6.265  1.279   1.00   41.56 ? 1153 ARG A CZ  1 
ATOM   879 N NH1 . ARG A 1 109 ? -15.009 -6.336  2.431   1.00   43.61 ? 1153 ARG A NH1 1 
ATOM   880 N NH2 . ARG A 1 109 ? -13.118 -6.790  1.190   1.00   37.87 ? 1153 ARG A NH2 1 
HETATM 881 C C1  . 4IP B 2 .   ? 14.188  3.424   -7.356  1.00   98.14 ? 2154 4IP A C1  1 
HETATM 882 O O1  . 4IP B 2 .   ? 15.453  2.825   -7.012  1.00   97.54 ? 2154 4IP A O1  1 
HETATM 883 C C2  . 4IP B 2 .   ? 13.922  4.591   -6.400  1.00   98.21 ? 2154 4IP A C2  1 
HETATM 884 O O2  . 4IP B 2 .   ? 14.113  4.174   -5.040  1.00   98.29 ? 2154 4IP A O2  1 
HETATM 885 C C3  . 4IP B 2 .   ? 12.520  5.201   -6.597  1.00   98.01 ? 2154 4IP A C3  1 
HETATM 886 O O3  . 4IP B 2 .   ? 12.242  6.179   -5.574  1.00   98.40 ? 2154 4IP A O3  1 
HETATM 887 C C4  . 4IP B 2 .   ? 11.389  4.168   -6.560  1.00   97.38 ? 2154 4IP A C4  1 
HETATM 888 O O4  . 4IP B 2 .   ? 10.229  4.824   -7.060  1.00   95.34 ? 2154 4IP A O4  1 
HETATM 889 C C5  . 4IP B 2 .   ? 11.625  2.908   -7.414  1.00   98.29 ? 2154 4IP A C5  1 
HETATM 890 O O5  . 4IP B 2 .   ? 10.605  1.919   -7.051  1.00   98.92 ? 2154 4IP A O5  1 
HETATM 891 C C6  . 4IP B 2 .   ? 13.079  2.351   -7.327  1.00   98.43 ? 2154 4IP A C6  1 
HETATM 892 O O6  . 4IP B 2 .   ? 13.323  1.465   -8.426  1.00   98.68 ? 2154 4IP A O6  1 
HETATM 893 P P1  . 4IP B 2 .   ? 16.794  3.162   -7.865  1.00   96.58 ? 2154 4IP A P1  1 
HETATM 894 O O1P . 4IP B 2 .   ? 16.705  4.753   -8.181  1.00   97.05 ? 2154 4IP A O1P 1 
HETATM 895 O O2P . 4IP B 2 .   ? 16.577  2.382   -9.265  1.00   96.92 ? 2154 4IP A O2P 1 
HETATM 896 O O3P . 4IP B 2 .   ? 18.060  2.782   -7.199  1.00   96.63 ? 2154 4IP A O3P 1 
HETATM 897 P P3  . 4IP B 2 .   ? 12.747  7.732   -5.660  1.00   97.19 ? 2154 4IP A P3  1 
HETATM 898 O O4P . 4IP B 2 .   ? 12.940  8.050   -7.233  1.00   97.22 ? 2154 4IP A O4P 1 
HETATM 899 O O5P . 4IP B 2 .   ? 11.511  8.689   -5.263  1.00   97.65 ? 2154 4IP A O5P 1 
HETATM 900 O O6P . 4IP B 2 .   ? 13.938  7.989   -4.831  1.00   97.03 ? 2154 4IP A O6P 1 
HETATM 901 P P4  . 4IP B 2 .   ? 9.174   5.424   -6.047  1.00   93.10 ? 2154 4IP A P4  1 
HETATM 902 O O7P . 4IP B 2 .   ? 9.623   6.932   -5.712  1.00   92.53 ? 2154 4IP A O7P 1 
HETATM 903 O O8P . 4IP B 2 .   ? 7.751   5.526   -6.832  1.00   93.25 ? 2154 4IP A O8P 1 
HETATM 904 O O9P . 4IP B 2 .   ? 9.065   4.614   -4.813  1.00   92.92 ? 2154 4IP A O9P 1 
HETATM 905 P P5  . 4IP B 2 .   ? 9.358   1.521   -8.071  1.00   98.53 ? 2154 4IP A P5  1 
HETATM 906 O OPF . 4IP B 2 .   ? 9.764   2.158   -9.491  1.00   98.92 ? 2154 4IP A OPF 1 
HETATM 907 O OPG . 4IP B 2 .   ? 9.506   -0.074  -8.328  1.00   99.56 ? 2154 4IP A OPG 1 
HETATM 908 O OPH . 4IP B 2 .   ? 7.996   1.939   -7.671  1.00   99.98 ? 2154 4IP A OPH 1 
HETATM 909 O O   . HOH C 3 .   ? 6.965   22.551  -1.944  1.00   71.36 ? 2001 HOH A O   1 
HETATM 910 O O   . HOH C 3 .   ? -0.559  3.482   10.510  1.00   59.16 ? 2002 HOH A O   1 
HETATM 911 O O   . HOH C 3 .   ? 3.015   4.598   10.435  1.00   39.55 ? 2003 HOH A O   1 
HETATM 912 O O   . HOH C 3 .   ? 13.044  1.290   6.542   1.00   78.04 ? 2004 HOH A O   1 
HETATM 913 O O   . HOH C 3 .   ? 13.921  -4.224  -15.207 1.00   71.54 ? 2005 HOH A O   1 
HETATM 914 O O   . HOH C 3 .   ? 13.406  -8.989  1.344   1.00   74.13 ? 2006 HOH A O   1 
HETATM 915 O O   . HOH C 3 .   ? -12.041 7.612   -4.360  1.00   47.04 ? 2007 HOH A O   1 
HETATM 916 O O   . HOH C 3 .   ? 5.783   14.263  1.792   1.00   50.53 ? 2008 HOH A O   1 
HETATM 917 O O   . HOH C 3 .   ? 7.637   12.134  8.171   1.00   41.73 ? 2009 HOH A O   1 
HETATM 918 O O   . HOH C 3 .   ? 7.345   20.216  -0.170  1.00   58.13 ? 2010 HOH A O   1 
HETATM 919 O O   . HOH C 3 .   ? 6.601   12.975  -1.500  1.00   51.28 ? 2011 HOH A O   1 
HETATM 920 O O   . HOH C 3 .   ? -4.560  2.553   -10.235 1.00   42.51 ? 2012 HOH A O   1 
HETATM 921 O O   . HOH C 3 .   ? -8.544  0.968   -13.390 1.00   50.56 ? 2013 HOH A O   1 
HETATM 922 O O   . HOH C 3 .   ? -11.451 0.355   -11.341 1.00   50.46 ? 2014 HOH A O   1 
HETATM 923 O O   . HOH C 3 .   ? -9.139  -7.370  -2.588  1.00   48.55 ? 2015 HOH A O   1 
HETATM 924 O O   . HOH C 3 .   ? -0.026  -12.764 -1.902  1.00   48.84 ? 2016 HOH A O   1 
HETATM 925 O O   . HOH C 3 .   ? -0.312  -13.927 8.690   1.00   65.92 ? 2017 HOH A O   1 
HETATM 926 O O   . HOH C 3 .   ? 13.953  -2.267  5.385   1.00   60.36 ? 2018 HOH A O   1 
HETATM 927 O O   . HOH C 3 .   ? 8.065   -6.114  7.336   1.00   41.18 ? 2019 HOH A O   1 
HETATM 928 O O   . HOH C 3 .   ? 4.771   -11.856 4.326   1.00   64.95 ? 2020 HOH A O   1 
HETATM 929 O O   . HOH C 3 .   ? 1.456   -11.741 5.161   1.00   48.55 ? 2021 HOH A O   1 
HETATM 930 O O   . HOH C 3 .   ? -1.453  -9.482  -11.843 1.00   42.18 ? 2022 HOH A O   1 
HETATM 931 O O   . HOH C 3 .   ? -5.437  -4.373  -16.928 1.00   44.33 ? 2023 HOH A O   1 
HETATM 932 O O   . HOH C 3 .   ? 3.910   -5.228  -11.591 1.00   51.41 ? 2024 HOH A O   1 
HETATM 933 O O   . HOH C 3 .   ? 2.407   -9.877  -9.943  1.00   46.22 ? 2025 HOH A O   1 
HETATM 934 O O   . HOH C 3 .   ? 3.256   -0.516  9.354   1.00   55.90 ? 2026 HOH A O   1 
HETATM 935 O O   . HOH C 3 .   ? -8.668  -0.411  9.008   1.00   46.34 ? 2027 HOH A O   1 
HETATM 936 O O   . HOH C 3 .   ? -10.202 -7.582  3.898   1.00   86.30 ? 2028 HOH A O   1 
HETATM 937 O O   . HOH C 3 .   ? 15.163  6.526   -8.913  1.00   67.65 ? 2029 HOH A O   1 
# 
loop_
_pdbx_poly_seq_scheme.asym_id 
_pdbx_poly_seq_scheme.entity_id 
_pdbx_poly_seq_scheme.seq_id 
_pdbx_poly_seq_scheme.mon_id 
_pdbx_poly_seq_scheme.ndb_seq_num 
_pdbx_poly_seq_scheme.pdb_seq_num 
_pdbx_poly_seq_scheme.auth_seq_num 
_pdbx_poly_seq_scheme.pdb_mon_id 
_pdbx_poly_seq_scheme.auth_mon_id 
_pdbx_poly_seq_scheme.pdb_strand_id 
_pdbx_poly_seq_scheme.pdb_ins_code 
_pdbx_poly_seq_scheme.hetero 
A 1 1   ASN 1   1045 ?    ?   ?   A . n 
A 1 2   ALA 2   1046 ?    ?   ?   A . n 
A 1 3   LEU 3   1047 1047 LEU LEU A . n 
A 1 4   ARG 4   1048 1048 ARG ARG A . n 
A 1 5   ARG 5   1049 1049 ARG ARG A . n 
A 1 6   ASP 6   1050 1050 ASP ASP A . n 
A 1 7   PRO 7   1051 1051 PRO PRO A . n 
A 1 8   ASN 8   1052 1052 ASN ASN A . n 
A 1 9   LEU 9   1053 1053 LEU LEU A . n 
A 1 10  PRO 10  1054 1054 PRO PRO A . n 
A 1 11  VAL 11  1055 1055 VAL VAL A . n 
A 1 12  HIS 12  1056 1056 HIS HIS A . n 
A 1 13  ILE 13  1057 1057 ILE ILE A . n 
A 1 14  ARG 14  1058 1058 ARG ARG A . n 
A 1 15  GLY 15  1059 1059 GLY GLY A . n 
A 1 16  TRP 16  1060 1060 TRP TRP A . n 
A 1 17  LEU 17  1061 1061 LEU LEU A . n 
A 1 18  HIS 18  1062 1062 HIS HIS A . n 
A 1 19  LYS 19  1063 1063 LYS LYS A . n 
A 1 20  GLN 20  1064 1064 GLN GLN A . n 
A 1 21  ASP 21  1065 1065 ASP ASP A . n 
A 1 22  SER 22  1066 1066 SER SER A . n 
A 1 23  SER 23  1067 1067 SER SER A . n 
A 1 24  GLY 24  1068 1068 GLY GLY A . n 
A 1 25  LEU 25  1069 1069 LEU LEU A . n 
A 1 26  ARG 26  1070 1070 ARG ARG A . n 
A 1 27  LEU 27  1071 1071 LEU LEU A . n 
A 1 28  TRP 28  1072 1072 TRP TRP A . n 
A 1 29  LYS 29  1073 1073 LYS LYS A . n 
A 1 30  ARG 30  1074 1074 ARG ARG A . n 
A 1 31  ARG 31  1075 1075 ARG ARG A . n 
A 1 32  TRP 32  1076 1076 TRP TRP A . n 
A 1 33  PHE 33  1077 1077 PHE PHE A . n 
A 1 34  VAL 34  1078 1078 VAL VAL A . n 
A 1 35  LEU 35  1079 1079 LEU LEU A . n 
A 1 36  SER 36  1080 1080 SER SER A . n 
A 1 37  GLY 37  1081 1081 GLY GLY A . n 
A 1 38  HIS 38  1082 1082 HIS HIS A . n 
A 1 39  CYS 39  1083 1083 CYS CYS A . n 
A 1 40  LEU 40  1084 1084 LEU LEU A . n 
A 1 41  PHE 41  1085 1085 PHE PHE A . n 
A 1 42  TYR 42  1086 1086 TYR TYR A . n 
A 1 43  TYR 43  1087 1087 TYR TYR A . n 
A 1 44  LYS 44  1088 1088 LYS LYS A . n 
A 1 45  ASP 45  1089 1089 ASP ASP A . n 
A 1 46  SER 46  1090 1090 SER SER A . n 
A 1 47  ARG 47  1091 1091 ARG ARG A . n 
A 1 48  GLU 48  1092 1092 GLU GLU A . n 
A 1 49  GLU 49  1093 1093 GLU GLU A . n 
A 1 50  SER 50  1094 1094 SER SER A . n 
A 1 51  VAL 51  1095 1095 VAL VAL A . n 
A 1 52  LEU 52  1096 1096 LEU LEU A . n 
A 1 53  GLY 53  1097 1097 GLY GLY A . n 
A 1 54  SER 54  1098 1098 SER SER A . n 
A 1 55  VAL 55  1099 1099 VAL VAL A . n 
A 1 56  LEU 56  1100 1100 LEU LEU A . n 
A 1 57  LEU 57  1101 1101 LEU LEU A . n 
A 1 58  PRO 58  1102 1102 PRO PRO A . n 
A 1 59  SER 59  1103 1103 SER SER A . n 
A 1 60  TYR 60  1104 1104 TYR TYR A . n 
A 1 61  ASN 61  1105 1105 ASN ASN A . n 
A 1 62  ILE 62  1106 1106 ILE ILE A . n 
A 1 63  ARG 63  1107 1107 ARG ARG A . n 
A 1 64  PRO 64  1108 1108 PRO PRO A . n 
A 1 65  ASP 65  1109 1109 ASP ASP A . n 
A 1 66  GLY 66  1110 1110 GLY GLY A . n 
A 1 67  PRO 67  1111 1111 PRO PRO A . n 
A 1 68  GLY 68  1112 1112 GLY GLY A . n 
A 1 69  ALA 69  1113 1113 ALA ALA A . n 
A 1 70  PRO 70  1114 1114 PRO PRO A . n 
A 1 71  ARG 71  1115 1115 ARG ARG A . n 
A 1 72  GLY 72  1116 1116 GLY GLY A . n 
A 1 73  ARG 73  1117 1117 ARG ARG A . n 
A 1 74  ARG 74  1118 1118 ARG ARG A . n 
A 1 75  PHE 75  1119 1119 PHE PHE A . n 
A 1 76  THR 76  1120 1120 THR THR A . n 
A 1 77  PHE 77  1121 1121 PHE PHE A . n 
A 1 78  THR 78  1122 1122 THR THR A . n 
A 1 79  ALA 79  1123 1123 ALA ALA A . n 
A 1 80  GLU 80  1124 1124 GLU GLU A . n 
A 1 81  HIS 81  1125 1125 HIS HIS A . n 
A 1 82  PRO 82  1126 1126 PRO PRO A . n 
A 1 83  GLY 83  1127 1127 GLY GLY A . n 
A 1 84  MET 84  1128 1128 MET MET A . n 
A 1 85  ARG 85  1129 1129 ARG ARG A . n 
A 1 86  THR 86  1130 1130 THR THR A . n 
A 1 87  TYR 87  1131 1131 TYR TYR A . n 
A 1 88  VAL 88  1132 1132 VAL VAL A . n 
A 1 89  LEU 89  1133 1133 LEU LEU A . n 
A 1 90  ALA 90  1134 1134 ALA ALA A . n 
A 1 91  ALA 91  1135 1135 ALA ALA A . n 
A 1 92  ASP 92  1136 1136 ASP ASP A . n 
A 1 93  THR 93  1137 1137 THR THR A . n 
A 1 94  LEU 94  1138 1138 LEU LEU A . n 
A 1 95  GLU 95  1139 1139 GLU GLU A . n 
A 1 96  ASP 96  1140 1140 ASP ASP A . n 
A 1 97  LEU 97  1141 1141 LEU LEU A . n 
A 1 98  ARG 98  1142 1142 ARG ARG A . n 
A 1 99  GLY 99  1143 1143 GLY GLY A . n 
A 1 100 TRP 100 1144 1144 TRP TRP A . n 
A 1 101 LEU 101 1145 1145 LEU LEU A . n 
A 1 102 ARG 102 1146 1146 ARG ARG A . n 
A 1 103 ALA 103 1147 1147 ALA ALA A . n 
A 1 104 LEU 104 1148 1148 LEU LEU A . n 
A 1 105 GLY 105 1149 1149 GLY GLY A . n 
A 1 106 ARG 106 1150 1150 ARG ARG A . n 
A 1 107 ALA 107 1151 1151 ALA ALA A . n 
A 1 108 SER 108 1152 1152 SER SER A . n 
A 1 109 ARG 109 1153 1153 ARG ARG A . n 
A 1 110 ALA 110 1154 ?    ?   ?   A . n 
A 1 111 GLU 111 1155 ?    ?   ?   A . n 
A 1 112 GLY 112 1156 ?    ?   ?   A . n 
A 1 113 ASP 113 1157 ?    ?   ?   A . n 
A 1 114 ASP 114 1158 ?    ?   ?   A . n 
A 1 115 TYR 115 1159 ?    ?   ?   A . n 
A 1 116 GLY 116 1160 ?    ?   ?   A . n 
A 1 117 GLN 117 1161 ?    ?   ?   A . n 
A 1 118 PRO 118 1162 ?    ?   ?   A . n 
A 1 119 ARG 119 1163 ?    ?   ?   A . n 
A 1 120 SER 120 1164 ?    ?   ?   A . n 
A 1 121 PRO 121 1165 ?    ?   ?   A . n 
A 1 122 ALA 122 1166 ?    ?   ?   A . n 
A 1 123 ARG 123 1167 ?    ?   ?   A . n 
# 
loop_
_pdbx_nonpoly_scheme.asym_id 
_pdbx_nonpoly_scheme.entity_id 
_pdbx_nonpoly_scheme.mon_id 
_pdbx_nonpoly_scheme.ndb_seq_num 
_pdbx_nonpoly_scheme.pdb_seq_num 
_pdbx_nonpoly_scheme.auth_seq_num 
_pdbx_nonpoly_scheme.pdb_mon_id 
_pdbx_nonpoly_scheme.auth_mon_id 
_pdbx_nonpoly_scheme.pdb_strand_id 
_pdbx_nonpoly_scheme.pdb_ins_code 
B 2 4IP 1  2154 2154 4IP 4IP A . 
C 3 HOH 1  2001 2001 HOH HOH A . 
C 3 HOH 2  2002 2002 HOH HOH A . 
C 3 HOH 3  2003 2003 HOH HOH A . 
C 3 HOH 4  2004 2004 HOH HOH A . 
C 3 HOH 5  2005 2005 HOH HOH A . 
C 3 HOH 6  2006 2006 HOH HOH A . 
C 3 HOH 7  2007 2007 HOH HOH A . 
C 3 HOH 8  2008 2008 HOH HOH A . 
C 3 HOH 9  2009 2009 HOH HOH A . 
C 3 HOH 10 2010 2010 HOH HOH A . 
C 3 HOH 11 2011 2011 HOH HOH A . 
C 3 HOH 12 2012 2012 HOH HOH A . 
C 3 HOH 13 2013 2013 HOH HOH A . 
C 3 HOH 14 2014 2014 HOH HOH A . 
C 3 HOH 15 2015 2015 HOH HOH A . 
C 3 HOH 16 2016 2016 HOH HOH A . 
C 3 HOH 17 2017 2017 HOH HOH A . 
C 3 HOH 18 2018 2018 HOH HOH A . 
C 3 HOH 19 2019 2019 HOH HOH A . 
C 3 HOH 20 2020 2020 HOH HOH A . 
C 3 HOH 21 2021 2021 HOH HOH A . 
C 3 HOH 22 2022 2022 HOH HOH A . 
C 3 HOH 23 2023 2023 HOH HOH A . 
C 3 HOH 24 2024 2024 HOH HOH A . 
C 3 HOH 25 2025 2025 HOH HOH A . 
C 3 HOH 26 2026 2026 HOH HOH A . 
C 3 HOH 27 2027 2027 HOH HOH A . 
C 3 HOH 28 2028 2028 HOH HOH A . 
C 3 HOH 29 2029 2029 HOH HOH A . 
# 
_pdbx_struct_assembly.id                   1 
_pdbx_struct_assembly.details              author_and_software_defined_assembly 
_pdbx_struct_assembly.method_details       PISA 
_pdbx_struct_assembly.oligomeric_details   monomeric 
_pdbx_struct_assembly.oligomeric_count     1 
# 
_pdbx_struct_assembly_gen.assembly_id       1 
_pdbx_struct_assembly_gen.oper_expression   1 
_pdbx_struct_assembly_gen.asym_id_list      A,B,C 
# 
_pdbx_struct_oper_list.id                   1 
_pdbx_struct_oper_list.type                 'identity operation' 
_pdbx_struct_oper_list.name                 1_555 
_pdbx_struct_oper_list.symmetry_operation   x,y,z 
_pdbx_struct_oper_list.matrix[1][1]         1.0000000000 
_pdbx_struct_oper_list.matrix[1][2]         0.0000000000 
_pdbx_struct_oper_list.matrix[1][3]         0.0000000000 
_pdbx_struct_oper_list.vector[1]            0.0000000000 
_pdbx_struct_oper_list.matrix[2][1]         0.0000000000 
_pdbx_struct_oper_list.matrix[2][2]         1.0000000000 
_pdbx_struct_oper_list.matrix[2][3]         0.0000000000 
_pdbx_struct_oper_list.vector[2]            0.0000000000 
_pdbx_struct_oper_list.matrix[3][1]         0.0000000000 
_pdbx_struct_oper_list.matrix[3][2]         0.0000000000 
_pdbx_struct_oper_list.matrix[3][3]         1.0000000000 
_pdbx_struct_oper_list.vector[3]            0.0000000000 
# 
loop_
_pdbx_audit_revision_history.ordinal 
_pdbx_audit_revision_history.data_content_type 
_pdbx_audit_revision_history.major_revision 
_pdbx_audit_revision_history.minor_revision 
_pdbx_audit_revision_history.revision_date 
1 'Structure model' 1 0 2004-10-20 
2 'Structure model' 1 1 2012-05-16 
3 'Structure model' 1 2 2016-12-07 
4 'Structure model' 1 3 2023-12-13 
# 
_pdbx_audit_revision_details.ordinal             1 
_pdbx_audit_revision_details.revision_ordinal    1 
_pdbx_audit_revision_details.data_content_type   'Structure model' 
_pdbx_audit_revision_details.provider            repository 
_pdbx_audit_revision_details.type                'Initial release' 
_pdbx_audit_revision_details.description         ? 
_pdbx_audit_revision_details.details             ? 
# 
loop_
_pdbx_audit_revision_group.ordinal 
_pdbx_audit_revision_group.revision_ordinal 
_pdbx_audit_revision_group.data_content_type 
_pdbx_audit_revision_group.group 
1  2 'Structure model' 'Database references'       
2  2 'Structure model' 'Derived calculations'      
3  2 'Structure model' 'Non-polymer description'   
4  2 'Structure model' Other                       
5  2 'Structure model' 'Refinement description'    
6  2 'Structure model' 'Structure summary'         
7  2 'Structure model' 'Version format compliance' 
8  3 'Structure model' 'Database references'       
9  4 'Structure model' 'Data collection'           
10 4 'Structure model' 'Database references'       
11 4 'Structure model' 'Derived calculations'      
12 4 'Structure model' Other                       
13 4 'Structure model' 'Refinement description'    
# 
loop_
_pdbx_audit_revision_category.ordinal 
_pdbx_audit_revision_category.revision_ordinal 
_pdbx_audit_revision_category.data_content_type 
_pdbx_audit_revision_category.category 
1 4 'Structure model' chem_comp_atom                
2 4 'Structure model' chem_comp_bond                
3 4 'Structure model' database_2                    
4 4 'Structure model' pdbx_database_status          
5 4 'Structure model' pdbx_initial_refinement_model 
6 4 'Structure model' struct_site                   
# 
loop_
_pdbx_audit_revision_item.ordinal 
_pdbx_audit_revision_item.revision_ordinal 
_pdbx_audit_revision_item.data_content_type 
_pdbx_audit_revision_item.item 
1 4 'Structure model' '_database_2.pdbx_DOI'                 
2 4 'Structure model' '_database_2.pdbx_database_accession'  
3 4 'Structure model' '_pdbx_database_status.status_code_sf' 
4 4 'Structure model' '_struct_site.pdbx_auth_asym_id'       
5 4 'Structure model' '_struct_site.pdbx_auth_comp_id'       
6 4 'Structure model' '_struct_site.pdbx_auth_seq_id'        
# 
_pdbx_refine_tls.pdbx_refine_id   'X-RAY DIFFRACTION' 
_pdbx_refine_tls.id               1 
_pdbx_refine_tls.details          ? 
_pdbx_refine_tls.method           refined 
_pdbx_refine_tls.origin_x         0.2255 
_pdbx_refine_tls.origin_y         0.4666 
_pdbx_refine_tls.origin_z         0.3190 
_pdbx_refine_tls.T[1][1]          0.0451 
_pdbx_refine_tls.T[2][2]          0.0956 
_pdbx_refine_tls.T[3][3]          0.0437 
_pdbx_refine_tls.T[1][2]          -0.0195 
_pdbx_refine_tls.T[1][3]          0.0410 
_pdbx_refine_tls.T[2][3]          0.0058 
_pdbx_refine_tls.L[1][1]          1.3665 
_pdbx_refine_tls.L[2][2]          3.7958 
_pdbx_refine_tls.L[3][3]          2.0340 
_pdbx_refine_tls.L[1][2]          -0.4777 
_pdbx_refine_tls.L[1][3]          0.5258 
_pdbx_refine_tls.L[2][3]          0.6028 
_pdbx_refine_tls.S[1][1]          0.0300 
_pdbx_refine_tls.S[1][2]          -0.0140 
_pdbx_refine_tls.S[1][3]          -0.0146 
_pdbx_refine_tls.S[2][1]          -0.0750 
_pdbx_refine_tls.S[2][2]          0.0033 
_pdbx_refine_tls.S[2][3]          -0.0127 
_pdbx_refine_tls.S[3][1]          -0.0100 
_pdbx_refine_tls.S[3][2]          -0.0675 
_pdbx_refine_tls.S[3][3]          -0.0335 
# 
_pdbx_refine_tls_group.pdbx_refine_id      'X-RAY DIFFRACTION' 
_pdbx_refine_tls_group.id                  1 
_pdbx_refine_tls_group.refine_tls_id       1 
_pdbx_refine_tls_group.beg_auth_asym_id    A 
_pdbx_refine_tls_group.beg_auth_seq_id     1047 
_pdbx_refine_tls_group.beg_label_asym_id   ? 
_pdbx_refine_tls_group.beg_label_seq_id    ? 
_pdbx_refine_tls_group.end_auth_asym_id    A 
_pdbx_refine_tls_group.end_auth_seq_id     1115 
_pdbx_refine_tls_group.end_label_asym_id   ? 
_pdbx_refine_tls_group.end_label_seq_id    ? 
_pdbx_refine_tls_group.selection           ? 
_pdbx_refine_tls_group.selection_details   ? 
# 
loop_
_software.name 
_software.classification 
_software.version 
_software.citation_id 
_software.pdbx_ordinal 
REFMAC    refinement       5.0 ? 1 
DENZO     'data reduction' .   ? 2 
SCALEPACK 'data scaling'   .   ? 3 
AMoRE     phasing          .   ? 4 
# 
_pdbx_validate_close_contact.id               1 
_pdbx_validate_close_contact.PDB_model_num    1 
_pdbx_validate_close_contact.auth_atom_id_1   NH2 
_pdbx_validate_close_contact.auth_asym_id_1   A 
_pdbx_validate_close_contact.auth_comp_id_1   ARG 
_pdbx_validate_close_contact.auth_seq_id_1    1129 
_pdbx_validate_close_contact.PDB_ins_code_1   ? 
_pdbx_validate_close_contact.label_alt_id_1   ? 
_pdbx_validate_close_contact.auth_atom_id_2   OPH 
_pdbx_validate_close_contact.auth_asym_id_2   A 
_pdbx_validate_close_contact.auth_comp_id_2   4IP 
_pdbx_validate_close_contact.auth_seq_id_2    2154 
_pdbx_validate_close_contact.PDB_ins_code_2   ? 
_pdbx_validate_close_contact.label_alt_id_2   ? 
_pdbx_validate_close_contact.dist             2.18 
# 
_pdbx_validate_rmsd_angle.id                         1 
_pdbx_validate_rmsd_angle.PDB_model_num              1 
_pdbx_validate_rmsd_angle.auth_atom_id_1             CB 
_pdbx_validate_rmsd_angle.auth_asym_id_1             A 
_pdbx_validate_rmsd_angle.auth_comp_id_1             ASP 
_pdbx_validate_rmsd_angle.auth_seq_id_1              1136 
_pdbx_validate_rmsd_angle.PDB_ins_code_1             ? 
_pdbx_validate_rmsd_angle.label_alt_id_1             ? 
_pdbx_validate_rmsd_angle.auth_atom_id_2             CG 
_pdbx_validate_rmsd_angle.auth_asym_id_2             A 
_pdbx_validate_rmsd_angle.auth_comp_id_2             ASP 
_pdbx_validate_rmsd_angle.auth_seq_id_2              1136 
_pdbx_validate_rmsd_angle.PDB_ins_code_2             ? 
_pdbx_validate_rmsd_angle.label_alt_id_2             ? 
_pdbx_validate_rmsd_angle.auth_atom_id_3             OD2 
_pdbx_validate_rmsd_angle.auth_asym_id_3             A 
_pdbx_validate_rmsd_angle.auth_comp_id_3             ASP 
_pdbx_validate_rmsd_angle.auth_seq_id_3              1136 
_pdbx_validate_rmsd_angle.PDB_ins_code_3             ? 
_pdbx_validate_rmsd_angle.label_alt_id_3             ? 
_pdbx_validate_rmsd_angle.angle_value                124.00 
_pdbx_validate_rmsd_angle.angle_target_value         118.30 
_pdbx_validate_rmsd_angle.angle_deviation            5.70 
_pdbx_validate_rmsd_angle.angle_standard_deviation   0.90 
_pdbx_validate_rmsd_angle.linker_flag                N 
# 
loop_
_pdbx_validate_torsion.id 
_pdbx_validate_torsion.PDB_model_num 
_pdbx_validate_torsion.auth_comp_id 
_pdbx_validate_torsion.auth_asym_id 
_pdbx_validate_torsion.auth_seq_id 
_pdbx_validate_torsion.PDB_ins_code 
_pdbx_validate_torsion.label_alt_id 
_pdbx_validate_torsion.phi 
_pdbx_validate_torsion.psi 
1 1 ASN A 1052 ? ? -95.70  47.10   
2 1 SER A 1067 ? ? -133.68 -118.06 
3 1 GLU A 1093 ? ? -87.06  -78.75  
# 
loop_
_pdbx_unobs_or_zero_occ_atoms.id 
_pdbx_unobs_or_zero_occ_atoms.PDB_model_num 
_pdbx_unobs_or_zero_occ_atoms.polymer_flag 
_pdbx_unobs_or_zero_occ_atoms.occupancy_flag 
_pdbx_unobs_or_zero_occ_atoms.auth_asym_id 
_pdbx_unobs_or_zero_occ_atoms.auth_comp_id 
_pdbx_unobs_or_zero_occ_atoms.auth_seq_id 
_pdbx_unobs_or_zero_occ_atoms.PDB_ins_code 
_pdbx_unobs_or_zero_occ_atoms.auth_atom_id 
_pdbx_unobs_or_zero_occ_atoms.label_alt_id 
_pdbx_unobs_or_zero_occ_atoms.label_asym_id 
_pdbx_unobs_or_zero_occ_atoms.label_comp_id 
_pdbx_unobs_or_zero_occ_atoms.label_seq_id 
_pdbx_unobs_or_zero_occ_atoms.label_atom_id 
1  1 Y 0 A ARG 1048 ? CG  ? A ARG 4  CG  
2  1 Y 0 A ARG 1048 ? CD  ? A ARG 4  CD  
3  1 Y 0 A ARG 1048 ? NE  ? A ARG 4  NE  
4  1 Y 0 A ARG 1048 ? CZ  ? A ARG 4  CZ  
5  1 Y 0 A ARG 1048 ? NH1 ? A ARG 4  NH1 
6  1 Y 0 A ARG 1048 ? NH2 ? A ARG 4  NH2 
7  1 Y 0 A ASN 1052 ? CG  ? A ASN 8  CG  
8  1 Y 0 A ASN 1052 ? OD1 ? A ASN 8  OD1 
9  1 Y 0 A ASN 1052 ? ND2 ? A ASN 8  ND2 
10 1 Y 0 A ARG 1070 ? CD  ? A ARG 26 CD  
11 1 Y 0 A ARG 1070 ? NE  ? A ARG 26 NE  
12 1 Y 0 A ARG 1070 ? CZ  ? A ARG 26 CZ  
13 1 Y 0 A ARG 1070 ? NH1 ? A ARG 26 NH1 
14 1 Y 0 A ARG 1070 ? NH2 ? A ARG 26 NH2 
15 1 Y 0 A ASN 1105 ? OD1 ? A ASN 61 OD1 
16 1 Y 0 A ASN 1105 ? ND2 ? A ASN 61 ND2 
17 1 Y 0 A ARG 1142 ? CG  ? A ARG 98 CG  
18 1 Y 0 A ARG 1142 ? CD  ? A ARG 98 CD  
19 1 Y 0 A ARG 1142 ? NE  ? A ARG 98 NE  
20 1 Y 0 A ARG 1142 ? CZ  ? A ARG 98 CZ  
21 1 Y 0 A ARG 1142 ? NH1 ? A ARG 98 NH1 
22 1 Y 0 A ARG 1142 ? NH2 ? A ARG 98 NH2 
# 
loop_
_pdbx_unobs_or_zero_occ_residues.id 
_pdbx_unobs_or_zero_occ_residues.PDB_model_num 
_pdbx_unobs_or_zero_occ_residues.polymer_flag 
_pdbx_unobs_or_zero_occ_residues.occupancy_flag 
_pdbx_unobs_or_zero_occ_residues.auth_asym_id 
_pdbx_unobs_or_zero_occ_residues.auth_comp_id 
_pdbx_unobs_or_zero_occ_residues.auth_seq_id 
_pdbx_unobs_or_zero_occ_residues.PDB_ins_code 
_pdbx_unobs_or_zero_occ_residues.label_asym_id 
_pdbx_unobs_or_zero_occ_residues.label_comp_id 
_pdbx_unobs_or_zero_occ_residues.label_seq_id 
1  1 Y 1 A ASN 1045 ? A ASN 1   
2  1 Y 1 A ALA 1046 ? A ALA 2   
3  1 Y 1 A ALA 1154 ? A ALA 110 
4  1 Y 1 A GLU 1155 ? A GLU 111 
5  1 Y 1 A GLY 1156 ? A GLY 112 
6  1 Y 1 A ASP 1157 ? A ASP 113 
7  1 Y 1 A ASP 1158 ? A ASP 114 
8  1 Y 1 A TYR 1159 ? A TYR 115 
9  1 Y 1 A GLY 1160 ? A GLY 116 
10 1 Y 1 A GLN 1161 ? A GLN 117 
11 1 Y 1 A PRO 1162 ? A PRO 118 
12 1 Y 1 A ARG 1163 ? A ARG 119 
13 1 Y 1 A SER 1164 ? A SER 120 
14 1 Y 1 A PRO 1165 ? A PRO 121 
15 1 Y 1 A ALA 1166 ? A ALA 122 
16 1 Y 1 A ARG 1167 ? A ARG 123 
# 
loop_
_chem_comp_atom.comp_id 
_chem_comp_atom.atom_id 
_chem_comp_atom.type_symbol 
_chem_comp_atom.pdbx_aromatic_flag 
_chem_comp_atom.pdbx_stereo_config 
_chem_comp_atom.pdbx_ordinal 
4IP C1   C N N 1   
4IP O1   O N N 2   
4IP C2   C N S 3   
4IP O2   O N N 4   
4IP C3   C N S 5   
4IP O3   O N N 6   
4IP C4   C N N 7   
4IP O4   O N N 8   
4IP C5   C N R 9   
4IP O5   O N N 10  
4IP C6   C N S 11  
4IP O6   O N N 12  
4IP P1   P N N 13  
4IP O1P  O N N 14  
4IP O2P  O N N 15  
4IP O3P  O N N 16  
4IP P3   P N N 17  
4IP O4P  O N N 18  
4IP O5P  O N N 19  
4IP O6P  O N N 20  
4IP P4   P N N 21  
4IP O7P  O N N 22  
4IP O8P  O N N 23  
4IP O9P  O N N 24  
4IP P5   P N N 25  
4IP OPF  O N N 26  
4IP OPG  O N N 27  
4IP OPH  O N N 28  
4IP H1   H N N 29  
4IP H2   H N N 30  
4IP HO2  H N N 31  
4IP H3   H N N 32  
4IP H4   H N N 33  
4IP H5   H N N 34  
4IP H6   H N N 35  
4IP HO6  H N N 36  
4IP HO2P H N N 37  
4IP HO3P H N N 38  
4IP HO5P H N N 39  
4IP HO6P H N N 40  
4IP HO7P H N N 41  
4IP HO8P H N N 42  
4IP HOP1 H N N 43  
4IP HOP3 H N N 44  
ALA N    N N N 45  
ALA CA   C N S 46  
ALA C    C N N 47  
ALA O    O N N 48  
ALA CB   C N N 49  
ALA OXT  O N N 50  
ALA H    H N N 51  
ALA H2   H N N 52  
ALA HA   H N N 53  
ALA HB1  H N N 54  
ALA HB2  H N N 55  
ALA HB3  H N N 56  
ALA HXT  H N N 57  
ARG N    N N N 58  
ARG CA   C N S 59  
ARG C    C N N 60  
ARG O    O N N 61  
ARG CB   C N N 62  
ARG CG   C N N 63  
ARG CD   C N N 64  
ARG NE   N N N 65  
ARG CZ   C N N 66  
ARG NH1  N N N 67  
ARG NH2  N N N 68  
ARG OXT  O N N 69  
ARG H    H N N 70  
ARG H2   H N N 71  
ARG HA   H N N 72  
ARG HB2  H N N 73  
ARG HB3  H N N 74  
ARG HG2  H N N 75  
ARG HG3  H N N 76  
ARG HD2  H N N 77  
ARG HD3  H N N 78  
ARG HE   H N N 79  
ARG HH11 H N N 80  
ARG HH12 H N N 81  
ARG HH21 H N N 82  
ARG HH22 H N N 83  
ARG HXT  H N N 84  
ASN N    N N N 85  
ASN CA   C N S 86  
ASN C    C N N 87  
ASN O    O N N 88  
ASN CB   C N N 89  
ASN CG   C N N 90  
ASN OD1  O N N 91  
ASN ND2  N N N 92  
ASN OXT  O N N 93  
ASN H    H N N 94  
ASN H2   H N N 95  
ASN HA   H N N 96  
ASN HB2  H N N 97  
ASN HB3  H N N 98  
ASN HD21 H N N 99  
ASN HD22 H N N 100 
ASN HXT  H N N 101 
ASP N    N N N 102 
ASP CA   C N S 103 
ASP C    C N N 104 
ASP O    O N N 105 
ASP CB   C N N 106 
ASP CG   C N N 107 
ASP OD1  O N N 108 
ASP OD2  O N N 109 
ASP OXT  O N N 110 
ASP H    H N N 111 
ASP H2   H N N 112 
ASP HA   H N N 113 
ASP HB2  H N N 114 
ASP HB3  H N N 115 
ASP HD2  H N N 116 
ASP HXT  H N N 117 
CYS N    N N N 118 
CYS CA   C N R 119 
CYS C    C N N 120 
CYS O    O N N 121 
CYS CB   C N N 122 
CYS SG   S N N 123 
CYS OXT  O N N 124 
CYS H    H N N 125 
CYS H2   H N N 126 
CYS HA   H N N 127 
CYS HB2  H N N 128 
CYS HB3  H N N 129 
CYS HG   H N N 130 
CYS HXT  H N N 131 
GLN N    N N N 132 
GLN CA   C N S 133 
GLN C    C N N 134 
GLN O    O N N 135 
GLN CB   C N N 136 
GLN CG   C N N 137 
GLN CD   C N N 138 
GLN OE1  O N N 139 
GLN NE2  N N N 140 
GLN OXT  O N N 141 
GLN H    H N N 142 
GLN H2   H N N 143 
GLN HA   H N N 144 
GLN HB2  H N N 145 
GLN HB3  H N N 146 
GLN HG2  H N N 147 
GLN HG3  H N N 148 
GLN HE21 H N N 149 
GLN HE22 H N N 150 
GLN HXT  H N N 151 
GLU N    N N N 152 
GLU CA   C N S 153 
GLU C    C N N 154 
GLU O    O N N 155 
GLU CB   C N N 156 
GLU CG   C N N 157 
GLU CD   C N N 158 
GLU OE1  O N N 159 
GLU OE2  O N N 160 
GLU OXT  O N N 161 
GLU H    H N N 162 
GLU H2   H N N 163 
GLU HA   H N N 164 
GLU HB2  H N N 165 
GLU HB3  H N N 166 
GLU HG2  H N N 167 
GLU HG3  H N N 168 
GLU HE2  H N N 169 
GLU HXT  H N N 170 
GLY N    N N N 171 
GLY CA   C N N 172 
GLY C    C N N 173 
GLY O    O N N 174 
GLY OXT  O N N 175 
GLY H    H N N 176 
GLY H2   H N N 177 
GLY HA2  H N N 178 
GLY HA3  H N N 179 
GLY HXT  H N N 180 
HIS N    N N N 181 
HIS CA   C N S 182 
HIS C    C N N 183 
HIS O    O N N 184 
HIS CB   C N N 185 
HIS CG   C Y N 186 
HIS ND1  N Y N 187 
HIS CD2  C Y N 188 
HIS CE1  C Y N 189 
HIS NE2  N Y N 190 
HIS OXT  O N N 191 
HIS H    H N N 192 
HIS H2   H N N 193 
HIS HA   H N N 194 
HIS HB2  H N N 195 
HIS HB3  H N N 196 
HIS HD1  H N N 197 
HIS HD2  H N N 198 
HIS HE1  H N N 199 
HIS HE2  H N N 200 
HIS HXT  H N N 201 
HOH O    O N N 202 
HOH H1   H N N 203 
HOH H2   H N N 204 
ILE N    N N N 205 
ILE CA   C N S 206 
ILE C    C N N 207 
ILE O    O N N 208 
ILE CB   C N S 209 
ILE CG1  C N N 210 
ILE CG2  C N N 211 
ILE CD1  C N N 212 
ILE OXT  O N N 213 
ILE H    H N N 214 
ILE H2   H N N 215 
ILE HA   H N N 216 
ILE HB   H N N 217 
ILE HG12 H N N 218 
ILE HG13 H N N 219 
ILE HG21 H N N 220 
ILE HG22 H N N 221 
ILE HG23 H N N 222 
ILE HD11 H N N 223 
ILE HD12 H N N 224 
ILE HD13 H N N 225 
ILE HXT  H N N 226 
LEU N    N N N 227 
LEU CA   C N S 228 
LEU C    C N N 229 
LEU O    O N N 230 
LEU CB   C N N 231 
LEU CG   C N N 232 
LEU CD1  C N N 233 
LEU CD2  C N N 234 
LEU OXT  O N N 235 
LEU H    H N N 236 
LEU H2   H N N 237 
LEU HA   H N N 238 
LEU HB2  H N N 239 
LEU HB3  H N N 240 
LEU HG   H N N 241 
LEU HD11 H N N 242 
LEU HD12 H N N 243 
LEU HD13 H N N 244 
LEU HD21 H N N 245 
LEU HD22 H N N 246 
LEU HD23 H N N 247 
LEU HXT  H N N 248 
LYS N    N N N 249 
LYS CA   C N S 250 
LYS C    C N N 251 
LYS O    O N N 252 
LYS CB   C N N 253 
LYS CG   C N N 254 
LYS CD   C N N 255 
LYS CE   C N N 256 
LYS NZ   N N N 257 
LYS OXT  O N N 258 
LYS H    H N N 259 
LYS H2   H N N 260 
LYS HA   H N N 261 
LYS HB2  H N N 262 
LYS HB3  H N N 263 
LYS HG2  H N N 264 
LYS HG3  H N N 265 
LYS HD2  H N N 266 
LYS HD3  H N N 267 
LYS HE2  H N N 268 
LYS HE3  H N N 269 
LYS HZ1  H N N 270 
LYS HZ2  H N N 271 
LYS HZ3  H N N 272 
LYS HXT  H N N 273 
MET N    N N N 274 
MET CA   C N S 275 
MET C    C N N 276 
MET O    O N N 277 
MET CB   C N N 278 
MET CG   C N N 279 
MET SD   S N N 280 
MET CE   C N N 281 
MET OXT  O N N 282 
MET H    H N N 283 
MET H2   H N N 284 
MET HA   H N N 285 
MET HB2  H N N 286 
MET HB3  H N N 287 
MET HG2  H N N 288 
MET HG3  H N N 289 
MET HE1  H N N 290 
MET HE2  H N N 291 
MET HE3  H N N 292 
MET HXT  H N N 293 
PHE N    N N N 294 
PHE CA   C N S 295 
PHE C    C N N 296 
PHE O    O N N 297 
PHE CB   C N N 298 
PHE CG   C Y N 299 
PHE CD1  C Y N 300 
PHE CD2  C Y N 301 
PHE CE1  C Y N 302 
PHE CE2  C Y N 303 
PHE CZ   C Y N 304 
PHE OXT  O N N 305 
PHE H    H N N 306 
PHE H2   H N N 307 
PHE HA   H N N 308 
PHE HB2  H N N 309 
PHE HB3  H N N 310 
PHE HD1  H N N 311 
PHE HD2  H N N 312 
PHE HE1  H N N 313 
PHE HE2  H N N 314 
PHE HZ   H N N 315 
PHE HXT  H N N 316 
PRO N    N N N 317 
PRO CA   C N S 318 
PRO C    C N N 319 
PRO O    O N N 320 
PRO CB   C N N 321 
PRO CG   C N N 322 
PRO CD   C N N 323 
PRO OXT  O N N 324 
PRO H    H N N 325 
PRO HA   H N N 326 
PRO HB2  H N N 327 
PRO HB3  H N N 328 
PRO HG2  H N N 329 
PRO HG3  H N N 330 
PRO HD2  H N N 331 
PRO HD3  H N N 332 
PRO HXT  H N N 333 
SER N    N N N 334 
SER CA   C N S 335 
SER C    C N N 336 
SER O    O N N 337 
SER CB   C N N 338 
SER OG   O N N 339 
SER OXT  O N N 340 
SER H    H N N 341 
SER H2   H N N 342 
SER HA   H N N 343 
SER HB2  H N N 344 
SER HB3  H N N 345 
SER HG   H N N 346 
SER HXT  H N N 347 
THR N    N N N 348 
THR CA   C N S 349 
THR C    C N N 350 
THR O    O N N 351 
THR CB   C N R 352 
THR OG1  O N N 353 
THR CG2  C N N 354 
THR OXT  O N N 355 
THR H    H N N 356 
THR H2   H N N 357 
THR HA   H N N 358 
THR HB   H N N 359 
THR HG1  H N N 360 
THR HG21 H N N 361 
THR HG22 H N N 362 
THR HG23 H N N 363 
THR HXT  H N N 364 
TRP N    N N N 365 
TRP CA   C N S 366 
TRP C    C N N 367 
TRP O    O N N 368 
TRP CB   C N N 369 
TRP CG   C Y N 370 
TRP CD1  C Y N 371 
TRP CD2  C Y N 372 
TRP NE1  N Y N 373 
TRP CE2  C Y N 374 
TRP CE3  C Y N 375 
TRP CZ2  C Y N 376 
TRP CZ3  C Y N 377 
TRP CH2  C Y N 378 
TRP OXT  O N N 379 
TRP H    H N N 380 
TRP H2   H N N 381 
TRP HA   H N N 382 
TRP HB2  H N N 383 
TRP HB3  H N N 384 
TRP HD1  H N N 385 
TRP HE1  H N N 386 
TRP HE3  H N N 387 
TRP HZ2  H N N 388 
TRP HZ3  H N N 389 
TRP HH2  H N N 390 
TRP HXT  H N N 391 
TYR N    N N N 392 
TYR CA   C N S 393 
TYR C    C N N 394 
TYR O    O N N 395 
TYR CB   C N N 396 
TYR CG   C Y N 397 
TYR CD1  C Y N 398 
TYR CD2  C Y N 399 
TYR CE1  C Y N 400 
TYR CE2  C Y N 401 
TYR CZ   C Y N 402 
TYR OH   O N N 403 
TYR OXT  O N N 404 
TYR H    H N N 405 
TYR H2   H N N 406 
TYR HA   H N N 407 
TYR HB2  H N N 408 
TYR HB3  H N N 409 
TYR HD1  H N N 410 
TYR HD2  H N N 411 
TYR HE1  H N N 412 
TYR HE2  H N N 413 
TYR HH   H N N 414 
TYR HXT  H N N 415 
VAL N    N N N 416 
VAL CA   C N S 417 
VAL C    C N N 418 
VAL O    O N N 419 
VAL CB   C N N 420 
VAL CG1  C N N 421 
VAL CG2  C N N 422 
VAL OXT  O N N 423 
VAL H    H N N 424 
VAL H2   H N N 425 
VAL HA   H N N 426 
VAL HB   H N N 427 
VAL HG11 H N N 428 
VAL HG12 H N N 429 
VAL HG13 H N N 430 
VAL HG21 H N N 431 
VAL HG22 H N N 432 
VAL HG23 H N N 433 
VAL HXT  H N N 434 
# 
loop_
_chem_comp_bond.comp_id 
_chem_comp_bond.atom_id_1 
_chem_comp_bond.atom_id_2 
_chem_comp_bond.value_order 
_chem_comp_bond.pdbx_aromatic_flag 
_chem_comp_bond.pdbx_stereo_config 
_chem_comp_bond.pdbx_ordinal 
4IP C1  O1   sing N N 1   
4IP C1  C2   sing N N 2   
4IP C1  C6   sing N N 3   
4IP C1  H1   sing N N 4   
4IP O1  P1   sing N N 5   
4IP C2  O2   sing N N 6   
4IP C2  C3   sing N N 7   
4IP C2  H2   sing N N 8   
4IP O2  HO2  sing N N 9   
4IP C3  O3   sing N N 10  
4IP C3  C4   sing N N 11  
4IP C3  H3   sing N N 12  
4IP O3  P3   sing N N 13  
4IP C4  O4   sing N N 14  
4IP C4  C5   sing N N 15  
4IP C4  H4   sing N N 16  
4IP O4  P4   sing N N 17  
4IP C5  O5   sing N N 18  
4IP C5  C6   sing N N 19  
4IP C5  H5   sing N N 20  
4IP O5  P5   sing N N 21  
4IP C6  O6   sing N N 22  
4IP C6  H6   sing N N 23  
4IP O6  HO6  sing N N 24  
4IP P1  O1P  doub N N 25  
4IP P1  O2P  sing N N 26  
4IP P1  O3P  sing N N 27  
4IP O2P HO2P sing N N 28  
4IP O3P HO3P sing N N 29  
4IP P3  O4P  doub N N 30  
4IP P3  O5P  sing N N 31  
4IP P3  O6P  sing N N 32  
4IP O5P HO5P sing N N 33  
4IP O6P HO6P sing N N 34  
4IP P4  O7P  sing N N 35  
4IP P4  O8P  sing N N 36  
4IP P4  O9P  doub N N 37  
4IP O7P HO7P sing N N 38  
4IP O8P HO8P sing N N 39  
4IP P5  OPF  sing N N 40  
4IP P5  OPG  doub N N 41  
4IP P5  OPH  sing N N 42  
4IP OPF HOP1 sing N N 43  
4IP OPH HOP3 sing N N 44  
ALA N   CA   sing N N 45  
ALA N   H    sing N N 46  
ALA N   H2   sing N N 47  
ALA CA  C    sing N N 48  
ALA CA  CB   sing N N 49  
ALA CA  HA   sing N N 50  
ALA C   O    doub N N 51  
ALA C   OXT  sing N N 52  
ALA CB  HB1  sing N N 53  
ALA CB  HB2  sing N N 54  
ALA CB  HB3  sing N N 55  
ALA OXT HXT  sing N N 56  
ARG N   CA   sing N N 57  
ARG N   H    sing N N 58  
ARG N   H2   sing N N 59  
ARG CA  C    sing N N 60  
ARG CA  CB   sing N N 61  
ARG CA  HA   sing N N 62  
ARG C   O    doub N N 63  
ARG C   OXT  sing N N 64  
ARG CB  CG   sing N N 65  
ARG CB  HB2  sing N N 66  
ARG CB  HB3  sing N N 67  
ARG CG  CD   sing N N 68  
ARG CG  HG2  sing N N 69  
ARG CG  HG3  sing N N 70  
ARG CD  NE   sing N N 71  
ARG CD  HD2  sing N N 72  
ARG CD  HD3  sing N N 73  
ARG NE  CZ   sing N N 74  
ARG NE  HE   sing N N 75  
ARG CZ  NH1  sing N N 76  
ARG CZ  NH2  doub N N 77  
ARG NH1 HH11 sing N N 78  
ARG NH1 HH12 sing N N 79  
ARG NH2 HH21 sing N N 80  
ARG NH2 HH22 sing N N 81  
ARG OXT HXT  sing N N 82  
ASN N   CA   sing N N 83  
ASN N   H    sing N N 84  
ASN N   H2   sing N N 85  
ASN CA  C    sing N N 86  
ASN CA  CB   sing N N 87  
ASN CA  HA   sing N N 88  
ASN C   O    doub N N 89  
ASN C   OXT  sing N N 90  
ASN CB  CG   sing N N 91  
ASN CB  HB2  sing N N 92  
ASN CB  HB3  sing N N 93  
ASN CG  OD1  doub N N 94  
ASN CG  ND2  sing N N 95  
ASN ND2 HD21 sing N N 96  
ASN ND2 HD22 sing N N 97  
ASN OXT HXT  sing N N 98  
ASP N   CA   sing N N 99  
ASP N   H    sing N N 100 
ASP N   H2   sing N N 101 
ASP CA  C    sing N N 102 
ASP CA  CB   sing N N 103 
ASP CA  HA   sing N N 104 
ASP C   O    doub N N 105 
ASP C   OXT  sing N N 106 
ASP CB  CG   sing N N 107 
ASP CB  HB2  sing N N 108 
ASP CB  HB3  sing N N 109 
ASP CG  OD1  doub N N 110 
ASP CG  OD2  sing N N 111 
ASP OD2 HD2  sing N N 112 
ASP OXT HXT  sing N N 113 
CYS N   CA   sing N N 114 
CYS N   H    sing N N 115 
CYS N   H2   sing N N 116 
CYS CA  C    sing N N 117 
CYS CA  CB   sing N N 118 
CYS CA  HA   sing N N 119 
CYS C   O    doub N N 120 
CYS C   OXT  sing N N 121 
CYS CB  SG   sing N N 122 
CYS CB  HB2  sing N N 123 
CYS CB  HB3  sing N N 124 
CYS SG  HG   sing N N 125 
CYS OXT HXT  sing N N 126 
GLN N   CA   sing N N 127 
GLN N   H    sing N N 128 
GLN N   H2   sing N N 129 
GLN CA  C    sing N N 130 
GLN CA  CB   sing N N 131 
GLN CA  HA   sing N N 132 
GLN C   O    doub N N 133 
GLN C   OXT  sing N N 134 
GLN CB  CG   sing N N 135 
GLN CB  HB2  sing N N 136 
GLN CB  HB3  sing N N 137 
GLN CG  CD   sing N N 138 
GLN CG  HG2  sing N N 139 
GLN CG  HG3  sing N N 140 
GLN CD  OE1  doub N N 141 
GLN CD  NE2  sing N N 142 
GLN NE2 HE21 sing N N 143 
GLN NE2 HE22 sing N N 144 
GLN OXT HXT  sing N N 145 
GLU N   CA   sing N N 146 
GLU N   H    sing N N 147 
GLU N   H2   sing N N 148 
GLU CA  C    sing N N 149 
GLU CA  CB   sing N N 150 
GLU CA  HA   sing N N 151 
GLU C   O    doub N N 152 
GLU C   OXT  sing N N 153 
GLU CB  CG   sing N N 154 
GLU CB  HB2  sing N N 155 
GLU CB  HB3  sing N N 156 
GLU CG  CD   sing N N 157 
GLU CG  HG2  sing N N 158 
GLU CG  HG3  sing N N 159 
GLU CD  OE1  doub N N 160 
GLU CD  OE2  sing N N 161 
GLU OE2 HE2  sing N N 162 
GLU OXT HXT  sing N N 163 
GLY N   CA   sing N N 164 
GLY N   H    sing N N 165 
GLY N   H2   sing N N 166 
GLY CA  C    sing N N 167 
GLY CA  HA2  sing N N 168 
GLY CA  HA3  sing N N 169 
GLY C   O    doub N N 170 
GLY C   OXT  sing N N 171 
GLY OXT HXT  sing N N 172 
HIS N   CA   sing N N 173 
HIS N   H    sing N N 174 
HIS N   H2   sing N N 175 
HIS CA  C    sing N N 176 
HIS CA  CB   sing N N 177 
HIS CA  HA   sing N N 178 
HIS C   O    doub N N 179 
HIS C   OXT  sing N N 180 
HIS CB  CG   sing N N 181 
HIS CB  HB2  sing N N 182 
HIS CB  HB3  sing N N 183 
HIS CG  ND1  sing Y N 184 
HIS CG  CD2  doub Y N 185 
HIS ND1 CE1  doub Y N 186 
HIS ND1 HD1  sing N N 187 
HIS CD2 NE2  sing Y N 188 
HIS CD2 HD2  sing N N 189 
HIS CE1 NE2  sing Y N 190 
HIS CE1 HE1  sing N N 191 
HIS NE2 HE2  sing N N 192 
HIS OXT HXT  sing N N 193 
HOH O   H1   sing N N 194 
HOH O   H2   sing N N 195 
ILE N   CA   sing N N 196 
ILE N   H    sing N N 197 
ILE N   H2   sing N N 198 
ILE CA  C    sing N N 199 
ILE CA  CB   sing N N 200 
ILE CA  HA   sing N N 201 
ILE C   O    doub N N 202 
ILE C   OXT  sing N N 203 
ILE CB  CG1  sing N N 204 
ILE CB  CG2  sing N N 205 
ILE CB  HB   sing N N 206 
ILE CG1 CD1  sing N N 207 
ILE CG1 HG12 sing N N 208 
ILE CG1 HG13 sing N N 209 
ILE CG2 HG21 sing N N 210 
ILE CG2 HG22 sing N N 211 
ILE CG2 HG23 sing N N 212 
ILE CD1 HD11 sing N N 213 
ILE CD1 HD12 sing N N 214 
ILE CD1 HD13 sing N N 215 
ILE OXT HXT  sing N N 216 
LEU N   CA   sing N N 217 
LEU N   H    sing N N 218 
LEU N   H2   sing N N 219 
LEU CA  C    sing N N 220 
LEU CA  CB   sing N N 221 
LEU CA  HA   sing N N 222 
LEU C   O    doub N N 223 
LEU C   OXT  sing N N 224 
LEU CB  CG   sing N N 225 
LEU CB  HB2  sing N N 226 
LEU CB  HB3  sing N N 227 
LEU CG  CD1  sing N N 228 
LEU CG  CD2  sing N N 229 
LEU CG  HG   sing N N 230 
LEU CD1 HD11 sing N N 231 
LEU CD1 HD12 sing N N 232 
LEU CD1 HD13 sing N N 233 
LEU CD2 HD21 sing N N 234 
LEU CD2 HD22 sing N N 235 
LEU CD2 HD23 sing N N 236 
LEU OXT HXT  sing N N 237 
LYS N   CA   sing N N 238 
LYS N   H    sing N N 239 
LYS N   H2   sing N N 240 
LYS CA  C    sing N N 241 
LYS CA  CB   sing N N 242 
LYS CA  HA   sing N N 243 
LYS C   O    doub N N 244 
LYS C   OXT  sing N N 245 
LYS CB  CG   sing N N 246 
LYS CB  HB2  sing N N 247 
LYS CB  HB3  sing N N 248 
LYS CG  CD   sing N N 249 
LYS CG  HG2  sing N N 250 
LYS CG  HG3  sing N N 251 
LYS CD  CE   sing N N 252 
LYS CD  HD2  sing N N 253 
LYS CD  HD3  sing N N 254 
LYS CE  NZ   sing N N 255 
LYS CE  HE2  sing N N 256 
LYS CE  HE3  sing N N 257 
LYS NZ  HZ1  sing N N 258 
LYS NZ  HZ2  sing N N 259 
LYS NZ  HZ3  sing N N 260 
LYS OXT HXT  sing N N 261 
MET N   CA   sing N N 262 
MET N   H    sing N N 263 
MET N   H2   sing N N 264 
MET CA  C    sing N N 265 
MET CA  CB   sing N N 266 
MET CA  HA   sing N N 267 
MET C   O    doub N N 268 
MET C   OXT  sing N N 269 
MET CB  CG   sing N N 270 
MET CB  HB2  sing N N 271 
MET CB  HB3  sing N N 272 
MET CG  SD   sing N N 273 
MET CG  HG2  sing N N 274 
MET CG  HG3  sing N N 275 
MET SD  CE   sing N N 276 
MET CE  HE1  sing N N 277 
MET CE  HE2  sing N N 278 
MET CE  HE3  sing N N 279 
MET OXT HXT  sing N N 280 
PHE N   CA   sing N N 281 
PHE N   H    sing N N 282 
PHE N   H2   sing N N 283 
PHE CA  C    sing N N 284 
PHE CA  CB   sing N N 285 
PHE CA  HA   sing N N 286 
PHE C   O    doub N N 287 
PHE C   OXT  sing N N 288 
PHE CB  CG   sing N N 289 
PHE CB  HB2  sing N N 290 
PHE CB  HB3  sing N N 291 
PHE CG  CD1  doub Y N 292 
PHE CG  CD2  sing Y N 293 
PHE CD1 CE1  sing Y N 294 
PHE CD1 HD1  sing N N 295 
PHE CD2 CE2  doub Y N 296 
PHE CD2 HD2  sing N N 297 
PHE CE1 CZ   doub Y N 298 
PHE CE1 HE1  sing N N 299 
PHE CE2 CZ   sing Y N 300 
PHE CE2 HE2  sing N N 301 
PHE CZ  HZ   sing N N 302 
PHE OXT HXT  sing N N 303 
PRO N   CA   sing N N 304 
PRO N   CD   sing N N 305 
PRO N   H    sing N N 306 
PRO CA  C    sing N N 307 
PRO CA  CB   sing N N 308 
PRO CA  HA   sing N N 309 
PRO C   O    doub N N 310 
PRO C   OXT  sing N N 311 
PRO CB  CG   sing N N 312 
PRO CB  HB2  sing N N 313 
PRO CB  HB3  sing N N 314 
PRO CG  CD   sing N N 315 
PRO CG  HG2  sing N N 316 
PRO CG  HG3  sing N N 317 
PRO CD  HD2  sing N N 318 
PRO CD  HD3  sing N N 319 
PRO OXT HXT  sing N N 320 
SER N   CA   sing N N 321 
SER N   H    sing N N 322 
SER N   H2   sing N N 323 
SER CA  C    sing N N 324 
SER CA  CB   sing N N 325 
SER CA  HA   sing N N 326 
SER C   O    doub N N 327 
SER C   OXT  sing N N 328 
SER CB  OG   sing N N 329 
SER CB  HB2  sing N N 330 
SER CB  HB3  sing N N 331 
SER OG  HG   sing N N 332 
SER OXT HXT  sing N N 333 
THR N   CA   sing N N 334 
THR N   H    sing N N 335 
THR N   H2   sing N N 336 
THR CA  C    sing N N 337 
THR CA  CB   sing N N 338 
THR CA  HA   sing N N 339 
THR C   O    doub N N 340 
THR C   OXT  sing N N 341 
THR CB  OG1  sing N N 342 
THR CB  CG2  sing N N 343 
THR CB  HB   sing N N 344 
THR OG1 HG1  sing N N 345 
THR CG2 HG21 sing N N 346 
THR CG2 HG22 sing N N 347 
THR CG2 HG23 sing N N 348 
THR OXT HXT  sing N N 349 
TRP N   CA   sing N N 350 
TRP N   H    sing N N 351 
TRP N   H2   sing N N 352 
TRP CA  C    sing N N 353 
TRP CA  CB   sing N N 354 
TRP CA  HA   sing N N 355 
TRP C   O    doub N N 356 
TRP C   OXT  sing N N 357 
TRP CB  CG   sing N N 358 
TRP CB  HB2  sing N N 359 
TRP CB  HB3  sing N N 360 
TRP CG  CD1  doub Y N 361 
TRP CG  CD2  sing Y N 362 
TRP CD1 NE1  sing Y N 363 
TRP CD1 HD1  sing N N 364 
TRP CD2 CE2  doub Y N 365 
TRP CD2 CE3  sing Y N 366 
TRP NE1 CE2  sing Y N 367 
TRP NE1 HE1  sing N N 368 
TRP CE2 CZ2  sing Y N 369 
TRP CE3 CZ3  doub Y N 370 
TRP CE3 HE3  sing N N 371 
TRP CZ2 CH2  doub Y N 372 
TRP CZ2 HZ2  sing N N 373 
TRP CZ3 CH2  sing Y N 374 
TRP CZ3 HZ3  sing N N 375 
TRP CH2 HH2  sing N N 376 
TRP OXT HXT  sing N N 377 
TYR N   CA   sing N N 378 
TYR N   H    sing N N 379 
TYR N   H2   sing N N 380 
TYR CA  C    sing N N 381 
TYR CA  CB   sing N N 382 
TYR CA  HA   sing N N 383 
TYR C   O    doub N N 384 
TYR C   OXT  sing N N 385 
TYR CB  CG   sing N N 386 
TYR CB  HB2  sing N N 387 
TYR CB  HB3  sing N N 388 
TYR CG  CD1  doub Y N 389 
TYR CG  CD2  sing Y N 390 
TYR CD1 CE1  sing Y N 391 
TYR CD1 HD1  sing N N 392 
TYR CD2 CE2  doub Y N 393 
TYR CD2 HD2  sing N N 394 
TYR CE1 CZ   doub Y N 395 
TYR CE1 HE1  sing N N 396 
TYR CE2 CZ   sing Y N 397 
TYR CE2 HE2  sing N N 398 
TYR CZ  OH   sing N N 399 
TYR OH  HH   sing N N 400 
TYR OXT HXT  sing N N 401 
VAL N   CA   sing N N 402 
VAL N   H    sing N N 403 
VAL N   H2   sing N N 404 
VAL CA  C    sing N N 405 
VAL CA  CB   sing N N 406 
VAL CA  HA   sing N N 407 
VAL C   O    doub N N 408 
VAL C   OXT  sing N N 409 
VAL CB  CG1  sing N N 410 
VAL CB  CG2  sing N N 411 
VAL CB  HB   sing N N 412 
VAL CG1 HG11 sing N N 413 
VAL CG1 HG12 sing N N 414 
VAL CG1 HG13 sing N N 415 
VAL CG2 HG21 sing N N 416 
VAL CG2 HG22 sing N N 417 
VAL CG2 HG23 sing N N 418 
VAL OXT HXT  sing N N 419 
# 
loop_
_pdbx_entity_nonpoly.entity_id 
_pdbx_entity_nonpoly.name 
_pdbx_entity_nonpoly.comp_id 
2 'INOSITOL-(1,3,4,5)-TETRAKISPHOSPHATE' 4IP 
3 water                                  HOH 
# 
_pdbx_initial_refinement_model.id               1 
_pdbx_initial_refinement_model.entity_id_list   ? 
_pdbx_initial_refinement_model.type             'experimental model' 
_pdbx_initial_refinement_model.source_name      PDB 
_pdbx_initial_refinement_model.accession_code   1UPQ 
_pdbx_initial_refinement_model.details          'PDB ENTRY 1UPQ' 
# 
